data_9AXA
#
_entry.id   9AXA
#
_cell.length_a   1.00
_cell.length_b   1.00
_cell.length_c   1.00
_cell.angle_alpha   90.00
_cell.angle_beta   90.00
_cell.angle_gamma   90.00
#
_symmetry.space_group_name_H-M   'P 1'
#
loop_
_entity.id
_entity.type
_entity.pdbx_description
1 polymer 'GST26/CRAF chimera'
2 polymer 'Dual specificity mitogen-activated protein kinase kinase 1'
3 polymer '14-3-3 protein sigma'
4 non-polymer "N-[3-fluoro-4-({7-[(3-fluoropyridin-2-yl)oxy]-4-methyl-2-oxo-2H-1-benzopyran-3-yl}methyl)pyridin-2-yl]-N'-methylsulfuric diamide"
#
loop_
_entity_poly.entity_id
_entity_poly.type
_entity_poly.pdbx_seq_one_letter_code
_entity_poly.pdbx_strand_id
1 'polypeptide(L)'
;MSPILGYWKIKGLVQPTRLLLEYLEEKYEEHLYERDEGDKWRNKKFELGLEFPNLPYYIDGDVKLTQSMAIIRYIADKHN
MLGGCPKERAEISMLEGAVLDIRYGVSRIAYSKDFETLKVDFLSKLPEMLKMFEDRLCHKTYLNGDHVTHPDFMLYDALD
VVLYMDPMCLDAFPKLVCFKKRIEAIPQIDKYLKSSKYIAWPLQGWQATFGGGDHPPKSDSQPKTPVPAQRERAPVSGTQ
EKNKIRPRGQRDSSDDWEIEASEVMLSTRIGSGSFGTVYKGKWHGDVAVKILKVVDPTPEQFQAFRNEVAVLRKTRHVNI
LLFMGYMTKDNLAIVTQWCEGSSLYKHLHVQETKFQMFQLIDIARQTAQGMDYLHAKNIIHRDMKSNNIFLHEGLTVKIG
DFGLATVKSRWSGSQQVEQPTGSVLWMAPEVIRMQDNNPFSFQSDVYSYGIVLYELMTGELPYSHINNRDQIIFMVGRGY
ASPDLSKLYKNCPKAMKRLVADCVKKVKEERPLFPQILSSIELLQHSLPKINRSA(SEP)EPSLHRAAHTEDINACTLTT
SPRLPVF
;
A,C
2 'polypeptide(L)'
;GMPKKKPTPIQLNPAPDGSAVNGTSSAETNLEALQKKLEELELDEQQRKRLEAFLTQKQKVGELKDDDFEKISELGAGNG
GVVFKVSHKPSGLVMARKLIHLEIKPAIRNQIIRELQVLHECNSPYIVGFYGAFYSDGEISICMEHMDGGSLDQVLKKAG
RIPEQILGKVSIAVIKGLTYLREKHKIMHRDVKPSNILVNSRGEIKLCDFGVSGQLIDAMANAFVGTRSYMSPERLQGTH
YSVQSDIWSMGLSLVEMAVGRYPIPPPDAKELELMFGCQVEGDAAETPPRPRTPGRPLSSYGMDSRPPMAIFELLDYIVN
EPPPKLPSGVFSLEFQDFVNKCLIKNPAERADLKQLMVHAFIKRSDAEEVDFAGWLCSTIGLNQPSTPTHAAGV
;
B,D
3 'polypeptide(L)'
;MERASLIQKAKLAEQAERYEDMAAFMKGAVEKGEELSCEERNLLSVAYKNVVGGQRAAWRVLSSIEQKSNEEGSEEKGPE
VREYREKVETELQGVCDTVLGLLDSHLIKEAGDAESRVFYLKMKGDYYRYLAEVATGDDKKRIIDSARSAYQEAMDISKK
EMPPTNPIRLGLALNFSVFHYEIANSPEEAISLAKTTFDEAMADLHTLSEDSYKDSTLIMQLLRDNLTLWTADNAGEEGG
EAPQEPQS
;
E,F
#
# COMPACT_ATOMS: atom_id res chain seq x y z
N TRP A 257 24.63 -10.11 -15.02
CA TRP A 257 23.83 -8.90 -14.87
C TRP A 257 24.17 -7.89 -15.96
N GLU A 258 24.77 -8.39 -17.03
CA GLU A 258 25.15 -7.54 -18.15
C GLU A 258 23.91 -7.12 -18.92
N ILE A 259 23.81 -5.82 -19.21
CA ILE A 259 22.65 -5.27 -19.91
C ILE A 259 23.15 -4.49 -21.12
N GLU A 260 22.45 -4.64 -22.24
CA GLU A 260 22.74 -3.89 -23.46
C GLU A 260 22.08 -2.52 -23.38
N ALA A 261 22.65 -1.57 -24.13
CA ALA A 261 22.29 -0.16 -23.95
C ALA A 261 20.95 0.18 -24.60
N SER A 262 20.61 -0.49 -25.71
CA SER A 262 19.51 -0.01 -26.54
C SER A 262 18.15 -0.26 -25.89
N GLU A 263 18.00 -1.37 -25.16
CA GLU A 263 16.69 -1.68 -24.57
C GLU A 263 16.35 -0.80 -23.39
N VAL A 264 17.30 -0.04 -22.85
CA VAL A 264 17.04 0.92 -21.78
C VAL A 264 17.11 2.32 -22.39
N MET A 265 16.01 3.05 -22.30
CA MET A 265 15.93 4.39 -22.83
C MET A 265 15.61 5.38 -21.73
N LEU A 266 16.13 6.60 -21.87
CA LEU A 266 15.82 7.67 -20.93
C LEU A 266 14.52 8.35 -21.34
N SER A 267 13.73 8.78 -20.35
CA SER A 267 12.49 9.49 -20.62
C SER A 267 12.55 10.92 -20.07
N THR A 268 12.83 11.08 -18.78
CA THR A 268 12.92 12.38 -18.15
C THR A 268 14.13 12.42 -17.24
N ARG A 269 14.62 13.64 -17.00
CA ARG A 269 15.79 13.86 -16.16
C ARG A 269 15.36 14.28 -14.76
N ILE A 270 16.08 13.78 -13.76
CA ILE A 270 15.86 14.18 -12.38
C ILE A 270 17.14 14.80 -11.82
N THR A 277 22.70 12.80 -14.06
CA THR A 277 22.60 12.38 -12.66
C THR A 277 21.61 11.24 -12.52
N VAL A 278 20.32 11.57 -12.46
CA VAL A 278 19.26 10.58 -12.29
C VAL A 278 18.34 10.66 -13.50
N TYR A 279 18.10 9.52 -14.15
CA TYR A 279 17.21 9.43 -15.29
C TYR A 279 16.06 8.49 -14.96
N LYS A 280 14.84 8.94 -15.23
CA LYS A 280 13.64 8.11 -15.12
C LYS A 280 13.53 7.30 -16.40
N GLY A 281 14.08 6.08 -16.38
CA GLY A 281 14.12 5.23 -17.54
C GLY A 281 13.02 4.17 -17.55
N LYS A 282 12.98 3.41 -18.63
CA LYS A 282 12.05 2.31 -18.78
C LYS A 282 12.82 1.05 -19.19
N TRP A 283 12.68 -0.01 -18.39
CA TRP A 283 13.24 -1.31 -18.75
C TRP A 283 12.41 -2.36 -17.99
N HIS A 284 11.50 -3.01 -18.72
CA HIS A 284 10.45 -3.85 -18.14
C HIS A 284 9.66 -3.08 -17.09
N GLY A 285 9.30 -1.86 -17.43
CA GLY A 285 8.68 -0.92 -16.51
C GLY A 285 9.64 0.19 -16.14
N ASP A 286 9.12 1.12 -15.34
CA ASP A 286 9.91 2.28 -14.93
C ASP A 286 11.04 1.89 -13.97
N VAL A 287 12.18 2.58 -14.10
CA VAL A 287 13.36 2.30 -13.31
C VAL A 287 14.00 3.62 -12.90
N ALA A 288 14.97 3.53 -12.00
CA ALA A 288 15.79 4.67 -11.61
C ALA A 288 17.21 4.43 -12.09
N VAL A 289 17.74 5.36 -12.87
CA VAL A 289 19.06 5.22 -13.49
C VAL A 289 19.99 6.25 -12.88
N LYS A 290 21.00 5.78 -12.15
CA LYS A 290 22.08 6.63 -11.66
C LYS A 290 23.23 6.55 -12.65
N ILE A 291 23.45 7.62 -13.39
CA ILE A 291 24.38 7.65 -14.52
C ILE A 291 25.52 8.60 -14.19
N LEU A 292 26.74 8.16 -14.46
CA LEU A 292 27.94 8.97 -14.27
C LEU A 292 28.35 9.55 -15.62
N LYS A 293 28.26 10.88 -15.75
CA LYS A 293 28.61 11.55 -16.99
C LYS A 293 30.03 12.06 -16.90
N VAL A 294 30.99 11.22 -17.31
CA VAL A 294 32.41 11.56 -17.32
C VAL A 294 32.92 11.36 -18.74
N VAL A 295 33.41 12.44 -19.35
CA VAL A 295 33.86 12.37 -20.73
C VAL A 295 35.18 11.59 -20.83
N ASP A 296 36.03 11.69 -19.80
CA ASP A 296 37.33 11.01 -19.77
C ASP A 296 37.39 10.16 -18.51
N PRO A 297 36.92 8.93 -18.57
CA PRO A 297 36.88 8.10 -17.35
C PRO A 297 38.27 7.65 -16.92
N THR A 298 38.58 7.88 -15.66
CA THR A 298 39.84 7.60 -14.97
C THR A 298 39.71 6.35 -14.11
N PRO A 299 40.80 5.58 -13.96
CA PRO A 299 40.68 4.21 -13.41
C PRO A 299 40.15 4.09 -11.98
N GLU A 300 40.34 5.09 -11.12
CA GLU A 300 39.77 4.97 -9.79
C GLU A 300 38.25 5.11 -9.81
N GLN A 301 37.70 5.79 -10.82
CA GLN A 301 36.26 5.76 -11.02
C GLN A 301 35.79 4.35 -11.39
N PHE A 302 36.56 3.64 -12.22
CA PHE A 302 36.27 2.24 -12.50
C PHE A 302 36.34 1.40 -11.23
N GLN A 303 37.32 1.70 -10.36
CA GLN A 303 37.45 0.97 -9.11
C GLN A 303 36.24 1.17 -8.21
N ALA A 304 35.82 2.44 -8.04
CA ALA A 304 34.66 2.73 -7.19
C ALA A 304 33.38 2.16 -7.79
N PHE A 305 33.27 2.18 -9.11
CA PHE A 305 32.16 1.54 -9.80
C PHE A 305 32.13 0.04 -9.53
N ARG A 306 33.30 -0.60 -9.56
CA ARG A 306 33.38 -2.03 -9.30
C ARG A 306 33.02 -2.35 -7.85
N ASN A 307 33.45 -1.51 -6.90
CA ASN A 307 33.05 -1.72 -5.52
C ASN A 307 31.55 -1.55 -5.32
N GLU A 308 30.97 -0.55 -5.98
CA GLU A 308 29.52 -0.35 -5.92
C GLU A 308 28.76 -1.56 -6.46
N VAL A 309 29.17 -2.06 -7.62
CA VAL A 309 28.52 -3.22 -8.22
C VAL A 309 28.70 -4.46 -7.34
N ALA A 310 29.91 -4.64 -6.82
CA ALA A 310 30.21 -5.82 -6.01
C ALA A 310 29.41 -5.82 -4.71
N VAL A 311 29.23 -4.67 -4.09
CA VAL A 311 28.46 -4.65 -2.85
C VAL A 311 26.96 -4.74 -3.16
N LEU A 312 26.51 -4.15 -4.27
CA LEU A 312 25.08 -4.14 -4.56
C LEU A 312 24.60 -5.51 -5.03
N ARG A 313 25.51 -6.33 -5.56
CA ARG A 313 25.15 -7.70 -5.91
C ARG A 313 24.82 -8.53 -4.68
N LYS A 314 25.39 -8.18 -3.52
CA LYS A 314 25.23 -8.95 -2.30
C LYS A 314 24.07 -8.48 -1.44
N THR A 315 23.30 -7.49 -1.90
CA THR A 315 22.23 -6.89 -1.11
C THR A 315 20.88 -7.44 -1.57
N ARG A 316 20.19 -8.15 -0.67
CA ARG A 316 18.89 -8.76 -0.97
C ARG A 316 18.03 -8.63 0.28
N HIS A 317 17.20 -7.58 0.33
CA HIS A 317 16.31 -7.38 1.47
C HIS A 317 15.15 -6.50 1.03
N VAL A 318 14.08 -6.50 1.84
CA VAL A 318 12.89 -5.73 1.50
C VAL A 318 13.07 -4.25 1.87
N ASN A 319 13.88 -3.95 2.88
CA ASN A 319 14.01 -2.59 3.39
C ASN A 319 15.07 -1.78 2.68
N ILE A 320 15.72 -2.35 1.67
CA ILE A 320 16.77 -1.69 0.92
C ILE A 320 16.26 -1.35 -0.47
N LEU A 321 16.98 -0.49 -1.17
CA LEU A 321 16.61 -0.16 -2.54
C LEU A 321 17.13 -1.24 -3.47
N LEU A 322 16.22 -1.90 -4.19
CA LEU A 322 16.59 -3.09 -4.94
C LEU A 322 17.25 -2.71 -6.26
N PHE A 323 18.23 -3.51 -6.66
CA PHE A 323 19.08 -3.26 -7.81
C PHE A 323 18.95 -4.41 -8.80
N MET A 324 18.99 -4.09 -10.10
CA MET A 324 18.92 -5.11 -11.14
C MET A 324 20.20 -5.22 -11.97
N GLY A 325 20.67 -4.12 -12.57
CA GLY A 325 21.78 -4.27 -13.48
C GLY A 325 22.54 -2.97 -13.71
N TYR A 326 23.65 -3.12 -14.43
CA TYR A 326 24.60 -2.04 -14.62
C TYR A 326 24.81 -1.77 -16.10
N MET A 327 25.32 -0.58 -16.40
CA MET A 327 25.62 -0.15 -17.75
C MET A 327 27.13 0.04 -17.88
N THR A 328 27.73 -0.60 -18.87
CA THR A 328 29.17 -0.51 -19.10
C THR A 328 29.54 0.32 -20.31
N LYS A 329 28.90 0.09 -21.45
CA LYS A 329 29.22 0.82 -22.67
C LYS A 329 28.66 2.25 -22.60
N ASP A 330 29.28 3.13 -23.36
CA ASP A 330 28.97 4.58 -23.45
C ASP A 330 29.11 5.17 -22.05
N ASN A 331 28.16 5.98 -21.60
CA ASN A 331 28.24 6.57 -20.27
C ASN A 331 27.99 5.51 -19.21
N LEU A 332 28.71 5.62 -18.10
CA LEU A 332 28.58 4.66 -17.01
C LEU A 332 27.30 4.93 -16.22
N ALA A 333 26.54 3.88 -15.93
CA ALA A 333 25.28 4.06 -15.26
C ALA A 333 24.95 2.87 -14.36
N ILE A 334 24.11 3.13 -13.38
CA ILE A 334 23.58 2.14 -12.46
C ILE A 334 22.06 2.20 -12.52
N VAL A 335 21.43 1.06 -12.82
CA VAL A 335 19.99 0.98 -12.97
C VAL A 335 19.41 0.26 -11.77
N THR A 336 18.54 0.95 -11.04
CA THR A 336 17.86 0.40 -9.88
C THR A 336 16.37 0.68 -10.01
N GLN A 337 15.60 0.11 -9.09
CA GLN A 337 14.14 0.24 -9.16
C GLN A 337 13.72 1.68 -8.89
N TRP A 338 12.55 2.04 -9.40
CA TRP A 338 12.01 3.37 -9.23
C TRP A 338 11.12 3.40 -8.00
N CYS A 339 11.55 4.14 -6.97
CA CYS A 339 10.75 4.32 -5.78
C CYS A 339 9.59 5.25 -6.05
N GLU A 340 8.45 4.96 -5.44
CA GLU A 340 7.28 5.83 -5.51
C GLU A 340 7.28 6.72 -4.27
N GLY A 341 7.14 8.03 -4.49
CA GLY A 341 7.15 9.01 -3.41
C GLY A 341 8.39 9.89 -3.51
N SER A 342 8.93 10.24 -2.34
CA SER A 342 10.13 11.08 -2.28
C SER A 342 10.90 10.73 -1.02
N SER A 343 12.08 11.32 -0.90
CA SER A 343 12.94 11.06 0.25
C SER A 343 12.36 11.70 1.51
N LEU A 344 12.90 11.28 2.66
CA LEU A 344 12.40 11.76 3.93
C LEU A 344 12.73 13.24 4.15
N TYR A 345 13.77 13.73 3.49
CA TYR A 345 14.16 15.14 3.62
C TYR A 345 13.08 16.05 3.07
N LYS A 346 12.50 15.70 1.92
CA LYS A 346 11.44 16.51 1.34
C LYS A 346 10.19 16.50 2.22
N HIS A 347 9.84 15.34 2.77
CA HIS A 347 8.66 15.25 3.62
C HIS A 347 8.85 16.02 4.92
N LEU A 348 10.05 15.95 5.49
CA LEU A 348 10.28 16.52 6.82
C LEU A 348 10.63 18.00 6.79
N HIS A 349 11.27 18.48 5.72
CA HIS A 349 11.81 19.83 5.71
C HIS A 349 11.26 20.70 4.60
N VAL A 350 10.61 20.10 3.58
CA VAL A 350 10.06 20.85 2.46
C VAL A 350 8.54 20.69 2.40
N GLN A 351 8.04 19.46 2.53
CA GLN A 351 6.60 19.24 2.49
C GLN A 351 5.95 19.44 3.86
N GLU A 352 6.70 19.20 4.94
CA GLU A 352 6.24 19.42 6.32
C GLU A 352 4.97 18.64 6.63
N THR A 353 4.88 17.41 6.13
CA THR A 353 3.70 16.59 6.36
C THR A 353 3.63 16.15 7.82
N LYS A 354 2.47 16.36 8.43
CA LYS A 354 2.28 16.09 9.85
C LYS A 354 2.12 14.59 10.04
N PHE A 355 3.24 13.91 10.19
CA PHE A 355 3.23 12.51 10.58
C PHE A 355 2.77 12.36 12.02
N GLN A 356 2.12 11.24 12.31
CA GLN A 356 1.82 10.90 13.68
C GLN A 356 2.91 9.99 14.25
N MET A 357 2.86 9.81 15.57
CA MET A 357 4.01 9.27 16.30
C MET A 357 4.22 7.78 16.05
N PHE A 358 3.16 7.01 15.80
CA PHE A 358 3.34 5.61 15.44
C PHE A 358 3.98 5.45 14.08
N GLN A 359 3.74 6.39 13.15
CA GLN A 359 4.45 6.38 11.87
C GLN A 359 5.95 6.57 12.08
N LEU A 360 6.32 7.47 13.00
CA LEU A 360 7.73 7.69 13.32
C LEU A 360 8.36 6.45 13.93
N ILE A 361 7.65 5.77 14.83
CA ILE A 361 8.18 4.56 15.44
C ILE A 361 8.32 3.45 14.40
N ASP A 362 7.34 3.31 13.51
CA ASP A 362 7.44 2.29 12.47
C ASP A 362 8.57 2.57 11.49
N ILE A 363 8.78 3.84 11.15
CA ILE A 363 9.89 4.22 10.27
C ILE A 363 11.22 3.89 10.93
N ALA A 364 11.35 4.21 12.23
CA ALA A 364 12.57 3.91 12.95
C ALA A 364 12.82 2.41 13.03
N ARG A 365 11.76 1.63 13.30
CA ARG A 365 11.91 0.18 13.37
C ARG A 365 12.32 -0.40 12.03
N GLN A 366 11.74 0.11 10.94
CA GLN A 366 12.04 -0.43 9.62
C GLN A 366 13.48 -0.10 9.21
N THR A 367 13.92 1.14 9.42
CA THR A 367 15.30 1.46 9.06
C THR A 367 16.29 0.78 9.99
N ALA A 368 15.89 0.52 11.24
CA ALA A 368 16.73 -0.25 12.16
C ALA A 368 16.88 -1.67 11.68
N GLN A 369 15.78 -2.28 11.22
CA GLN A 369 15.84 -3.64 10.67
C GLN A 369 16.73 -3.70 9.45
N GLY A 370 16.60 -2.71 8.56
CA GLY A 370 17.40 -2.67 7.35
C GLY A 370 18.89 -2.54 7.64
N MET A 371 19.25 -1.60 8.52
CA MET A 371 20.65 -1.44 8.89
C MET A 371 21.17 -2.63 9.70
N ASP A 372 20.30 -3.29 10.47
CA ASP A 372 20.75 -4.46 11.23
C ASP A 372 21.08 -5.62 10.31
N TYR A 373 20.24 -5.87 9.30
CA TYR A 373 20.59 -6.86 8.29
C TYR A 373 21.84 -6.46 7.52
N LEU A 374 21.96 -5.16 7.22
CA LEU A 374 23.06 -4.68 6.41
C LEU A 374 24.39 -4.81 7.17
N HIS A 375 24.35 -4.63 8.48
CA HIS A 375 25.52 -4.89 9.32
C HIS A 375 25.72 -6.37 9.58
N ALA A 376 24.65 -7.17 9.50
CA ALA A 376 24.82 -8.62 9.58
C ALA A 376 25.54 -9.15 8.35
N LYS A 377 25.46 -8.43 7.24
CA LYS A 377 26.29 -8.72 6.08
C LYS A 377 27.70 -8.14 6.25
N ASN A 378 27.94 -7.38 7.34
CA ASN A 378 29.20 -6.71 7.66
C ASN A 378 29.57 -5.70 6.59
N ILE A 379 28.69 -4.74 6.35
CA ILE A 379 28.90 -3.66 5.40
C ILE A 379 28.67 -2.34 6.13
N ILE A 380 29.53 -1.36 5.89
CA ILE A 380 29.39 -0.04 6.48
C ILE A 380 28.93 0.92 5.38
N HIS A 381 27.77 1.54 5.59
CA HIS A 381 27.21 2.40 4.55
C HIS A 381 27.89 3.76 4.53
N ARG A 382 28.33 4.24 5.70
CA ARG A 382 29.25 5.35 5.89
C ARG A 382 28.70 6.74 5.57
N ASP A 383 27.55 6.83 4.90
CA ASP A 383 27.04 8.16 4.55
C ASP A 383 25.53 8.27 4.63
N MET A 384 24.88 7.52 5.51
CA MET A 384 23.42 7.51 5.54
C MET A 384 22.89 8.81 6.14
N LYS A 385 21.83 9.33 5.54
CA LYS A 385 21.23 10.60 5.96
C LYS A 385 19.79 10.60 5.44
N SER A 386 19.10 11.74 5.60
CA SER A 386 17.69 11.78 5.26
C SER A 386 17.49 11.85 3.74
N ASN A 387 18.52 12.25 3.00
CA ASN A 387 18.41 12.24 1.54
C ASN A 387 18.54 10.85 0.95
N ASN A 388 18.99 9.86 1.72
CA ASN A 388 19.19 8.51 1.22
C ASN A 388 18.17 7.52 1.75
N ILE A 389 17.11 8.00 2.40
CA ILE A 389 16.01 7.15 2.87
C ILE A 389 14.76 7.54 2.10
N PHE A 390 14.18 6.57 1.40
CA PHE A 390 13.02 6.80 0.54
C PHE A 390 11.81 6.13 1.17
N LEU A 391 10.74 6.90 1.36
CA LEU A 391 9.47 6.38 1.88
C LEU A 391 8.64 5.87 0.70
N HIS A 392 8.74 4.58 0.42
CA HIS A 392 7.98 3.98 -0.66
C HIS A 392 6.52 3.82 -0.23
N GLU A 393 5.61 4.24 -1.13
CA GLU A 393 4.16 4.36 -0.92
C GLU A 393 3.77 4.98 0.42
N GLY A 394 4.63 5.80 1.02
CA GLY A 394 4.36 6.42 2.29
C GLY A 394 4.26 5.46 3.47
N LEU A 395 4.66 4.21 3.27
CA LEU A 395 4.51 3.19 4.30
C LEU A 395 5.81 2.42 4.56
N THR A 396 6.58 2.14 3.54
CA THR A 396 7.80 1.36 3.67
C THR A 396 9.02 2.21 3.33
N VAL A 397 10.13 1.93 4.00
CA VAL A 397 11.36 2.68 3.80
C VAL A 397 12.28 1.88 2.89
N LYS A 398 13.13 2.59 2.16
CA LYS A 398 14.14 1.99 1.29
C LYS A 398 15.45 2.73 1.50
N ILE A 399 16.55 1.98 1.49
CA ILE A 399 17.88 2.52 1.73
C ILE A 399 18.70 2.39 0.45
N GLY A 400 19.25 3.50 -0.01
CA GLY A 400 19.99 3.51 -1.26
C GLY A 400 21.26 4.35 -1.21
N ASP A 401 21.79 4.66 -2.40
CA ASP A 401 22.98 5.49 -2.60
C ASP A 401 24.18 4.88 -1.87
N PHE A 402 24.57 3.69 -2.34
CA PHE A 402 25.69 2.94 -1.77
C PHE A 402 27.02 3.28 -2.42
N GLY A 403 27.17 4.52 -2.91
CA GLY A 403 28.38 4.90 -3.62
C GLY A 403 29.61 5.00 -2.74
N LEU A 404 29.44 5.08 -1.43
CA LEU A 404 30.56 5.21 -0.50
C LEU A 404 30.65 4.04 0.47
N ALA A 405 29.87 2.99 0.27
CA ALA A 405 29.88 1.85 1.18
C ALA A 405 31.10 0.97 0.92
N THR A 406 31.38 0.10 1.88
CA THR A 406 32.52 -0.80 1.77
C THR A 406 32.28 -2.04 2.63
N VAL A 407 33.07 -3.08 2.35
CA VAL A 407 33.04 -4.32 3.11
C VAL A 407 34.31 -4.39 3.95
N LYS A 408 34.16 -4.78 5.21
CA LYS A 408 35.33 -4.91 6.09
C LYS A 408 36.22 -6.05 5.63
N SER A 409 37.52 -5.85 5.76
CA SER A 409 38.50 -6.85 5.35
C SER A 409 39.78 -6.73 6.17
N GLN A 415 45.07 0.31 4.74
CA GLN A 415 45.18 1.38 3.77
C GLN A 415 44.57 2.68 4.30
N GLN A 416 44.99 3.80 3.73
CA GLN A 416 44.46 5.10 4.15
C GLN A 416 43.05 5.29 3.61
N VAL A 417 42.17 5.81 4.46
CA VAL A 417 40.78 6.06 4.06
C VAL A 417 40.75 7.28 3.14
N GLU A 418 39.78 7.29 2.23
CA GLU A 418 39.52 8.46 1.42
C GLU A 418 38.79 9.52 2.23
N GLN A 419 38.99 10.78 1.87
CA GLN A 419 38.46 11.88 2.66
C GLN A 419 36.94 11.98 2.49
N PRO A 420 36.18 12.15 3.57
CA PRO A 420 34.72 12.25 3.44
C PRO A 420 34.30 13.51 2.71
N THR A 421 33.15 13.42 2.05
CA THR A 421 32.69 14.46 1.13
C THR A 421 31.25 14.90 1.40
N GLY A 422 30.44 14.07 2.08
CA GLY A 422 29.09 14.44 2.39
C GLY A 422 29.00 15.54 3.44
N SER A 423 27.75 15.88 3.78
CA SER A 423 27.50 16.93 4.76
C SER A 423 27.96 16.49 6.15
N VAL A 424 28.58 17.44 6.87
CA VAL A 424 29.26 17.12 8.12
C VAL A 424 28.33 16.85 9.29
N LEU A 425 27.03 17.02 9.11
CA LEU A 425 26.10 16.86 10.23
C LEU A 425 26.00 15.41 10.69
N TRP A 426 25.90 14.47 9.73
CA TRP A 426 25.64 13.08 10.08
C TRP A 426 26.89 12.26 10.37
N MET A 427 28.07 12.73 10.02
CA MET A 427 29.27 11.92 10.16
C MET A 427 29.85 12.04 11.56
N ALA A 428 30.63 11.02 11.94
CA ALA A 428 31.04 10.81 13.32
C ALA A 428 31.98 11.91 13.81
N PRO A 429 31.96 12.21 15.11
CA PRO A 429 32.98 13.13 15.65
C PRO A 429 34.39 12.61 15.50
N GLU A 430 34.57 11.29 15.47
CA GLU A 430 35.90 10.74 15.30
C GLU A 430 36.40 10.92 13.87
N VAL A 431 35.53 10.77 12.88
CA VAL A 431 35.96 11.00 11.52
C VAL A 431 36.06 12.49 11.23
N ILE A 432 35.35 13.33 11.98
CA ILE A 432 35.68 14.75 12.05
C ILE A 432 37.10 14.93 12.58
N ARG A 433 37.44 14.16 13.62
CA ARG A 433 38.77 14.32 14.26
C ARG A 433 39.84 13.64 13.39
N MET A 434 39.42 12.90 12.36
CA MET A 434 40.37 12.18 11.46
C MET A 434 41.68 11.86 12.22
N GLN A 435 41.62 11.00 13.23
CA GLN A 435 42.82 10.66 14.04
C GLN A 435 43.22 9.20 13.73
N ASP A 436 42.24 8.31 13.53
CA ASP A 436 42.51 6.93 13.19
C ASP A 436 42.69 6.81 11.68
N ASN A 437 43.38 5.75 11.26
CA ASN A 437 43.59 5.51 9.84
C ASN A 437 42.27 5.27 9.12
N ASN A 438 41.47 4.33 9.63
CA ASN A 438 40.15 4.01 9.08
C ASN A 438 39.15 4.12 10.22
N PRO A 439 38.61 5.32 10.48
CA PRO A 439 37.73 5.50 11.63
C PRO A 439 36.33 4.92 11.44
N PHE A 440 35.98 4.49 10.23
CA PHE A 440 34.65 3.95 9.99
C PHE A 440 34.47 2.61 10.68
N SER A 441 33.32 2.45 11.34
CA SER A 441 33.01 1.22 12.07
C SER A 441 31.50 1.13 12.21
N PHE A 442 31.05 0.21 13.07
CA PHE A 442 29.62 0.10 13.37
C PHE A 442 29.12 1.36 14.06
N GLN A 443 29.90 1.89 14.99
CA GLN A 443 29.40 2.94 15.88
C GLN A 443 29.24 4.27 15.15
N SER A 444 29.98 4.49 14.07
CA SER A 444 29.73 5.66 13.23
C SER A 444 28.35 5.59 12.60
N ASP A 445 27.97 4.40 12.10
CA ASP A 445 26.62 4.19 11.60
C ASP A 445 25.59 4.35 12.71
N VAL A 446 25.91 3.87 13.92
CA VAL A 446 25.00 4.02 15.05
C VAL A 446 24.77 5.50 15.37
N TYR A 447 25.83 6.30 15.32
CA TYR A 447 25.69 7.71 15.67
C TYR A 447 24.98 8.49 14.58
N SER A 448 25.21 8.14 13.31
CA SER A 448 24.44 8.74 12.22
C SER A 448 22.97 8.37 12.30
N TYR A 449 22.67 7.11 12.64
CA TYR A 449 21.31 6.68 12.93
C TYR A 449 20.72 7.46 14.10
N GLY A 450 21.53 7.76 15.11
CA GLY A 450 21.05 8.56 16.22
C GLY A 450 20.72 9.99 15.80
N ILE A 451 21.50 10.53 14.88
CA ILE A 451 21.18 11.86 14.32
C ILE A 451 19.87 11.79 13.55
N VAL A 452 19.64 10.69 12.83
CA VAL A 452 18.40 10.52 12.08
C VAL A 452 17.20 10.48 13.03
N LEU A 453 17.33 9.72 14.12
CA LEU A 453 16.26 9.67 15.12
C LEU A 453 16.12 10.98 15.87
N TYR A 454 17.18 11.78 15.95
CA TYR A 454 17.03 13.16 16.40
C TYR A 454 16.25 13.96 15.37
N GLU A 455 16.42 13.61 14.09
CA GLU A 455 15.85 14.42 13.03
C GLU A 455 14.34 14.26 12.92
N LEU A 456 13.86 13.01 12.82
CA LEU A 456 12.44 12.88 12.47
C LEU A 456 11.52 13.14 13.66
N MET A 457 11.98 12.89 14.88
CA MET A 457 11.10 13.00 16.04
C MET A 457 10.91 14.43 16.51
N THR A 458 11.66 15.39 15.99
CA THR A 458 11.35 16.80 16.22
C THR A 458 11.12 17.59 14.95
N GLY A 459 11.73 17.20 13.82
CA GLY A 459 11.44 17.81 12.54
C GLY A 459 12.35 18.92 12.09
N GLU A 460 13.41 19.24 12.84
CA GLU A 460 14.34 20.27 12.43
C GLU A 460 15.78 19.77 12.54
N LEU A 461 16.63 20.29 11.67
CA LEU A 461 18.02 19.89 11.60
C LEU A 461 18.77 20.38 12.84
N PRO A 462 19.79 19.64 13.28
CA PRO A 462 20.57 20.08 14.45
C PRO A 462 21.37 21.33 14.16
N TYR A 463 21.57 22.13 15.22
CA TYR A 463 22.38 23.35 15.21
C TYR A 463 21.88 24.35 14.17
N SER A 464 20.56 24.53 14.12
CA SER A 464 19.98 25.51 13.21
C SER A 464 20.29 26.94 13.63
N HIS A 465 20.64 27.16 14.89
CA HIS A 465 21.02 28.48 15.38
C HIS A 465 22.43 28.88 14.96
N ILE A 466 23.21 27.96 14.42
CA ILE A 466 24.56 28.24 13.94
C ILE A 466 24.58 28.04 12.44
N ASN A 467 25.13 29.02 11.72
CA ASN A 467 25.15 29.01 10.27
C ASN A 467 26.57 29.08 9.71
N ASN A 468 27.52 28.45 10.40
CA ASN A 468 28.89 28.37 9.93
C ASN A 468 29.33 26.92 9.94
N ARG A 469 29.80 26.44 8.78
CA ARG A 469 30.10 25.02 8.62
C ARG A 469 31.32 24.60 9.45
N ASP A 470 32.41 25.35 9.36
CA ASP A 470 33.62 24.96 10.06
C ASP A 470 33.55 25.23 11.55
N GLN A 471 32.67 26.15 11.96
CA GLN A 471 32.38 26.30 13.38
C GLN A 471 31.78 25.03 13.95
N ILE A 472 30.82 24.45 13.22
CA ILE A 472 30.24 23.17 13.60
C ILE A 472 31.30 22.08 13.59
N ILE A 473 32.17 22.08 12.57
CA ILE A 473 33.20 21.05 12.45
C ILE A 473 34.14 21.09 13.65
N PHE A 474 34.62 22.29 14.01
CA PHE A 474 35.54 22.41 15.14
C PHE A 474 34.84 22.10 16.46
N MET A 475 33.60 22.56 16.62
CA MET A 475 32.92 22.36 17.89
C MET A 475 32.59 20.90 18.13
N VAL A 476 32.30 20.15 17.06
CA VAL A 476 32.06 18.73 17.26
C VAL A 476 33.38 17.97 17.34
N GLY A 477 34.45 18.51 16.75
CA GLY A 477 35.74 17.87 16.85
C GLY A 477 36.33 17.95 18.25
N ARG A 478 36.21 19.11 18.90
CA ARG A 478 36.74 19.28 20.23
C ARG A 478 35.86 18.62 21.30
N GLY A 479 34.58 18.37 20.99
CA GLY A 479 33.69 17.74 21.93
C GLY A 479 32.72 18.66 22.64
N TYR A 480 32.73 19.96 22.31
CA TYR A 480 31.78 20.88 22.91
C TYR A 480 30.36 20.67 22.39
N ALA A 481 30.20 20.28 21.13
CA ALA A 481 28.88 20.16 20.52
C ALA A 481 28.14 18.95 21.07
N SER A 482 26.83 19.09 21.20
CA SER A 482 25.94 18.03 21.66
C SER A 482 24.53 18.33 21.19
N PRO A 483 23.85 17.38 20.54
CA PRO A 483 22.45 17.61 20.16
C PRO A 483 21.56 17.74 21.38
N ASP A 484 20.69 18.75 21.36
CA ASP A 484 19.86 19.08 22.51
C ASP A 484 18.53 18.36 22.42
N LEU A 485 18.25 17.53 23.42
CA LEU A 485 17.00 16.78 23.48
C LEU A 485 15.86 17.59 24.08
N SER A 486 16.07 18.89 24.29
CA SER A 486 15.04 19.74 24.88
C SER A 486 13.84 19.89 23.96
N LYS A 487 14.07 19.99 22.66
CA LYS A 487 13.01 20.25 21.71
C LYS A 487 12.21 19.01 21.33
N LEU A 488 12.47 17.88 21.97
CA LEU A 488 11.67 16.67 21.74
C LEU A 488 10.43 16.70 22.63
N TYR A 489 9.29 16.32 22.08
CA TYR A 489 8.04 16.35 22.83
C TYR A 489 8.01 15.26 23.89
N LYS A 490 7.19 15.47 24.91
CA LYS A 490 7.13 14.58 26.06
C LYS A 490 5.89 13.70 26.08
N ASN A 491 5.12 13.64 24.99
CA ASN A 491 3.85 12.92 25.02
C ASN A 491 4.06 11.41 25.05
N CYS A 492 4.90 10.88 24.17
CA CYS A 492 5.35 9.51 24.28
C CYS A 492 6.35 9.39 25.44
N PRO A 493 6.35 8.25 26.18
CA PRO A 493 7.18 8.16 27.39
C PRO A 493 8.69 8.23 27.16
N LYS A 494 9.41 8.14 28.28
CA LYS A 494 10.84 8.40 28.42
C LYS A 494 11.74 7.33 27.81
N ALA A 495 11.15 6.27 27.25
CA ALA A 495 11.92 5.24 26.58
C ALA A 495 12.67 5.82 25.39
N MET A 496 12.01 6.70 24.62
CA MET A 496 12.69 7.31 23.50
C MET A 496 13.80 8.22 24.01
N LYS A 497 13.60 8.81 25.18
CA LYS A 497 14.55 9.78 25.72
C LYS A 497 15.85 9.10 26.04
N ARG A 498 15.78 8.00 26.80
CA ARG A 498 17.00 7.26 27.11
C ARG A 498 17.58 6.58 25.86
N LEU A 499 16.74 6.18 24.91
CA LEU A 499 17.27 5.57 23.68
C LEU A 499 18.07 6.58 22.86
N VAL A 500 17.50 7.76 22.63
CA VAL A 500 18.18 8.76 21.80
C VAL A 500 19.36 9.35 22.56
N ALA A 501 19.33 9.35 23.89
CA ALA A 501 20.50 9.76 24.65
C ALA A 501 21.63 8.75 24.52
N ASP A 502 21.28 7.46 24.57
CA ASP A 502 22.32 6.42 24.54
C ASP A 502 22.93 6.28 23.16
N CYS A 503 22.14 6.43 22.10
CA CYS A 503 22.67 6.15 20.76
C CYS A 503 23.48 7.32 20.18
N VAL A 504 23.50 8.47 20.84
CA VAL A 504 24.21 9.63 20.33
C VAL A 504 25.50 9.88 21.12
N LYS A 505 25.88 8.94 21.99
CA LYS A 505 27.00 9.15 22.91
C LYS A 505 28.33 9.22 22.15
N LYS A 506 29.25 10.02 22.69
CA LYS A 506 30.47 10.36 21.95
C LYS A 506 31.44 9.20 21.91
N VAL A 507 31.61 8.48 23.02
CA VAL A 507 32.58 7.40 23.08
C VAL A 507 32.07 6.22 22.26
N LYS A 508 33.01 5.52 21.60
CA LYS A 508 32.66 4.42 20.71
C LYS A 508 32.00 3.27 21.47
N GLU A 509 32.58 2.88 22.61
CA GLU A 509 32.17 1.63 23.26
C GLU A 509 30.80 1.74 23.92
N GLU A 510 30.38 2.95 24.30
CA GLU A 510 29.10 3.10 24.98
C GLU A 510 27.92 3.17 24.02
N ARG A 511 28.17 3.28 22.72
CA ARG A 511 27.08 3.22 21.76
C ARG A 511 26.65 1.77 21.54
N PRO A 512 25.36 1.46 21.73
CA PRO A 512 24.94 0.05 21.73
C PRO A 512 24.89 -0.56 20.34
N LEU A 513 24.67 -1.88 20.28
CA LEU A 513 24.57 -2.59 19.01
C LEU A 513 23.11 -2.74 18.61
N PHE A 514 22.90 -3.05 17.34
CA PHE A 514 21.56 -2.97 16.77
C PHE A 514 20.55 -4.01 17.26
N PRO A 515 20.91 -5.26 17.61
CA PRO A 515 19.92 -6.10 18.29
C PRO A 515 19.36 -5.51 19.57
N GLN A 516 20.17 -4.80 20.35
CA GLN A 516 19.67 -4.15 21.55
C GLN A 516 18.69 -3.03 21.22
N ILE A 517 19.01 -2.21 20.21
CA ILE A 517 18.11 -1.09 19.88
C ILE A 517 16.82 -1.63 19.25
N LEU A 518 16.91 -2.74 18.50
CA LEU A 518 15.71 -3.41 18.01
C LEU A 518 14.85 -3.87 19.16
N SER A 519 15.46 -4.58 20.12
CA SER A 519 14.72 -5.14 21.25
C SER A 519 14.06 -4.03 22.07
N SER A 520 14.75 -2.92 22.26
CA SER A 520 14.15 -1.77 22.92
C SER A 520 12.97 -1.22 22.13
N ILE A 521 13.08 -1.24 20.79
CA ILE A 521 11.98 -0.73 19.96
C ILE A 521 10.73 -1.59 20.12
N GLU A 522 10.85 -2.92 20.02
CA GLU A 522 9.61 -3.68 20.21
C GLU A 522 9.16 -3.71 21.66
N LEU A 523 10.08 -3.55 22.63
CA LEU A 523 9.66 -3.48 24.02
C LEU A 523 8.83 -2.23 24.28
N LEU A 524 9.18 -1.11 23.64
CA LEU A 524 8.32 0.06 23.76
C LEU A 524 7.06 -0.05 22.90
N GLN A 525 7.09 -0.87 21.84
CA GLN A 525 5.89 -1.06 21.03
C GLN A 525 4.87 -1.98 21.67
N HIS A 526 5.29 -2.90 22.55
CA HIS A 526 4.33 -3.79 23.21
C HIS A 526 3.39 -3.06 24.16
N SER A 527 3.75 -1.87 24.62
CA SER A 527 2.99 -1.16 25.64
C SER A 527 2.62 0.24 25.16
N LEU A 528 2.07 0.33 23.96
CA LEU A 528 1.73 1.64 23.41
C LEU A 528 0.35 1.63 22.77
N PRO A 529 -0.59 2.43 23.29
CA PRO A 529 -1.98 2.37 22.81
C PRO A 529 -2.29 3.39 21.72
N LYS A 530 -3.25 3.07 20.85
CA LYS A 530 -3.58 3.90 19.70
C LYS A 530 -4.92 4.60 19.87
N ILE A 531 -5.45 4.64 21.09
CA ILE A 531 -6.79 5.13 21.34
C ILE A 531 -6.71 6.28 22.34
N ASN A 532 -7.49 7.34 22.07
CA ASN A 532 -7.53 8.50 22.95
C ASN A 532 -8.70 8.50 23.93
N ARG A 533 -9.62 7.54 23.83
CA ARG A 533 -10.83 7.57 24.64
C ARG A 533 -11.29 6.13 24.89
N SER A 534 -12.54 6.00 25.31
CA SER A 534 -13.15 4.71 25.60
C SER A 534 -14.14 4.37 24.50
N ALA A 535 -13.81 3.38 23.68
CA ALA A 535 -14.71 2.92 22.63
C ALA A 535 -15.52 1.73 23.13
N GLU A 537 -19.48 -0.52 21.87
CA GLU A 537 -20.15 -1.33 20.86
C GLU A 537 -20.08 -0.68 19.49
N PRO A 538 -19.44 -1.36 18.54
CA PRO A 538 -19.31 -0.80 17.19
C PRO A 538 -20.61 -0.97 16.40
N SER A 539 -21.18 0.15 15.96
CA SER A 539 -22.44 0.12 15.26
C SER A 539 -22.25 -0.38 13.83
N LEU A 540 -22.95 -1.45 13.48
CA LEU A 540 -22.87 -2.03 12.15
C LEU A 540 -23.96 -1.46 11.25
N ALA B 53 28.66 53.93 -17.33
CA ALA B 53 28.29 53.28 -18.58
C ALA B 53 27.68 51.90 -18.32
N PHE B 54 27.84 51.41 -17.08
CA PHE B 54 27.24 50.13 -16.72
C PHE B 54 25.74 50.26 -16.53
N LEU B 55 25.27 51.41 -16.07
CA LEU B 55 23.85 51.60 -15.83
C LEU B 55 23.09 51.81 -17.13
N THR B 56 23.70 52.47 -18.12
CA THR B 56 23.00 52.77 -19.35
C THR B 56 22.84 51.52 -20.23
N GLN B 57 23.74 50.54 -20.09
CA GLN B 57 23.53 49.28 -20.79
C GLN B 57 22.46 48.44 -20.10
N LYS B 58 22.33 48.61 -18.78
CA LYS B 58 21.28 47.93 -18.02
C LYS B 58 19.90 48.39 -18.47
N GLN B 59 19.76 49.66 -18.83
CA GLN B 59 18.46 50.18 -19.26
C GLN B 59 18.04 49.60 -20.60
N LYS B 60 19.00 49.19 -21.42
CA LYS B 60 18.70 48.55 -22.69
C LYS B 60 18.35 47.08 -22.55
N VAL B 61 18.50 46.51 -21.36
CA VAL B 61 18.22 45.10 -21.10
C VAL B 61 17.03 45.03 -20.15
N GLY B 62 15.90 44.51 -20.62
CA GLY B 62 14.70 44.49 -19.82
C GLY B 62 14.49 43.21 -19.03
N GLU B 63 13.32 42.59 -19.16
CA GLU B 63 13.03 41.36 -18.44
C GLU B 63 13.82 40.20 -19.02
N LEU B 64 14.31 39.33 -18.13
CA LEU B 64 15.27 38.29 -18.49
C LEU B 64 14.75 36.96 -17.97
N LYS B 65 14.43 36.05 -18.89
CA LYS B 65 13.89 34.74 -18.55
C LYS B 65 14.87 33.63 -18.89
N ASP B 66 14.42 32.40 -18.72
CA ASP B 66 15.32 31.27 -18.85
C ASP B 66 15.62 30.96 -20.32
N ASP B 67 14.63 31.13 -21.20
CA ASP B 67 14.75 30.60 -22.56
C ASP B 67 15.70 31.43 -23.42
N ASP B 68 15.73 32.75 -23.23
CA ASP B 68 16.44 33.59 -24.21
C ASP B 68 17.96 33.62 -24.01
N PHE B 69 18.50 33.13 -22.89
CA PHE B 69 19.93 32.88 -22.82
C PHE B 69 20.27 31.47 -23.29
N GLU B 70 21.48 31.34 -23.82
CA GLU B 70 22.03 30.09 -24.33
C GLU B 70 23.30 29.76 -23.58
N LYS B 71 23.50 28.48 -23.25
CA LYS B 71 24.68 28.06 -22.53
C LYS B 71 25.92 28.18 -23.40
N ILE B 72 26.97 28.79 -22.85
CA ILE B 72 28.20 29.01 -23.59
C ILE B 72 29.36 28.31 -22.88
N SER B 73 29.65 28.73 -21.66
CA SER B 73 30.76 28.17 -20.90
C SER B 73 30.54 28.36 -19.40
N GLY B 81 27.28 24.70 -6.06
CA GLY B 81 27.41 25.92 -6.83
C GLY B 81 28.23 25.75 -8.09
N VAL B 82 27.87 26.46 -9.15
CA VAL B 82 28.58 26.38 -10.42
C VAL B 82 28.39 27.70 -11.15
N VAL B 83 29.40 28.09 -11.93
CA VAL B 83 29.43 29.34 -12.65
C VAL B 83 29.56 29.05 -14.14
N PHE B 84 28.70 29.67 -14.95
CA PHE B 84 28.77 29.54 -16.40
C PHE B 84 28.63 30.93 -17.01
N LYS B 85 28.48 30.97 -18.33
CA LYS B 85 28.46 32.21 -19.09
C LYS B 85 27.31 32.21 -20.09
N VAL B 86 26.60 33.34 -20.17
CA VAL B 86 25.55 33.54 -21.16
C VAL B 86 25.91 34.74 -22.02
N SER B 87 25.03 35.01 -23.00
CA SER B 87 25.09 36.23 -23.79
C SER B 87 23.70 36.49 -24.32
N HIS B 88 23.25 37.74 -24.26
CA HIS B 88 21.95 38.12 -24.78
C HIS B 88 22.10 38.39 -26.28
N LYS B 89 21.34 37.64 -27.08
CA LYS B 89 21.48 37.70 -28.54
C LYS B 89 21.14 39.07 -29.15
N PRO B 90 20.04 39.75 -28.82
CA PRO B 90 19.80 41.06 -29.47
C PRO B 90 20.78 42.15 -29.03
N SER B 91 21.03 42.27 -27.73
CA SER B 91 21.91 43.33 -27.23
C SER B 91 23.38 43.08 -27.51
N GLY B 92 23.77 41.83 -27.73
CA GLY B 92 25.18 41.51 -27.97
C GLY B 92 26.06 41.76 -26.77
N LEU B 93 25.53 41.52 -25.57
CA LEU B 93 26.27 41.71 -24.33
C LEU B 93 26.57 40.34 -23.71
N VAL B 94 27.72 40.24 -23.05
CA VAL B 94 28.13 38.98 -22.44
C VAL B 94 27.91 39.08 -20.93
N MET B 95 27.07 38.19 -20.41
CA MET B 95 26.81 38.09 -18.98
C MET B 95 27.25 36.73 -18.46
N ALA B 96 26.94 36.47 -17.20
CA ALA B 96 27.18 35.18 -16.56
C ALA B 96 25.99 34.88 -15.66
N ARG B 97 25.94 33.65 -15.15
CA ARG B 97 24.94 33.33 -14.14
C ARG B 97 25.53 32.41 -13.08
N LYS B 98 24.98 32.51 -11.87
CA LYS B 98 25.42 31.75 -10.71
C LYS B 98 24.29 30.79 -10.33
N LEU B 99 24.60 29.50 -10.28
CA LEU B 99 23.61 28.46 -10.03
C LEU B 99 23.89 27.81 -8.68
N ILE B 100 22.97 28.00 -7.73
CA ILE B 100 23.09 27.43 -6.40
C ILE B 100 21.88 26.56 -6.13
N HIS B 101 22.12 25.29 -5.82
CA HIS B 101 21.04 24.32 -5.62
C HIS B 101 20.70 24.24 -4.14
N LEU B 102 19.42 24.37 -3.82
CA LEU B 102 18.92 24.21 -2.46
C LEU B 102 17.73 23.27 -2.44
N GLU B 103 17.40 22.79 -1.25
CA GLU B 103 16.20 22.00 -0.99
C GLU B 103 15.49 22.65 0.20
N ILE B 104 14.66 23.64 -0.08
CA ILE B 104 14.06 24.47 0.95
C ILE B 104 12.60 24.75 0.59
N LYS B 105 11.85 25.25 1.57
CA LYS B 105 10.44 25.52 1.38
C LYS B 105 10.23 26.70 0.42
N PRO B 106 9.13 26.69 -0.33
CA PRO B 106 8.86 27.80 -1.25
C PRO B 106 8.67 29.15 -0.58
N ALA B 107 8.10 29.19 0.62
CA ALA B 107 8.00 30.46 1.35
C ALA B 107 9.38 30.99 1.71
N ILE B 108 10.29 30.09 2.12
CA ILE B 108 11.67 30.48 2.36
C ILE B 108 12.33 30.94 1.07
N ARG B 109 11.98 30.31 -0.05
CA ARG B 109 12.50 30.73 -1.36
C ARG B 109 12.06 32.14 -1.70
N ASN B 110 10.80 32.47 -1.42
CA ASN B 110 10.30 33.83 -1.66
C ASN B 110 10.98 34.83 -0.74
N GLN B 111 11.23 34.42 0.50
CA GLN B 111 12.01 35.26 1.41
C GLN B 111 13.41 35.51 0.87
N ILE B 112 14.03 34.47 0.29
CA ILE B 112 15.36 34.58 -0.28
C ILE B 112 15.36 35.56 -1.45
N ILE B 113 14.37 35.45 -2.34
CA ILE B 113 14.35 36.31 -3.52
C ILE B 113 14.08 37.76 -3.14
N ARG B 114 13.22 37.98 -2.13
CA ARG B 114 12.94 39.34 -1.69
C ARG B 114 14.13 39.92 -0.94
N GLU B 115 14.93 39.08 -0.28
CA GLU B 115 16.13 39.57 0.38
C GLU B 115 17.23 39.89 -0.63
N LEU B 116 17.32 39.13 -1.72
CA LEU B 116 18.38 39.37 -2.68
C LEU B 116 18.01 40.45 -3.70
N GLN B 117 16.74 40.89 -3.75
CA GLN B 117 16.41 42.02 -4.60
C GLN B 117 17.10 43.33 -4.18
N VAL B 118 17.64 43.38 -2.96
CA VAL B 118 18.29 44.58 -2.45
C VAL B 118 19.60 44.88 -3.19
N LEU B 119 20.17 43.89 -3.87
CA LEU B 119 21.49 44.04 -4.49
C LEU B 119 21.50 45.02 -5.66
N HIS B 120 20.33 45.46 -6.14
CA HIS B 120 20.29 46.47 -7.19
C HIS B 120 20.89 47.80 -6.72
N GLU B 121 20.72 48.15 -5.45
CA GLU B 121 21.24 49.39 -4.92
C GLU B 121 22.75 49.36 -4.70
N CYS B 122 23.38 48.20 -4.78
CA CYS B 122 24.82 48.07 -4.54
C CYS B 122 25.54 48.43 -5.83
N ASN B 123 25.93 49.70 -5.96
CA ASN B 123 26.63 50.20 -7.13
C ASN B 123 27.92 50.88 -6.69
N SER B 124 29.05 50.40 -7.22
CA SER B 124 30.36 50.92 -6.84
C SER B 124 31.41 50.54 -7.89
N PRO B 125 32.46 51.35 -8.05
CA PRO B 125 33.60 50.91 -8.87
C PRO B 125 34.41 49.79 -8.24
N TYR B 126 34.19 49.49 -6.96
CA TYR B 126 34.88 48.41 -6.27
C TYR B 126 33.96 47.24 -5.94
N ILE B 127 32.72 47.26 -6.41
CA ILE B 127 31.77 46.16 -6.24
C ILE B 127 31.25 45.78 -7.62
N VAL B 128 31.19 44.48 -7.90
CA VAL B 128 30.72 44.00 -9.19
C VAL B 128 29.26 44.38 -9.40
N GLY B 129 28.86 44.44 -10.67
CA GLY B 129 27.50 44.80 -10.99
C GLY B 129 26.50 43.69 -10.72
N PHE B 130 25.25 44.10 -10.50
CA PHE B 130 24.15 43.18 -10.24
C PHE B 130 23.12 43.33 -11.34
N TYR B 131 22.67 42.20 -11.88
CA TYR B 131 21.67 42.17 -12.94
C TYR B 131 20.29 41.76 -12.43
N GLY B 132 20.21 40.62 -11.77
CA GLY B 132 18.92 40.12 -11.31
C GLY B 132 19.04 38.64 -11.00
N ALA B 133 17.91 38.07 -10.59
CA ALA B 133 17.86 36.64 -10.33
C ALA B 133 16.42 36.15 -10.46
N PHE B 134 16.29 34.88 -10.83
CA PHE B 134 14.99 34.24 -10.98
C PHE B 134 15.12 32.76 -10.66
N TYR B 135 14.01 32.16 -10.24
CA TYR B 135 13.97 30.77 -9.85
C TYR B 135 13.43 29.93 -11.01
N SER B 136 14.20 28.95 -11.45
CA SER B 136 13.79 28.12 -12.56
C SER B 136 14.47 26.76 -12.48
N ASP B 137 13.73 25.73 -12.88
CA ASP B 137 14.21 24.35 -12.95
C ASP B 137 14.69 23.84 -11.59
N GLY B 138 13.98 24.23 -10.53
CA GLY B 138 14.33 23.77 -9.20
C GLY B 138 15.61 24.38 -8.65
N GLU B 139 16.00 25.54 -9.14
CA GLU B 139 17.27 26.14 -8.75
C GLU B 139 17.18 27.65 -8.94
N ILE B 140 18.02 28.38 -8.21
CA ILE B 140 18.09 29.84 -8.35
C ILE B 140 19.24 30.19 -9.29
N SER B 141 18.94 31.07 -10.24
CA SER B 141 19.92 31.56 -11.20
C SER B 141 20.09 33.05 -11.03
N ILE B 142 21.28 33.48 -10.62
CA ILE B 142 21.57 34.88 -10.36
C ILE B 142 22.27 35.44 -11.59
N CYS B 143 21.58 36.34 -12.30
CA CYS B 143 22.16 36.93 -13.50
C CYS B 143 23.33 37.82 -13.12
N MET B 144 24.46 37.64 -13.80
CA MET B 144 25.74 38.17 -13.36
C MET B 144 26.46 38.82 -14.53
N GLU B 145 27.08 39.98 -14.28
CA GLU B 145 27.93 40.58 -15.28
C GLU B 145 29.18 39.75 -15.48
N HIS B 146 29.59 39.57 -16.74
CA HIS B 146 30.73 38.72 -17.03
C HIS B 146 32.03 39.47 -16.75
N MET B 147 32.98 38.76 -16.14
CA MET B 147 34.31 39.30 -15.88
C MET B 147 35.29 38.51 -16.76
N ASP B 148 35.89 39.21 -17.72
CA ASP B 148 36.71 38.53 -18.73
C ASP B 148 37.99 37.96 -18.13
N GLY B 149 38.61 38.68 -17.21
CA GLY B 149 39.90 38.24 -16.67
C GLY B 149 39.81 37.04 -15.75
N GLY B 150 38.64 36.79 -15.17
CA GLY B 150 38.48 35.67 -14.27
C GLY B 150 38.99 35.97 -12.88
N SER B 151 38.80 34.99 -11.99
CA SER B 151 39.22 35.15 -10.61
C SER B 151 40.75 35.00 -10.50
N LEU B 152 41.27 35.32 -9.33
CA LEU B 152 42.71 35.40 -9.14
C LEU B 152 43.38 34.06 -8.86
N ASP B 153 42.62 33.00 -8.58
CA ASP B 153 43.24 31.69 -8.47
C ASP B 153 43.68 31.17 -9.84
N GLN B 154 42.89 31.45 -10.88
CA GLN B 154 43.31 31.10 -12.22
C GLN B 154 44.52 31.91 -12.66
N VAL B 155 44.57 33.19 -12.24
CA VAL B 155 45.74 34.02 -12.52
C VAL B 155 46.95 33.47 -11.77
N LEU B 156 46.74 32.98 -10.55
CA LEU B 156 47.83 32.37 -9.78
C LEU B 156 48.34 31.12 -10.45
N LYS B 157 47.43 30.29 -10.96
CA LYS B 157 47.86 29.08 -11.67
C LYS B 157 48.52 29.42 -13.00
N LYS B 158 48.15 30.56 -13.60
CA LYS B 158 48.78 30.97 -14.85
C LYS B 158 50.19 31.51 -14.62
N ALA B 159 50.39 32.31 -13.58
CA ALA B 159 51.65 33.01 -13.38
C ALA B 159 52.51 32.44 -12.28
N GLY B 160 51.93 32.14 -11.12
CA GLY B 160 52.68 31.60 -9.99
C GLY B 160 52.95 32.57 -8.86
N ARG B 161 53.30 33.82 -9.19
CA ARG B 161 53.58 34.84 -8.18
C ARG B 161 53.11 36.18 -8.70
N ILE B 162 52.85 37.09 -7.77
CA ILE B 162 52.26 38.39 -8.07
C ILE B 162 53.23 39.49 -7.66
N PRO B 163 53.44 40.51 -8.49
CA PRO B 163 54.31 41.63 -8.09
C PRO B 163 53.73 42.41 -6.93
N GLU B 164 54.64 43.02 -6.15
CA GLU B 164 54.26 43.70 -4.91
C GLU B 164 53.38 44.92 -5.16
N GLN B 165 53.63 45.62 -6.26
CA GLN B 165 52.80 46.78 -6.61
C GLN B 165 51.37 46.36 -6.92
N ILE B 166 51.21 45.21 -7.58
CA ILE B 166 49.88 44.66 -7.81
C ILE B 166 49.20 44.32 -6.49
N LEU B 167 49.97 43.80 -5.53
CA LEU B 167 49.45 43.51 -4.20
C LEU B 167 48.96 44.79 -3.52
N GLY B 168 49.73 45.87 -3.64
CA GLY B 168 49.31 47.14 -3.07
C GLY B 168 48.06 47.69 -3.71
N LYS B 169 47.96 47.58 -5.04
CA LYS B 169 46.78 48.07 -5.74
C LYS B 169 45.53 47.29 -5.35
N VAL B 170 45.64 45.96 -5.28
CA VAL B 170 44.46 45.17 -4.92
C VAL B 170 44.12 45.34 -3.44
N SER B 171 45.13 45.62 -2.59
CA SER B 171 44.86 45.91 -1.20
C SER B 171 44.10 47.23 -1.05
N ILE B 172 44.49 48.24 -1.84
CA ILE B 172 43.77 49.50 -1.87
C ILE B 172 42.33 49.29 -2.33
N ALA B 173 42.16 48.46 -3.36
CA ALA B 173 40.83 48.19 -3.90
C ALA B 173 39.93 47.48 -2.88
N VAL B 174 40.46 46.47 -2.20
CA VAL B 174 39.64 45.73 -1.25
C VAL B 174 39.35 46.56 -0.01
N ILE B 175 40.30 47.42 0.39
CA ILE B 175 40.05 48.33 1.50
C ILE B 175 38.94 49.32 1.15
N LYS B 176 38.99 49.85 -0.07
CA LYS B 176 37.95 50.78 -0.52
C LYS B 176 36.60 50.08 -0.61
N GLY B 177 36.57 48.83 -1.06
CA GLY B 177 35.32 48.09 -1.11
C GLY B 177 34.74 47.83 0.26
N LEU B 178 35.59 47.45 1.23
CA LEU B 178 35.12 47.22 2.59
C LEU B 178 34.59 48.50 3.21
N THR B 179 35.29 49.62 3.00
CA THR B 179 34.82 50.90 3.53
C THR B 179 33.50 51.32 2.89
N TYR B 180 33.35 51.07 1.58
CA TYR B 180 32.09 51.37 0.90
C TYR B 180 30.95 50.53 1.46
N LEU B 181 31.21 49.24 1.70
CA LEU B 181 30.17 48.35 2.23
C LEU B 181 29.78 48.75 3.64
N ARG B 182 30.76 49.21 4.43
CA ARG B 182 30.43 49.64 5.79
C ARG B 182 29.77 51.02 5.82
N GLU B 183 30.07 51.89 4.84
CA GLU B 183 29.51 53.22 4.87
C GLU B 183 28.15 53.31 4.20
N LYS B 184 27.79 52.35 3.34
CA LYS B 184 26.51 52.39 2.67
C LYS B 184 25.54 51.32 3.16
N HIS B 185 25.97 50.06 3.20
CA HIS B 185 25.12 48.97 3.64
C HIS B 185 25.47 48.44 5.02
N LYS B 186 26.53 48.98 5.66
CA LYS B 186 26.99 48.69 7.03
C LYS B 186 27.11 47.19 7.35
N ILE B 187 27.30 46.36 6.33
CA ILE B 187 27.39 44.92 6.51
C ILE B 187 28.83 44.47 6.20
N MET B 188 29.08 43.18 6.40
CA MET B 188 30.40 42.60 6.23
C MET B 188 30.39 41.54 5.13
N HIS B 189 31.56 41.34 4.52
CA HIS B 189 31.65 40.50 3.33
C HIS B 189 31.57 39.02 3.68
N ARG B 190 32.24 38.61 4.75
CA ARG B 190 32.18 37.29 5.40
C ARG B 190 32.84 36.17 4.58
N ASP B 191 33.19 36.42 3.32
CA ASP B 191 33.89 35.44 2.50
C ASP B 191 34.93 36.09 1.60
N VAL B 192 35.75 36.98 2.15
CA VAL B 192 36.86 37.54 1.37
C VAL B 192 37.89 36.45 1.10
N LYS B 193 38.21 36.26 -0.18
CA LYS B 193 39.06 35.17 -0.64
C LYS B 193 39.47 35.48 -2.08
N PRO B 194 40.57 34.88 -2.56
CA PRO B 194 41.00 35.15 -3.95
C PRO B 194 39.99 34.73 -5.01
N SER B 195 39.09 33.78 -4.71
CA SER B 195 38.05 33.44 -5.66
C SER B 195 36.97 34.50 -5.74
N ASN B 196 36.89 35.37 -4.74
CA ASN B 196 35.93 36.47 -4.74
C ASN B 196 36.56 37.77 -5.20
N ILE B 197 37.77 37.74 -5.72
CA ILE B 197 38.45 38.90 -6.28
C ILE B 197 38.46 38.74 -7.80
N LEU B 198 37.92 39.72 -8.51
CA LEU B 198 37.76 39.65 -9.95
C LEU B 198 38.45 40.83 -10.60
N VAL B 199 39.12 40.58 -11.72
CA VAL B 199 39.86 41.60 -12.45
C VAL B 199 39.48 41.52 -13.93
N ASN B 200 39.59 42.65 -14.60
CA ASN B 200 39.27 42.76 -16.02
C ASN B 200 40.50 43.24 -16.80
N SER B 201 40.37 43.21 -18.13
CA SER B 201 41.37 43.83 -19.00
C SER B 201 41.33 45.35 -18.93
N ARG B 202 40.30 45.93 -18.32
CA ARG B 202 40.23 47.37 -18.10
C ARG B 202 40.97 47.81 -16.85
N GLY B 203 41.42 46.87 -16.02
CA GLY B 203 42.17 47.20 -14.83
C GLY B 203 41.37 47.50 -13.59
N GLU B 204 40.11 47.08 -13.53
CA GLU B 204 39.26 47.33 -12.38
C GLU B 204 39.24 46.11 -11.46
N ILE B 205 39.24 46.35 -10.16
CA ILE B 205 39.25 45.30 -9.15
C ILE B 205 38.02 45.48 -8.27
N LYS B 206 37.16 44.47 -8.22
CA LYS B 206 35.89 44.56 -7.50
C LYS B 206 35.67 43.31 -6.66
N LEU B 207 34.88 43.46 -5.60
CA LEU B 207 34.51 42.38 -4.70
C LEU B 207 33.22 41.72 -5.16
N CYS B 208 33.02 40.48 -4.70
CA CYS B 208 31.82 39.73 -5.01
C CYS B 208 31.61 38.67 -3.94
N ASP B 209 30.43 38.03 -3.99
CA ASP B 209 30.08 36.88 -3.15
C ASP B 209 30.16 37.21 -1.66
N PHE B 210 29.28 38.12 -1.23
CA PHE B 210 29.17 38.48 0.17
C PHE B 210 27.78 38.13 0.69
N GLY B 211 27.66 38.12 2.02
CA GLY B 211 26.41 37.72 2.66
C GLY B 211 25.36 38.80 2.71
N VAL B 212 24.72 39.09 1.58
CA VAL B 212 23.68 40.10 1.55
C VAL B 212 22.41 39.60 2.22
N SER B 213 22.18 38.29 2.22
CA SER B 213 20.97 37.69 2.78
C SER B 213 21.38 36.67 3.83
N GLY B 214 21.05 36.97 5.10
CA GLY B 214 21.39 36.06 6.18
C GLY B 214 20.65 34.74 6.09
N GLN B 215 19.42 34.77 5.59
CA GLN B 215 18.68 33.53 5.37
C GLN B 215 19.34 32.69 4.29
N LEU B 216 19.92 33.33 3.29
CA LEU B 216 20.65 32.58 2.27
C LEU B 216 21.95 32.03 2.85
N ILE B 217 22.54 32.72 3.82
CA ILE B 217 23.69 32.17 4.54
C ILE B 217 23.30 30.92 5.31
N ASP B 218 22.15 30.98 6.00
CA ASP B 218 21.65 29.80 6.71
C ASP B 218 21.34 28.67 5.76
N ALA B 219 20.86 29.00 4.56
CA ALA B 219 20.55 27.96 3.58
C ALA B 219 21.81 27.31 3.02
N MET B 220 22.80 28.12 2.63
CA MET B 220 23.94 27.57 1.90
C MET B 220 24.97 26.98 2.87
N ALA B 221 24.82 27.27 4.17
CA ALA B 221 25.75 26.75 5.18
C ALA B 221 25.80 25.23 5.24
N ASN B 222 24.77 24.54 4.74
CA ASN B 222 24.78 23.09 4.60
C ASN B 222 25.05 22.74 3.13
N ALA B 223 26.32 22.78 2.74
CA ALA B 223 26.69 22.47 1.36
C ALA B 223 28.14 22.01 1.20
N PHE B 224 28.98 22.89 0.70
CA PHE B 224 30.33 22.52 0.29
C PHE B 224 31.22 22.27 1.50
N VAL B 225 32.15 21.31 1.36
CA VAL B 225 33.00 20.89 2.45
C VAL B 225 33.97 21.98 2.86
N GLY B 226 34.85 22.38 1.94
CA GLY B 226 35.90 23.32 2.25
C GLY B 226 37.25 22.67 2.44
N THR B 227 38.11 22.77 1.44
CA THR B 227 39.47 22.23 1.52
C THR B 227 40.43 23.26 2.12
N ARG B 228 40.40 24.48 1.61
CA ARG B 228 41.12 25.59 2.20
C ARG B 228 40.19 26.42 3.07
N SER B 229 40.72 26.91 4.18
CA SER B 229 39.93 27.70 5.12
C SER B 229 40.56 29.06 5.30
N TYR B 230 39.75 30.11 5.19
CA TYR B 230 40.14 31.49 5.40
C TYR B 230 39.34 32.09 6.55
N MET B 231 39.28 31.35 7.65
CA MET B 231 38.40 31.65 8.77
C MET B 231 39.13 32.38 9.88
N SER B 232 38.44 33.35 10.48
CA SER B 232 38.85 34.08 11.67
C SER B 232 38.62 33.23 12.92
N PRO B 233 39.60 33.19 13.82
CA PRO B 233 39.46 32.34 15.02
C PRO B 233 38.38 32.81 15.98
N GLU B 234 38.03 34.10 15.98
CA GLU B 234 37.10 34.61 16.98
C GLU B 234 35.67 34.15 16.70
N ARG B 235 35.26 34.15 15.43
CA ARG B 235 33.94 33.64 15.09
C ARG B 235 33.95 32.12 14.95
N LEU B 236 35.12 31.53 14.69
CA LEU B 236 35.26 30.08 14.76
C LEU B 236 35.02 29.59 16.19
N GLN B 237 35.52 30.34 17.18
CA GLN B 237 35.21 30.02 18.56
C GLN B 237 33.75 30.29 18.89
N GLY B 238 33.14 31.26 18.23
CA GLY B 238 31.77 31.63 18.47
C GLY B 238 31.57 32.95 19.20
N THR B 239 32.57 33.82 19.22
CA THR B 239 32.49 35.09 19.93
C THR B 239 31.95 36.17 18.98
N HIS B 240 32.06 37.42 19.40
CA HIS B 240 31.63 38.54 18.57
C HIS B 240 32.55 38.68 17.35
N TYR B 241 31.96 39.10 16.24
CA TYR B 241 32.68 39.28 14.99
C TYR B 241 32.38 40.67 14.44
N SER B 242 33.35 41.20 13.72
CA SER B 242 33.26 42.53 13.13
C SER B 242 34.09 42.53 11.85
N VAL B 243 34.45 43.73 11.37
CA VAL B 243 35.32 43.84 10.21
C VAL B 243 36.71 43.28 10.46
N GLN B 244 37.09 43.10 11.73
CA GLN B 244 38.40 42.55 12.05
C GLN B 244 38.57 41.14 11.52
N SER B 245 37.47 40.38 11.50
CA SER B 245 37.48 39.05 10.89
C SER B 245 37.79 39.12 9.41
N ASP B 246 37.19 40.08 8.71
CA ASP B 246 37.45 40.24 7.28
C ASP B 246 38.88 40.71 7.03
N ILE B 247 39.41 41.54 7.92
CA ILE B 247 40.81 41.98 7.79
C ILE B 247 41.76 40.80 8.00
N TRP B 248 41.46 39.95 8.99
CA TRP B 248 42.19 38.70 9.20
C TRP B 248 42.20 37.81 7.96
N SER B 249 41.01 37.56 7.41
CA SER B 249 40.90 36.68 6.25
C SER B 249 41.55 37.31 5.02
N MET B 250 41.49 38.64 4.93
CA MET B 250 42.23 39.36 3.89
C MET B 250 43.73 39.14 4.05
N GLY B 251 44.21 39.13 5.30
CA GLY B 251 45.63 38.88 5.53
C GLY B 251 46.07 37.51 5.07
N LEU B 252 45.33 36.46 5.45
CA LEU B 252 45.69 35.12 4.95
C LEU B 252 45.56 35.01 3.45
N SER B 253 44.52 35.61 2.86
CA SER B 253 44.34 35.50 1.42
C SER B 253 45.49 36.18 0.67
N LEU B 254 45.87 37.38 1.11
CA LEU B 254 46.96 38.11 0.46
C LEU B 254 48.29 37.38 0.60
N VAL B 255 48.61 36.87 1.79
CA VAL B 255 49.89 36.18 1.92
C VAL B 255 49.87 34.87 1.14
N GLU B 256 48.71 34.20 1.08
CA GLU B 256 48.60 32.93 0.38
C GLU B 256 48.77 33.09 -1.11
N MET B 257 48.18 34.15 -1.69
CA MET B 257 48.38 34.39 -3.10
C MET B 257 49.67 35.15 -3.40
N ALA B 258 50.36 35.65 -2.38
CA ALA B 258 51.67 36.24 -2.58
C ALA B 258 52.78 35.19 -2.61
N VAL B 259 52.71 34.15 -1.78
CA VAL B 259 53.75 33.13 -1.77
C VAL B 259 53.35 31.86 -2.52
N GLY B 260 52.06 31.65 -2.77
CA GLY B 260 51.58 30.58 -3.62
C GLY B 260 51.06 29.36 -2.88
N ARG B 261 51.39 29.19 -1.61
CA ARG B 261 50.91 28.03 -0.86
C ARG B 261 50.90 28.35 0.62
N TYR B 262 50.24 27.49 1.38
CA TYR B 262 50.22 27.61 2.84
C TYR B 262 51.45 26.91 3.41
N PRO B 263 52.28 27.59 4.19
CA PRO B 263 53.62 27.06 4.53
C PRO B 263 53.63 25.98 5.60
N ILE B 264 52.45 25.60 6.09
CA ILE B 264 52.35 24.56 7.15
C ILE B 264 51.19 23.60 6.78
N MET B 309 46.85 17.75 3.94
CA MET B 309 46.51 17.72 5.36
C MET B 309 45.01 17.96 5.49
N ALA B 310 44.40 17.30 6.48
CA ALA B 310 42.96 17.34 6.67
C ALA B 310 42.50 18.70 7.21
N ILE B 311 41.22 18.99 6.96
CA ILE B 311 40.67 20.32 7.26
C ILE B 311 40.57 20.55 8.77
N PHE B 312 40.31 19.49 9.55
CA PHE B 312 40.11 19.66 10.98
C PHE B 312 41.40 20.07 11.68
N GLU B 313 42.53 19.51 11.27
CA GLU B 313 43.79 19.90 11.89
C GLU B 313 44.23 21.27 11.42
N LEU B 314 43.81 21.70 10.21
CA LEU B 314 44.02 23.09 9.83
C LEU B 314 43.23 24.04 10.71
N LEU B 315 41.99 23.67 11.05
CA LEU B 315 41.20 24.47 11.97
C LEU B 315 41.84 24.51 13.35
N ASP B 316 42.36 23.36 13.80
CA ASP B 316 43.06 23.29 15.07
C ASP B 316 44.31 24.15 15.07
N TYR B 317 45.03 24.18 13.95
CA TYR B 317 46.21 25.02 13.82
C TYR B 317 45.86 26.50 13.85
N ILE B 318 44.75 26.87 13.21
CA ILE B 318 44.32 28.26 13.25
C ILE B 318 43.91 28.65 14.68
N VAL B 319 43.31 27.72 15.41
CA VAL B 319 42.89 28.02 16.77
C VAL B 319 44.08 28.16 17.71
N ASN B 320 44.98 27.17 17.71
CA ASN B 320 45.95 27.02 18.79
C ASN B 320 47.39 27.32 18.38
N GLU B 321 47.63 27.85 17.18
CA GLU B 321 49.00 28.16 16.80
C GLU B 321 49.12 29.60 16.32
N PRO B 322 50.29 30.21 16.51
CA PRO B 322 50.48 31.55 15.96
C PRO B 322 50.49 31.52 14.44
N PRO B 323 50.05 32.60 13.80
CA PRO B 323 50.01 32.61 12.33
C PRO B 323 51.42 32.70 11.76
N PRO B 324 51.63 32.23 10.54
CA PRO B 324 52.97 32.27 9.96
C PRO B 324 53.38 33.68 9.55
N LYS B 325 54.69 33.89 9.47
CA LYS B 325 55.26 35.18 9.11
C LYS B 325 56.24 35.00 7.96
N LEU B 326 56.38 36.04 7.15
CA LEU B 326 57.30 36.04 6.03
C LEU B 326 58.75 36.23 6.51
N PRO B 327 59.72 35.68 5.79
CA PRO B 327 61.12 35.97 6.11
C PRO B 327 61.45 37.44 5.91
N SER B 328 62.34 37.96 6.77
CA SER B 328 62.64 39.38 6.77
C SER B 328 63.50 39.81 5.59
N GLY B 329 64.38 38.93 5.11
CA GLY B 329 65.33 39.31 4.08
C GLY B 329 64.82 39.28 2.66
N VAL B 330 63.54 38.96 2.44
CA VAL B 330 63.01 38.84 1.09
C VAL B 330 62.44 40.19 0.64
N PHE B 331 61.45 40.69 1.36
CA PHE B 331 60.75 41.90 0.97
C PHE B 331 61.07 43.05 1.94
N SER B 332 60.43 44.18 1.70
CA SER B 332 60.61 45.35 2.54
C SER B 332 60.06 45.12 3.93
N LEU B 333 60.68 45.77 4.93
CA LEU B 333 60.25 45.61 6.32
C LEU B 333 58.87 46.23 6.54
N GLU B 334 58.54 47.29 5.78
CA GLU B 334 57.23 47.90 5.89
C GLU B 334 56.12 46.96 5.42
N PHE B 335 56.43 46.11 4.42
CA PHE B 335 55.45 45.12 3.96
C PHE B 335 55.16 44.09 5.04
N GLN B 336 56.22 43.61 5.71
CA GLN B 336 56.03 42.67 6.80
C GLN B 336 55.30 43.30 7.98
N ASP B 337 55.63 44.56 8.29
CA ASP B 337 54.90 45.27 9.35
C ASP B 337 53.43 45.43 8.99
N PHE B 338 53.14 45.71 7.71
CA PHE B 338 51.78 45.86 7.23
C PHE B 338 50.99 44.56 7.39
N VAL B 339 51.57 43.44 6.94
CA VAL B 339 50.83 42.18 6.98
C VAL B 339 50.72 41.66 8.42
N ASN B 340 51.71 41.95 9.27
CA ASN B 340 51.61 41.54 10.67
C ASN B 340 50.62 42.42 11.43
N LYS B 341 50.47 43.67 11.02
CA LYS B 341 49.37 44.48 11.53
C LYS B 341 48.03 43.92 11.09
N CYS B 342 47.99 43.34 9.88
CA CYS B 342 46.79 42.65 9.44
C CYS B 342 46.57 41.34 10.21
N LEU B 343 47.63 40.76 10.76
CA LEU B 343 47.60 39.38 11.25
C LEU B 343 47.66 39.30 12.78
N ILE B 344 47.05 40.25 13.47
CA ILE B 344 46.98 40.19 14.92
C ILE B 344 45.83 39.27 15.32
N LYS B 345 46.13 38.28 16.19
CA LYS B 345 45.14 37.26 16.52
C LYS B 345 43.98 37.84 17.32
N ASN B 346 44.28 38.63 18.34
CA ASN B 346 43.23 39.25 19.14
C ASN B 346 42.70 40.47 18.37
N PRO B 347 41.40 40.52 18.05
CA PRO B 347 40.89 41.64 17.24
C PRO B 347 40.88 42.98 17.95
N ALA B 348 41.09 43.00 19.28
CA ALA B 348 41.10 44.27 20.00
C ALA B 348 42.26 45.16 19.57
N GLU B 349 43.45 44.58 19.43
CA GLU B 349 44.60 45.32 18.95
C GLU B 349 44.79 45.22 17.45
N ARG B 350 44.01 44.37 16.77
CA ARG B 350 44.06 44.33 15.32
C ARG B 350 43.52 45.63 14.75
N ALA B 351 44.26 46.21 13.80
CA ALA B 351 43.93 47.53 13.28
C ALA B 351 42.67 47.49 12.44
N ASP B 352 41.85 48.54 12.54
CA ASP B 352 40.61 48.65 11.81
C ASP B 352 40.85 49.36 10.47
N LEU B 353 39.74 49.69 9.78
CA LEU B 353 39.83 50.17 8.40
C LEU B 353 40.57 51.50 8.30
N LYS B 354 40.42 52.37 9.29
CA LYS B 354 41.08 53.67 9.23
C LYS B 354 42.59 53.56 9.43
N GLN B 355 43.04 52.65 10.29
CA GLN B 355 44.47 52.46 10.48
C GLN B 355 45.10 51.78 9.26
N LEU B 356 44.38 50.86 8.63
CA LEU B 356 44.83 50.29 7.36
C LEU B 356 44.87 51.36 6.26
N MET B 357 43.92 52.29 6.27
CA MET B 357 43.88 53.31 5.24
C MET B 357 45.02 54.31 5.41
N VAL B 358 45.32 54.71 6.65
CA VAL B 358 46.39 55.67 6.89
C VAL B 358 47.77 55.03 6.95
N HIS B 359 47.87 53.73 6.69
CA HIS B 359 49.17 53.05 6.71
C HIS B 359 50.05 53.54 5.57
N ALA B 360 51.36 53.60 5.83
CA ALA B 360 52.29 54.17 4.86
C ALA B 360 52.44 53.30 3.62
N PHE B 361 52.22 51.99 3.77
CA PHE B 361 52.28 51.09 2.63
C PHE B 361 51.16 51.39 1.63
N ILE B 362 49.95 51.64 2.15
CA ILE B 362 48.82 51.97 1.30
C ILE B 362 49.05 53.30 0.57
N LYS B 363 49.59 54.28 1.30
CA LYS B 363 49.89 55.58 0.69
C LYS B 363 50.96 55.47 -0.39
N ARG B 364 52.00 54.65 -0.13
CA ARG B 364 53.04 54.45 -1.13
C ARG B 364 52.51 53.74 -2.36
N SER B 365 51.67 52.72 -2.16
CA SER B 365 51.12 51.98 -3.30
C SER B 365 50.16 52.84 -4.10
N ASP B 366 49.41 53.73 -3.43
CA ASP B 366 48.55 54.65 -4.15
C ASP B 366 49.38 55.69 -4.89
N ALA B 367 50.53 56.08 -4.33
CA ALA B 367 51.43 56.99 -5.03
C ALA B 367 52.07 56.32 -6.25
N GLU B 368 52.18 55.00 -6.26
CA GLU B 368 52.72 54.28 -7.40
C GLU B 368 51.72 54.28 -8.56
N GLU B 369 52.25 54.38 -9.77
CA GLU B 369 51.46 54.29 -10.99
C GLU B 369 51.79 52.96 -11.67
N VAL B 370 50.80 52.07 -11.73
CA VAL B 370 50.98 50.71 -12.22
C VAL B 370 50.02 50.49 -13.38
N ASP B 371 50.53 49.98 -14.50
CA ASP B 371 49.70 49.60 -15.64
C ASP B 371 49.31 48.14 -15.51
N PHE B 372 48.27 47.89 -14.72
CA PHE B 372 47.78 46.53 -14.53
C PHE B 372 47.18 45.96 -15.81
N ALA B 373 46.49 46.80 -16.57
CA ALA B 373 45.88 46.35 -17.83
C ALA B 373 46.95 45.92 -18.84
N GLY B 374 48.03 46.70 -18.94
CA GLY B 374 49.11 46.33 -19.85
C GLY B 374 49.81 45.04 -19.44
N TRP B 375 50.05 44.87 -18.14
CA TRP B 375 50.69 43.64 -17.66
C TRP B 375 49.79 42.43 -17.87
N LEU B 376 48.49 42.59 -17.66
CA LEU B 376 47.56 41.49 -17.89
C LEU B 376 47.47 41.15 -19.38
N CYS B 377 47.49 42.17 -20.24
CA CYS B 377 47.47 41.93 -21.68
C CYS B 377 48.76 41.25 -22.13
N SER B 378 49.89 41.59 -21.51
CA SER B 378 51.13 40.88 -21.78
C SER B 378 51.06 39.44 -21.31
N THR B 379 50.40 39.20 -20.17
CA THR B 379 50.22 37.84 -19.68
C THR B 379 49.37 37.00 -20.63
N ILE B 380 48.27 37.57 -21.11
CA ILE B 380 47.44 36.87 -22.09
C ILE B 380 48.16 36.80 -23.44
N GLY B 381 48.75 37.91 -23.86
CA GLY B 381 49.44 37.96 -25.15
C GLY B 381 48.86 39.01 -26.08
N ASP C 256 21.06 -13.86 -0.40
CA ASP C 256 21.65 -14.34 -1.65
C ASP C 256 21.99 -15.82 -1.55
N TRP C 257 23.28 -16.14 -1.68
CA TRP C 257 23.69 -17.57 -1.58
C TRP C 257 23.89 -17.91 -0.11
N GLU C 258 24.75 -18.87 0.20
CA GLU C 258 25.13 -19.17 1.61
C GLU C 258 24.08 -19.94 2.42
N ILE C 259 24.49 -20.47 3.57
CA ILE C 259 23.67 -21.26 4.49
C ILE C 259 23.39 -20.44 5.74
N GLU C 260 22.12 -20.33 6.10
CA GLU C 260 21.73 -19.70 7.36
C GLU C 260 21.87 -20.71 8.50
N ALA C 261 21.33 -20.40 9.66
CA ALA C 261 21.55 -21.23 10.84
C ALA C 261 20.29 -21.19 11.69
N SER C 262 20.43 -21.58 12.96
CA SER C 262 19.36 -21.71 13.94
C SER C 262 18.80 -20.36 14.42
N GLU C 263 19.18 -19.24 13.80
CA GLU C 263 18.61 -17.94 14.19
C GLU C 263 17.11 -17.87 13.89
N VAL C 264 16.63 -18.65 12.92
CA VAL C 264 15.22 -18.67 12.61
C VAL C 264 14.47 -19.43 13.71
N MET C 265 13.14 -19.27 13.70
CA MET C 265 12.29 -19.90 14.71
C MET C 265 11.60 -21.12 14.11
N LEU C 266 11.30 -22.09 14.98
CA LEU C 266 10.58 -23.29 14.60
C LEU C 266 9.25 -23.32 15.35
N SER C 267 8.18 -23.64 14.63
CA SER C 267 6.84 -23.67 15.24
C SER C 267 6.46 -25.08 15.70
N THR C 268 6.46 -26.05 14.80
CA THR C 268 5.99 -27.39 15.10
C THR C 268 6.88 -28.42 14.39
N ARG C 269 7.28 -29.44 15.13
CA ARG C 269 8.04 -30.56 14.57
C ARG C 269 7.09 -31.67 14.12
N PHE C 275 2.22 -30.50 2.63
CA PHE C 275 1.38 -29.32 2.74
C PHE C 275 0.78 -29.20 4.14
N GLY C 276 1.45 -28.45 5.01
CA GLY C 276 0.95 -28.23 6.34
C GLY C 276 -0.02 -27.06 6.40
N THR C 277 0.00 -26.32 7.51
CA THR C 277 -0.86 -25.15 7.67
C THR C 277 -0.05 -23.86 7.72
N VAL C 278 0.92 -23.77 8.62
CA VAL C 278 1.76 -22.58 8.76
C VAL C 278 3.22 -22.99 8.71
N TYR C 279 4.03 -22.16 8.04
CA TYR C 279 5.49 -22.30 8.03
C TYR C 279 6.17 -20.96 8.22
N LYS C 280 5.47 -19.99 8.81
CA LYS C 280 6.02 -18.64 8.95
C LYS C 280 7.17 -18.63 9.96
N GLY C 281 8.23 -17.89 9.62
CA GLY C 281 9.39 -17.80 10.48
C GLY C 281 9.63 -16.40 10.99
N LYS C 282 10.83 -16.18 11.55
CA LYS C 282 11.19 -14.87 12.10
C LYS C 282 12.70 -14.74 12.04
N TRP C 283 13.19 -13.96 11.08
CA TRP C 283 14.63 -13.80 10.88
C TRP C 283 14.84 -12.48 10.16
N HIS C 284 15.42 -11.50 10.87
CA HIS C 284 15.52 -10.11 10.40
C HIS C 284 14.15 -9.58 10.00
N GLY C 285 13.16 -9.88 10.82
CA GLY C 285 11.77 -9.66 10.47
C GLY C 285 11.08 -10.97 10.11
N ASP C 286 9.81 -10.85 9.76
CA ASP C 286 9.04 -12.01 9.37
C ASP C 286 9.44 -12.52 7.98
N VAL C 287 9.38 -13.84 7.80
CA VAL C 287 9.78 -14.51 6.58
C VAL C 287 8.79 -15.62 6.28
N ALA C 288 9.03 -16.34 5.18
CA ALA C 288 8.21 -17.47 4.78
C ALA C 288 9.12 -18.65 4.43
N VAL C 289 8.77 -19.83 4.93
CA VAL C 289 9.58 -21.03 4.78
C VAL C 289 8.77 -22.08 4.02
N LYS C 290 9.45 -22.91 3.25
CA LYS C 290 8.87 -24.10 2.65
C LYS C 290 9.49 -25.33 3.30
N ILE C 291 8.64 -26.24 3.78
CA ILE C 291 9.03 -27.45 4.51
C ILE C 291 9.90 -27.12 5.71
N PRO C 297 15.23 -37.50 2.70
CA PRO C 297 16.67 -37.70 2.42
C PRO C 297 16.90 -38.56 1.18
N THR C 298 16.19 -38.25 0.10
CA THR C 298 16.27 -38.98 -1.15
C THR C 298 16.63 -38.03 -2.29
N PRO C 299 17.44 -38.49 -3.26
CA PRO C 299 18.06 -37.55 -4.22
C PRO C 299 17.09 -36.84 -5.14
N GLU C 300 15.86 -37.34 -5.32
CA GLU C 300 14.93 -36.66 -6.23
C GLU C 300 14.48 -35.32 -5.67
N GLN C 301 14.46 -35.18 -4.34
CA GLN C 301 14.23 -33.86 -3.75
C GLN C 301 15.46 -32.97 -3.94
N PHE C 302 16.65 -33.57 -3.94
CA PHE C 302 17.88 -32.79 -4.05
C PHE C 302 17.99 -32.12 -5.42
N GLN C 303 17.57 -32.82 -6.49
CA GLN C 303 17.63 -32.25 -7.83
C GLN C 303 16.72 -31.04 -7.96
N ALA C 304 15.46 -31.19 -7.56
CA ALA C 304 14.50 -30.09 -7.66
C ALA C 304 14.88 -28.94 -6.73
N PHE C 305 15.44 -29.26 -5.57
CA PHE C 305 15.92 -28.23 -4.66
C PHE C 305 17.06 -27.44 -5.29
N ARG C 306 17.98 -28.13 -5.96
CA ARG C 306 19.08 -27.47 -6.65
C ARG C 306 18.56 -26.58 -7.78
N ASN C 307 17.58 -27.07 -8.54
CA ASN C 307 17.01 -26.27 -9.63
C ASN C 307 16.30 -25.03 -9.10
N GLU C 308 15.54 -25.16 -8.00
CA GLU C 308 14.82 -23.99 -7.52
C GLU C 308 15.78 -22.98 -6.89
N VAL C 309 16.83 -23.45 -6.22
CA VAL C 309 17.85 -22.55 -5.71
C VAL C 309 18.52 -21.80 -6.86
N ALA C 310 18.84 -22.53 -7.94
CA ALA C 310 19.49 -21.92 -9.09
C ALA C 310 18.59 -20.89 -9.76
N VAL C 311 17.29 -21.16 -9.85
CA VAL C 311 16.42 -20.22 -10.56
C VAL C 311 16.11 -19.00 -9.68
N LEU C 312 16.02 -19.18 -8.37
CA LEU C 312 15.84 -18.00 -7.52
C LEU C 312 17.13 -17.21 -7.34
N ARG C 313 18.29 -17.76 -7.68
CA ARG C 313 19.51 -16.93 -7.69
C ARG C 313 19.44 -15.82 -8.72
N LYS C 314 18.67 -16.02 -9.79
CA LYS C 314 18.60 -15.06 -10.90
C LYS C 314 17.24 -14.38 -10.96
N THR C 315 16.68 -14.03 -9.82
CA THR C 315 15.41 -13.30 -9.75
C THR C 315 15.66 -11.97 -9.05
N ARG C 316 15.68 -10.88 -9.81
CA ARG C 316 15.83 -9.53 -9.26
C ARG C 316 14.79 -8.64 -9.93
N HIS C 317 13.59 -8.60 -9.35
CA HIS C 317 12.52 -7.74 -9.82
C HIS C 317 11.49 -7.60 -8.72
N VAL C 318 10.73 -6.51 -8.77
CA VAL C 318 9.78 -6.22 -7.69
C VAL C 318 8.57 -7.14 -7.74
N ASN C 319 8.15 -7.57 -8.93
CA ASN C 319 6.93 -8.36 -9.06
C ASN C 319 7.10 -9.82 -8.65
N ILE C 320 8.31 -10.26 -8.34
CA ILE C 320 8.60 -11.63 -7.97
C ILE C 320 9.05 -11.64 -6.51
N LEU C 321 8.66 -12.67 -5.75
CA LEU C 321 9.11 -12.81 -4.38
C LEU C 321 10.63 -12.82 -4.30
N LEU C 322 11.15 -12.17 -3.27
CA LEU C 322 12.58 -12.02 -3.10
C LEU C 322 13.15 -13.25 -2.40
N PHE C 323 14.24 -13.78 -2.94
CA PHE C 323 14.94 -14.89 -2.33
C PHE C 323 16.23 -14.41 -1.68
N MET C 324 16.49 -14.88 -0.47
CA MET C 324 17.73 -14.44 0.17
C MET C 324 18.55 -15.61 0.74
N GLY C 325 17.93 -16.75 1.02
CA GLY C 325 18.68 -17.79 1.69
C GLY C 325 18.17 -19.20 1.43
N TYR C 326 19.08 -20.15 1.56
CA TYR C 326 18.76 -21.56 1.55
C TYR C 326 19.54 -22.25 2.65
N MET C 327 18.88 -23.16 3.36
CA MET C 327 19.50 -23.92 4.42
C MET C 327 19.34 -25.41 4.14
N THR C 328 20.39 -26.16 4.44
CA THR C 328 20.47 -27.56 4.02
C THR C 328 20.45 -28.56 5.17
N LYS C 329 21.07 -28.23 6.30
CA LYS C 329 21.17 -29.16 7.41
C LYS C 329 19.80 -29.37 8.05
N ASP C 330 19.68 -30.52 8.72
CA ASP C 330 18.41 -31.06 9.24
C ASP C 330 17.46 -31.19 8.05
N ASN C 331 16.27 -30.61 8.10
CA ASN C 331 15.34 -30.71 6.98
C ASN C 331 15.78 -29.80 5.84
N LEU C 332 15.21 -30.06 4.67
CA LEU C 332 15.50 -29.27 3.47
C LEU C 332 14.45 -28.17 3.33
N ALA C 333 14.92 -26.92 3.24
CA ALA C 333 13.99 -25.80 3.29
C ALA C 333 14.55 -24.61 2.52
N ILE C 334 13.65 -23.67 2.20
CA ILE C 334 13.97 -22.41 1.58
C ILE C 334 13.34 -21.31 2.42
N VAL C 335 13.86 -20.10 2.31
CA VAL C 335 13.32 -18.95 3.01
C VAL C 335 13.12 -17.80 2.04
N THR C 336 11.95 -17.18 2.10
CA THR C 336 11.66 -15.94 1.40
C THR C 336 10.88 -15.03 2.34
N GLN C 337 10.64 -13.80 1.90
CA GLN C 337 10.01 -12.83 2.77
C GLN C 337 8.54 -13.17 2.98
N TRP C 338 7.99 -12.73 4.11
CA TRP C 338 6.60 -13.00 4.45
C TRP C 338 5.74 -11.93 3.81
N CYS C 339 4.99 -12.32 2.78
CA CYS C 339 4.05 -11.40 2.16
C CYS C 339 2.86 -11.16 3.09
N GLU C 340 2.30 -9.95 3.00
CA GLU C 340 1.11 -9.58 3.75
C GLU C 340 -0.08 -9.57 2.80
N GLY C 341 -1.09 -10.37 3.12
CA GLY C 341 -2.25 -10.49 2.26
C GLY C 341 -2.62 -11.93 1.99
N SER C 342 -3.15 -12.20 0.79
CA SER C 342 -3.58 -13.55 0.44
C SER C 342 -3.48 -13.74 -1.06
N SER C 343 -3.62 -14.99 -1.49
CA SER C 343 -3.54 -15.33 -2.89
C SER C 343 -4.74 -14.80 -3.66
N LEU C 344 -4.57 -14.67 -4.97
CA LEU C 344 -5.67 -14.21 -5.83
C LEU C 344 -6.81 -15.21 -5.84
N TYR C 345 -6.49 -16.50 -5.73
CA TYR C 345 -7.53 -17.52 -5.57
C TYR C 345 -8.34 -17.28 -4.30
N LYS C 346 -7.66 -16.93 -3.21
CA LYS C 346 -8.35 -16.65 -1.96
C LYS C 346 -9.20 -15.40 -2.05
N HIS C 347 -8.72 -14.38 -2.75
CA HIS C 347 -9.51 -13.15 -2.90
C HIS C 347 -10.70 -13.34 -3.83
N LEU C 348 -10.59 -14.22 -4.82
CA LEU C 348 -11.62 -14.33 -5.84
C LEU C 348 -12.64 -15.43 -5.57
N HIS C 349 -12.25 -16.51 -4.91
CA HIS C 349 -13.14 -17.66 -4.73
C HIS C 349 -13.47 -17.96 -3.28
N VAL C 350 -12.87 -17.25 -2.32
CA VAL C 350 -13.14 -17.44 -0.91
C VAL C 350 -13.74 -16.19 -0.28
N GLN C 351 -13.17 -15.02 -0.58
CA GLN C 351 -13.66 -13.77 -0.04
C GLN C 351 -14.58 -13.02 -0.99
N GLU C 352 -14.36 -13.15 -2.30
CA GLU C 352 -15.16 -12.48 -3.34
C GLU C 352 -15.21 -10.97 -3.15
N THR C 353 -14.06 -10.39 -2.83
CA THR C 353 -13.97 -8.94 -2.67
C THR C 353 -14.13 -8.26 -4.02
N LYS C 354 -14.98 -7.25 -4.07
CA LYS C 354 -15.24 -6.55 -5.32
C LYS C 354 -14.04 -5.67 -5.66
N PHE C 355 -13.38 -5.97 -6.78
CA PHE C 355 -12.28 -5.17 -7.28
C PHE C 355 -12.80 -4.28 -8.40
N GLN C 356 -12.44 -3.00 -8.35
CA GLN C 356 -12.80 -2.10 -9.42
C GLN C 356 -11.98 -2.38 -10.67
N MET C 357 -12.40 -1.78 -11.78
CA MET C 357 -11.88 -2.15 -13.10
C MET C 357 -10.40 -1.81 -13.24
N PHE C 358 -10.02 -0.62 -12.80
CA PHE C 358 -8.63 -0.18 -12.90
C PHE C 358 -7.71 -1.04 -12.05
N GLN C 359 -8.18 -1.49 -10.87
CA GLN C 359 -7.39 -2.40 -10.06
C GLN C 359 -7.14 -3.73 -10.77
N LEU C 360 -8.19 -4.26 -11.41
CA LEU C 360 -8.07 -5.54 -12.10
C LEU C 360 -7.11 -5.45 -13.27
N ILE C 361 -7.23 -4.38 -14.06
CA ILE C 361 -6.36 -4.25 -15.23
C ILE C 361 -4.93 -3.92 -14.79
N ASP C 362 -4.78 -3.23 -13.66
CA ASP C 362 -3.45 -2.98 -13.09
C ASP C 362 -2.80 -4.29 -12.64
N ILE C 363 -3.59 -5.18 -12.03
CA ILE C 363 -3.10 -6.50 -11.65
C ILE C 363 -2.65 -7.28 -12.89
N ALA C 364 -3.44 -7.21 -13.95
CA ALA C 364 -3.08 -7.88 -15.21
C ALA C 364 -1.79 -7.31 -15.78
N ARG C 365 -1.64 -5.98 -15.76
CA ARG C 365 -0.44 -5.34 -16.28
C ARG C 365 0.79 -5.75 -15.49
N GLN C 366 0.67 -5.79 -14.16
CA GLN C 366 1.80 -6.16 -13.30
C GLN C 366 2.22 -7.61 -13.54
N THR C 367 1.25 -8.52 -13.62
CA THR C 367 1.57 -9.92 -13.86
C THR C 367 2.20 -10.13 -15.23
N ALA C 368 1.66 -9.45 -16.25
CA ALA C 368 2.21 -9.57 -17.60
C ALA C 368 3.62 -9.01 -17.66
N GLN C 369 3.88 -7.89 -16.98
CA GLN C 369 5.21 -7.31 -16.95
C GLN C 369 6.20 -8.23 -16.25
N GLY C 370 5.80 -8.83 -15.13
CA GLY C 370 6.68 -9.74 -14.43
C GLY C 370 7.02 -10.99 -15.23
N MET C 371 6.02 -11.58 -15.88
CA MET C 371 6.31 -12.77 -16.67
C MET C 371 7.06 -12.42 -17.95
N ASP C 372 6.87 -11.20 -18.47
CA ASP C 372 7.69 -10.74 -19.59
C ASP C 372 9.14 -10.62 -19.19
N TYR C 373 9.41 -10.10 -17.98
CA TYR C 373 10.78 -10.07 -17.47
C TYR C 373 11.34 -11.48 -17.32
N LEU C 374 10.52 -12.40 -16.82
CA LEU C 374 10.97 -13.78 -16.63
C LEU C 374 11.34 -14.44 -17.96
N HIS C 375 10.53 -14.23 -18.99
CA HIS C 375 10.81 -14.84 -20.28
C HIS C 375 11.93 -14.11 -21.01
N ALA C 376 12.09 -12.81 -20.73
CA ALA C 376 13.20 -12.08 -21.33
C ALA C 376 14.53 -12.50 -20.73
N LYS C 377 14.52 -12.94 -19.47
CA LYS C 377 15.74 -13.40 -18.83
C LYS C 377 15.84 -14.94 -18.91
N ASN C 378 15.05 -15.54 -19.81
CA ASN C 378 15.11 -16.96 -20.17
C ASN C 378 14.78 -17.82 -18.94
N ILE C 379 13.55 -17.65 -18.44
CA ILE C 379 12.99 -18.46 -17.38
C ILE C 379 11.62 -18.94 -17.85
N ILE C 380 11.36 -20.24 -17.69
CA ILE C 380 10.05 -20.81 -18.00
C ILE C 380 9.46 -21.36 -16.72
N HIS C 381 8.35 -20.75 -16.27
CA HIS C 381 7.79 -21.09 -14.97
C HIS C 381 7.00 -22.39 -15.02
N ARG C 382 6.21 -22.58 -16.08
CA ARG C 382 5.45 -23.80 -16.42
C ARG C 382 4.24 -24.06 -15.53
N ASP C 383 4.11 -23.34 -14.41
CA ASP C 383 3.09 -23.70 -13.41
C ASP C 383 2.41 -22.48 -12.80
N MET C 384 2.20 -21.41 -13.56
CA MET C 384 1.61 -20.22 -12.98
C MET C 384 0.12 -20.45 -12.70
N LYS C 385 -0.32 -20.01 -11.52
CA LYS C 385 -1.63 -20.35 -10.99
C LYS C 385 -2.19 -19.12 -10.27
N SER C 386 -3.52 -19.10 -10.12
CA SER C 386 -4.12 -18.06 -9.29
C SER C 386 -3.83 -18.30 -7.83
N ASN C 387 -3.65 -19.57 -7.44
CA ASN C 387 -3.21 -19.89 -6.09
C ASN C 387 -1.78 -19.43 -5.84
N ASN C 388 -1.03 -19.17 -6.90
CA ASN C 388 0.38 -18.83 -6.81
C ASN C 388 0.59 -17.32 -6.85
N ILE C 389 -0.31 -16.57 -7.48
CA ILE C 389 -0.19 -15.11 -7.56
C ILE C 389 -0.62 -14.56 -6.20
N PHE C 390 0.34 -13.98 -5.47
CA PHE C 390 0.08 -13.40 -4.16
C PHE C 390 -0.10 -11.90 -4.30
N LEU C 391 -1.25 -11.39 -3.86
CA LEU C 391 -1.51 -9.96 -3.88
C LEU C 391 -1.01 -9.39 -2.56
N HIS C 392 0.22 -8.88 -2.57
CA HIS C 392 0.80 -8.30 -1.37
C HIS C 392 0.13 -6.98 -1.06
N GLU C 393 -0.38 -6.86 0.17
CA GLU C 393 -0.85 -5.61 0.80
C GLU C 393 -2.17 -5.15 0.18
N GLY C 394 -2.62 -5.79 -0.90
CA GLY C 394 -3.79 -5.36 -1.62
C GLY C 394 -3.52 -4.50 -2.82
N LEU C 395 -2.26 -4.15 -3.08
CA LEU C 395 -1.91 -3.30 -4.22
C LEU C 395 -0.97 -3.97 -5.22
N THR C 396 0.12 -4.57 -4.75
CA THR C 396 1.13 -5.13 -5.63
C THR C 396 1.07 -6.65 -5.62
N VAL C 397 1.08 -7.25 -6.80
CA VAL C 397 1.00 -8.70 -6.92
C VAL C 397 2.40 -9.30 -6.93
N LYS C 398 2.50 -10.51 -6.41
CA LYS C 398 3.76 -11.22 -6.29
C LYS C 398 3.68 -12.53 -7.07
N ILE C 399 4.80 -12.92 -7.67
CA ILE C 399 4.89 -14.18 -8.42
C ILE C 399 5.93 -15.06 -7.75
N GLY C 400 5.56 -16.31 -7.45
CA GLY C 400 6.46 -17.19 -6.75
C GLY C 400 6.35 -18.65 -7.12
N ASP C 401 6.81 -19.52 -6.22
CA ASP C 401 6.70 -20.98 -6.31
C ASP C 401 7.35 -21.49 -7.60
N PHE C 402 8.66 -21.26 -7.68
CA PHE C 402 9.45 -21.69 -8.83
C PHE C 402 10.07 -23.07 -8.64
N GLY C 403 9.39 -23.95 -7.90
CA GLY C 403 9.95 -25.25 -7.61
C GLY C 403 10.06 -26.14 -8.84
N LEU C 404 9.23 -25.89 -9.84
CA LEU C 404 9.29 -26.63 -11.10
C LEU C 404 9.59 -25.73 -12.29
N ALA C 405 10.07 -24.51 -12.04
CA ALA C 405 10.48 -23.65 -13.14
C ALA C 405 11.78 -24.16 -13.75
N THR C 406 12.02 -23.80 -15.00
CA THR C 406 13.16 -24.31 -15.73
C THR C 406 13.80 -23.19 -16.56
N VAL C 407 15.02 -23.47 -17.03
CA VAL C 407 15.73 -22.61 -17.96
C VAL C 407 15.93 -23.42 -19.24
N LYS C 408 15.41 -22.90 -20.35
CA LYS C 408 15.60 -23.63 -21.60
C LYS C 408 16.99 -23.36 -22.16
N SER C 409 17.43 -24.27 -23.03
CA SER C 409 18.75 -24.18 -23.64
C SER C 409 18.74 -25.02 -24.91
N ARG C 410 19.93 -25.16 -25.50
CA ARG C 410 20.08 -25.94 -26.73
C ARG C 410 19.87 -27.43 -26.50
N TRP C 411 20.12 -27.93 -25.28
CA TRP C 411 19.94 -29.32 -24.95
C TRP C 411 18.69 -29.59 -24.14
N SER C 412 17.80 -28.59 -24.01
CA SER C 412 16.61 -28.76 -23.18
C SER C 412 15.60 -29.69 -23.83
N GLY C 413 15.59 -29.75 -25.16
CA GLY C 413 14.71 -30.68 -25.85
C GLY C 413 15.20 -32.12 -25.84
N SER C 414 16.46 -32.33 -25.45
CA SER C 414 16.99 -33.69 -25.40
C SER C 414 16.37 -34.48 -24.25
N GLN C 415 16.29 -33.88 -23.07
CA GLN C 415 15.63 -34.53 -21.95
C GLN C 415 14.11 -34.52 -22.15
N GLN C 416 13.46 -35.54 -21.60
CA GLN C 416 12.01 -35.68 -21.70
C GLN C 416 11.37 -35.08 -20.45
N VAL C 417 10.41 -34.17 -20.66
CA VAL C 417 9.81 -33.46 -19.54
C VAL C 417 8.85 -34.37 -18.80
N GLU C 418 8.63 -34.08 -17.53
CA GLU C 418 7.89 -34.95 -16.63
C GLU C 418 6.45 -34.47 -16.43
N GLN C 419 5.69 -35.27 -15.69
CA GLN C 419 4.27 -35.00 -15.50
C GLN C 419 4.07 -33.85 -14.52
N PRO C 420 3.08 -32.98 -14.76
CA PRO C 420 2.86 -31.86 -13.83
C PRO C 420 2.21 -32.28 -12.52
N THR C 421 1.20 -33.17 -12.57
CA THR C 421 0.43 -33.64 -11.41
C THR C 421 -0.16 -32.49 -10.61
N GLY C 422 -0.80 -31.56 -11.31
CA GLY C 422 -1.46 -30.44 -10.66
C GLY C 422 -2.96 -30.39 -10.91
N SER C 423 -3.49 -29.19 -11.09
CA SER C 423 -4.89 -28.99 -11.46
C SER C 423 -4.98 -28.84 -12.97
N VAL C 424 -5.87 -29.61 -13.59
CA VAL C 424 -5.90 -29.76 -15.03
C VAL C 424 -6.46 -28.55 -15.76
N LEU C 425 -6.94 -27.54 -15.04
CA LEU C 425 -7.67 -26.46 -15.68
C LEU C 425 -6.77 -25.54 -16.48
N TRP C 426 -5.45 -25.61 -16.28
CA TRP C 426 -4.58 -24.49 -16.61
C TRP C 426 -3.37 -24.85 -17.48
N MET C 427 -3.33 -26.05 -18.06
CA MET C 427 -2.27 -26.34 -19.02
C MET C 427 -2.82 -26.31 -20.45
N ALA C 428 -1.90 -26.11 -21.39
CA ALA C 428 -2.24 -26.01 -22.80
C ALA C 428 -2.69 -27.36 -23.34
N PRO C 429 -3.48 -27.37 -24.43
CA PRO C 429 -3.84 -28.64 -25.06
C PRO C 429 -2.66 -29.47 -25.52
N GLU C 430 -1.60 -28.82 -26.02
CA GLU C 430 -0.42 -29.57 -26.43
C GLU C 430 0.35 -30.10 -25.23
N VAL C 431 0.17 -29.49 -24.06
CA VAL C 431 0.79 -30.01 -22.84
C VAL C 431 0.10 -31.30 -22.43
N ILE C 432 -1.22 -31.29 -22.39
CA ILE C 432 -1.96 -32.49 -21.97
C ILE C 432 -2.03 -33.53 -23.06
N ARG C 433 -1.60 -33.17 -24.28
CA ARG C 433 -1.56 -34.16 -25.38
C ARG C 433 -0.20 -34.86 -25.40
N MET C 434 0.85 -34.18 -24.90
CA MET C 434 2.21 -34.76 -24.87
C MET C 434 2.54 -35.40 -26.23
N GLN C 435 2.34 -34.66 -27.32
CA GLN C 435 2.59 -35.19 -28.69
C GLN C 435 4.08 -35.07 -29.03
N ASP C 436 4.84 -34.34 -28.20
CA ASP C 436 6.26 -34.12 -28.44
C ASP C 436 7.06 -34.28 -27.15
N ASN C 437 8.36 -34.02 -27.25
CA ASN C 437 9.23 -34.18 -26.09
C ASN C 437 9.01 -33.05 -25.07
N ASN C 438 8.92 -31.81 -25.55
CA ASN C 438 8.79 -30.64 -24.69
C ASN C 438 7.64 -29.79 -25.22
N PRO C 439 6.44 -29.93 -24.66
CA PRO C 439 5.35 -29.02 -25.04
C PRO C 439 5.48 -27.64 -24.44
N PHE C 440 6.25 -27.50 -23.36
CA PHE C 440 6.35 -26.23 -22.66
C PHE C 440 7.18 -25.24 -23.47
N SER C 441 6.67 -24.01 -23.58
CA SER C 441 7.32 -22.96 -24.34
C SER C 441 6.82 -21.62 -23.81
N PHE C 442 7.07 -20.56 -24.57
CA PHE C 442 6.49 -19.25 -24.25
C PHE C 442 4.97 -19.29 -24.34
N GLN C 443 4.44 -20.01 -25.34
CA GLN C 443 3.02 -19.95 -25.63
C GLN C 443 2.18 -20.69 -24.60
N SER C 444 2.76 -21.69 -23.94
CA SER C 444 2.05 -22.36 -22.84
C SER C 444 1.80 -21.40 -21.69
N ASP C 445 2.83 -20.63 -21.32
CA ASP C 445 2.65 -19.62 -20.28
C ASP C 445 1.77 -18.47 -20.77
N VAL C 446 1.78 -18.20 -22.08
CA VAL C 446 0.87 -17.20 -22.65
C VAL C 446 -0.58 -17.65 -22.46
N TYR C 447 -0.87 -18.92 -22.76
CA TYR C 447 -2.22 -19.44 -22.60
C TYR C 447 -2.63 -19.47 -21.13
N SER C 448 -1.67 -19.79 -20.25
CA SER C 448 -1.95 -19.74 -18.82
C SER C 448 -2.26 -18.33 -18.35
N TYR C 449 -1.53 -17.34 -18.86
CA TYR C 449 -1.81 -15.96 -18.48
C TYR C 449 -3.15 -15.52 -19.05
N GLY C 450 -3.52 -16.03 -20.22
CA GLY C 450 -4.82 -15.72 -20.77
C GLY C 450 -5.97 -16.28 -19.96
N ILE C 451 -5.83 -17.51 -19.47
CA ILE C 451 -6.90 -18.07 -18.67
C ILE C 451 -6.91 -17.41 -17.27
N VAL C 452 -5.75 -16.91 -16.84
CA VAL C 452 -5.71 -16.05 -15.65
C VAL C 452 -6.49 -14.76 -15.90
N LEU C 453 -6.35 -14.18 -17.09
CA LEU C 453 -7.15 -13.01 -17.46
C LEU C 453 -8.64 -13.36 -17.46
N TYR C 454 -8.98 -14.56 -17.93
CA TYR C 454 -10.37 -15.00 -17.96
C TYR C 454 -10.97 -15.06 -16.57
N GLU C 455 -10.28 -15.75 -15.66
CA GLU C 455 -10.84 -15.94 -14.29
C GLU C 455 -10.78 -14.58 -13.55
N LEU C 456 -9.87 -13.70 -13.95
CA LEU C 456 -9.78 -12.35 -13.33
C LEU C 456 -11.01 -11.55 -13.78
N MET C 457 -11.42 -11.71 -15.04
CA MET C 457 -12.56 -10.92 -15.59
C MET C 457 -13.88 -11.51 -15.10
N THR C 458 -14.16 -12.78 -15.42
CA THR C 458 -15.45 -13.37 -15.06
C THR C 458 -15.61 -13.47 -13.55
N GLY C 459 -14.57 -13.90 -12.86
CA GLY C 459 -14.63 -14.11 -11.42
C GLY C 459 -14.88 -15.53 -11.00
N GLU C 460 -14.89 -16.48 -11.93
CA GLU C 460 -15.08 -17.90 -11.61
C GLU C 460 -14.17 -18.75 -12.47
N LEU C 461 -13.92 -19.97 -11.99
CA LEU C 461 -13.07 -20.91 -12.69
C LEU C 461 -13.72 -21.37 -13.99
N PRO C 462 -12.92 -21.68 -15.02
CA PRO C 462 -13.48 -22.10 -16.30
C PRO C 462 -14.15 -23.45 -16.23
N TYR C 463 -15.08 -23.66 -17.16
CA TYR C 463 -15.84 -24.90 -17.31
C TYR C 463 -16.59 -25.26 -16.03
N SER C 464 -17.39 -24.32 -15.54
CA SER C 464 -18.13 -24.54 -14.30
C SER C 464 -19.26 -25.55 -14.48
N HIS C 465 -19.71 -25.77 -15.71
CA HIS C 465 -20.80 -26.69 -15.98
C HIS C 465 -20.36 -28.14 -16.11
N ILE C 466 -19.13 -28.46 -15.74
CA ILE C 466 -18.64 -29.83 -15.71
C ILE C 466 -18.09 -30.12 -14.32
N ASN C 467 -18.51 -31.24 -13.73
CA ASN C 467 -18.05 -31.65 -12.41
C ASN C 467 -17.08 -32.83 -12.47
N ASN C 468 -16.40 -33.01 -13.59
CA ASN C 468 -15.48 -34.13 -13.78
C ASN C 468 -14.20 -33.65 -14.44
N ARG C 469 -13.08 -34.23 -14.01
CA ARG C 469 -11.76 -33.72 -14.38
C ARG C 469 -11.30 -34.25 -15.73
N ASP C 470 -11.28 -35.57 -15.89
CA ASP C 470 -10.85 -36.15 -17.16
C ASP C 470 -11.81 -35.84 -18.30
N GLN C 471 -13.05 -35.47 -17.99
CA GLN C 471 -13.88 -34.75 -18.96
C GLN C 471 -13.16 -33.54 -19.52
N ILE C 472 -12.62 -32.70 -18.64
CA ILE C 472 -11.94 -31.49 -19.09
C ILE C 472 -10.69 -31.87 -19.87
N ILE C 473 -10.00 -32.93 -19.41
CA ILE C 473 -8.77 -33.39 -20.04
C ILE C 473 -9.01 -33.79 -21.49
N PHE C 474 -9.99 -34.68 -21.72
CA PHE C 474 -10.28 -35.06 -23.10
C PHE C 474 -10.94 -33.93 -23.86
N MET C 475 -11.75 -33.12 -23.19
CA MET C 475 -12.66 -32.22 -23.87
C MET C 475 -11.88 -31.05 -24.46
N VAL C 476 -10.86 -30.56 -23.75
CA VAL C 476 -9.96 -29.60 -24.37
C VAL C 476 -8.71 -30.25 -24.95
N GLY C 477 -8.51 -31.55 -24.72
CA GLY C 477 -7.40 -32.24 -25.36
C GLY C 477 -7.58 -32.37 -26.86
N ARG C 478 -8.81 -32.54 -27.31
CA ARG C 478 -9.13 -32.59 -28.74
C ARG C 478 -9.48 -31.23 -29.31
N GLY C 479 -9.40 -30.17 -28.50
CA GLY C 479 -9.83 -28.86 -28.96
C GLY C 479 -11.32 -28.71 -29.12
N TYR C 480 -12.11 -29.58 -28.50
CA TYR C 480 -13.56 -29.55 -28.67
C TYR C 480 -14.25 -28.44 -27.89
N ALA C 481 -13.54 -27.76 -26.98
CA ALA C 481 -14.12 -26.64 -26.25
C ALA C 481 -13.07 -25.59 -25.96
N SER C 482 -13.55 -24.37 -25.75
CA SER C 482 -12.77 -23.24 -25.28
C SER C 482 -13.56 -22.59 -24.15
N PRO C 483 -12.90 -21.85 -23.26
CA PRO C 483 -13.63 -21.11 -22.23
C PRO C 483 -14.57 -20.08 -22.87
N ASP C 484 -15.73 -19.91 -22.24
CA ASP C 484 -16.79 -19.06 -22.80
C ASP C 484 -16.39 -17.60 -22.68
N LEU C 485 -16.40 -16.89 -23.81
CA LEU C 485 -16.18 -15.45 -23.80
C LEU C 485 -17.47 -14.67 -23.66
N SER C 486 -18.62 -15.34 -23.57
CA SER C 486 -19.89 -14.64 -23.39
C SER C 486 -20.05 -14.11 -21.98
N LYS C 487 -19.34 -14.69 -21.01
CA LYS C 487 -19.46 -14.25 -19.62
C LYS C 487 -18.65 -12.99 -19.33
N LEU C 488 -17.84 -12.53 -20.28
CA LEU C 488 -17.14 -11.25 -20.10
C LEU C 488 -18.14 -10.11 -20.10
N TYR C 489 -17.90 -9.14 -19.21
CA TYR C 489 -18.86 -8.06 -19.00
C TYR C 489 -18.83 -7.08 -20.16
N LYS C 490 -19.96 -6.39 -20.37
CA LYS C 490 -20.05 -5.45 -21.48
C LYS C 490 -19.30 -4.16 -21.21
N ASN C 491 -19.13 -3.80 -19.93
CA ASN C 491 -18.38 -2.60 -19.59
C ASN C 491 -16.87 -2.79 -19.78
N CYS C 492 -16.42 -4.03 -19.99
CA CYS C 492 -15.03 -4.29 -20.26
C CYS C 492 -14.63 -3.74 -21.63
N PRO C 493 -13.41 -3.20 -21.75
CA PRO C 493 -12.93 -2.75 -23.07
C PRO C 493 -12.76 -3.90 -24.04
N LYS C 494 -13.00 -3.60 -25.31
CA LYS C 494 -12.98 -4.63 -26.34
C LYS C 494 -11.57 -5.08 -26.68
N ALA C 495 -10.58 -4.21 -26.42
CA ALA C 495 -9.19 -4.53 -26.75
C ALA C 495 -8.67 -5.69 -25.93
N MET C 496 -8.93 -5.68 -24.62
CA MET C 496 -8.44 -6.82 -23.83
C MET C 496 -9.34 -8.02 -24.03
N LYS C 497 -10.57 -7.82 -24.49
CA LYS C 497 -11.41 -8.95 -24.90
C LYS C 497 -10.79 -9.70 -26.08
N ARG C 498 -10.38 -8.96 -27.12
CA ARG C 498 -9.75 -9.63 -28.25
C ARG C 498 -8.37 -10.13 -27.89
N LEU C 499 -7.71 -9.51 -26.90
CA LEU C 499 -6.45 -10.03 -26.38
C LEU C 499 -6.65 -11.39 -25.74
N VAL C 500 -7.66 -11.51 -24.87
CA VAL C 500 -7.99 -12.79 -24.24
C VAL C 500 -8.39 -13.81 -25.30
N ALA C 501 -9.10 -13.35 -26.33
CA ALA C 501 -9.57 -14.25 -27.39
C ALA C 501 -8.40 -14.83 -28.17
N ASP C 502 -7.48 -13.98 -28.65
CA ASP C 502 -6.42 -14.49 -29.50
C ASP C 502 -5.21 -15.01 -28.72
N CYS C 503 -5.19 -14.86 -27.40
CA CYS C 503 -4.09 -15.45 -26.63
C CYS C 503 -4.43 -16.84 -26.09
N VAL C 504 -5.64 -17.32 -26.29
CA VAL C 504 -6.01 -18.67 -25.86
C VAL C 504 -6.25 -19.58 -27.07
N LYS C 505 -5.70 -19.21 -28.22
CA LYS C 505 -5.91 -19.96 -29.45
C LYS C 505 -5.34 -21.36 -29.36
N LYS C 506 -6.02 -22.32 -30.00
CA LYS C 506 -5.56 -23.70 -30.00
C LYS C 506 -4.29 -23.89 -30.80
N VAL C 507 -3.98 -22.97 -31.72
CA VAL C 507 -2.75 -23.02 -32.50
C VAL C 507 -1.66 -22.30 -31.73
N LYS C 508 -0.48 -22.93 -31.65
CA LYS C 508 0.64 -22.35 -30.91
C LYS C 508 1.12 -21.06 -31.56
N GLU C 509 1.15 -21.01 -32.89
CA GLU C 509 1.71 -19.86 -33.58
C GLU C 509 0.82 -18.63 -33.45
N GLU C 510 -0.49 -18.83 -33.26
CA GLU C 510 -1.41 -17.69 -33.19
C GLU C 510 -1.33 -16.95 -31.87
N ARG C 511 -0.75 -17.57 -30.84
CA ARG C 511 -0.64 -16.91 -29.54
C ARG C 511 0.49 -15.89 -29.57
N PRO C 512 0.21 -14.62 -29.27
CA PRO C 512 1.26 -13.60 -29.34
C PRO C 512 2.24 -13.70 -28.18
N LEU C 513 3.41 -13.10 -28.40
CA LEU C 513 4.43 -13.00 -27.36
C LEU C 513 4.15 -11.82 -26.44
N PHE C 514 4.79 -11.83 -25.28
CA PHE C 514 4.58 -10.86 -24.21
C PHE C 514 4.85 -9.38 -24.52
N PRO C 515 5.91 -8.99 -25.28
CA PRO C 515 6.11 -7.53 -25.51
C PRO C 515 4.94 -6.80 -26.14
N GLN C 516 4.31 -7.36 -27.17
CA GLN C 516 3.14 -6.70 -27.73
C GLN C 516 1.92 -6.83 -26.83
N ILE C 517 1.88 -7.85 -25.95
CA ILE C 517 0.83 -7.91 -24.93
C ILE C 517 0.95 -6.73 -23.99
N LEU C 518 2.17 -6.45 -23.52
CA LEU C 518 2.40 -5.30 -22.65
C LEU C 518 2.13 -3.99 -23.39
N SER C 519 2.47 -3.93 -24.68
CA SER C 519 2.20 -2.73 -25.47
C SER C 519 0.69 -2.47 -25.57
N SER C 520 -0.08 -3.52 -25.85
CA SER C 520 -1.53 -3.39 -25.93
C SER C 520 -2.12 -3.00 -24.57
N ILE C 521 -1.58 -3.57 -23.49
CA ILE C 521 -2.10 -3.27 -22.17
C ILE C 521 -1.80 -1.83 -21.77
N GLU C 522 -0.61 -1.33 -22.11
CA GLU C 522 -0.30 0.07 -21.75
C GLU C 522 -1.07 1.04 -22.65
N LEU C 523 -1.34 0.67 -23.90
CA LEU C 523 -2.22 1.49 -24.73
C LEU C 523 -3.63 1.54 -24.15
N LEU C 524 -4.13 0.40 -23.65
CA LEU C 524 -5.42 0.38 -22.99
C LEU C 524 -5.39 1.20 -21.70
N GLN C 525 -4.26 1.17 -20.99
CA GLN C 525 -4.08 2.00 -19.79
C GLN C 525 -4.18 3.49 -20.14
N HIS C 526 -3.53 3.89 -21.23
CA HIS C 526 -3.62 5.28 -21.67
C HIS C 526 -5.01 5.63 -22.15
N SER C 527 -5.75 4.65 -22.66
CA SER C 527 -7.11 4.87 -23.13
C SER C 527 -8.16 4.34 -22.15
N LEU C 528 -7.80 4.19 -20.88
CA LEU C 528 -8.76 3.72 -19.88
C LEU C 528 -9.81 4.79 -19.59
N PRO C 529 -11.01 4.37 -19.21
CA PRO C 529 -11.93 5.28 -18.52
C PRO C 529 -11.59 5.35 -17.04
N LYS C 530 -12.46 5.98 -16.25
CA LYS C 530 -12.19 6.11 -14.82
C LYS C 530 -13.34 5.56 -13.99
N ILE C 531 -13.34 5.85 -12.69
CA ILE C 531 -14.37 5.43 -11.75
C ILE C 531 -15.73 5.96 -12.15
N ASN C 532 -16.78 5.39 -11.57
CA ASN C 532 -18.15 5.61 -11.99
C ASN C 532 -18.62 7.01 -11.58
N ARG C 533 -19.91 7.29 -11.81
CA ARG C 533 -20.60 8.56 -11.60
C ARG C 533 -20.01 9.60 -12.58
N SER C 534 -20.35 10.88 -12.46
CA SER C 534 -19.98 11.86 -13.48
C SER C 534 -19.20 13.04 -12.95
N ALA C 535 -18.83 13.05 -11.67
CA ALA C 535 -17.99 14.07 -11.03
C ALA C 535 -18.56 15.49 -11.13
N GLU C 537 -19.21 19.43 -9.18
CA GLU C 537 -18.32 20.42 -8.62
C GLU C 537 -17.87 20.01 -7.22
N PRO C 538 -16.55 19.90 -7.00
CA PRO C 538 -16.06 19.61 -5.66
C PRO C 538 -16.34 20.76 -4.69
N SER C 539 -16.54 20.41 -3.42
CA SER C 539 -16.85 21.38 -2.38
C SER C 539 -15.58 22.11 -1.97
N LEU C 540 -15.23 23.12 -2.75
CA LEU C 540 -14.06 23.95 -2.45
C LEU C 540 -14.48 25.26 -1.81
N LYS D 60 -25.85 -44.25 19.29
CA LYS D 60 -25.38 -43.93 20.63
C LYS D 60 -24.34 -42.81 20.59
N VAL D 61 -23.65 -42.69 19.46
CA VAL D 61 -22.63 -41.67 19.27
C VAL D 61 -23.31 -40.33 19.05
N GLY D 62 -22.94 -39.34 19.85
CA GLY D 62 -23.55 -38.03 19.74
C GLY D 62 -22.83 -37.11 18.79
N GLU D 63 -22.74 -35.83 19.15
CA GLU D 63 -22.08 -34.85 18.31
C GLU D 63 -20.56 -35.06 18.35
N LEU D 64 -19.91 -34.87 17.20
CA LEU D 64 -18.52 -35.23 17.02
C LEU D 64 -17.64 -33.97 17.02
N LYS D 65 -16.60 -33.97 17.84
CA LYS D 65 -15.65 -32.89 17.91
C LYS D 65 -14.23 -33.43 17.77
N ASP D 66 -13.30 -32.53 17.43
CA ASP D 66 -11.93 -32.94 17.13
C ASP D 66 -11.16 -33.37 18.37
N ASP D 67 -11.52 -32.85 19.55
CA ASP D 67 -10.85 -33.25 20.78
C ASP D 67 -11.18 -34.69 21.17
N ASP D 68 -12.32 -35.21 20.72
CA ASP D 68 -12.72 -36.58 21.02
C ASP D 68 -11.94 -37.61 20.21
N PHE D 69 -11.19 -37.19 19.20
CA PHE D 69 -10.47 -38.09 18.32
C PHE D 69 -8.98 -38.01 18.60
N GLU D 70 -8.35 -39.16 18.79
CA GLU D 70 -6.91 -39.27 19.01
C GLU D 70 -6.31 -40.16 17.92
N LYS D 71 -5.23 -39.70 17.31
CA LYS D 71 -4.63 -40.42 16.18
C LYS D 71 -4.00 -41.72 16.63
N ILE D 72 -4.26 -42.79 15.88
CA ILE D 72 -3.70 -44.11 16.14
C ILE D 72 -2.77 -44.55 15.02
N SER D 73 -3.28 -44.57 13.78
CA SER D 73 -2.48 -44.98 12.64
C SER D 73 -3.08 -44.37 11.37
N GLU D 74 -2.39 -44.57 10.26
CA GLU D 74 -2.77 -44.05 8.96
C GLU D 74 -3.13 -45.20 8.02
N LEU D 75 -4.24 -45.05 7.31
CA LEU D 75 -4.64 -46.06 6.32
C LEU D 75 -4.08 -45.69 4.95
N VAL D 82 -6.23 -38.55 2.41
CA VAL D 82 -5.46 -39.22 3.44
C VAL D 82 -6.39 -39.74 4.53
N VAL D 83 -6.29 -41.03 4.82
CA VAL D 83 -7.16 -41.70 5.79
C VAL D 83 -6.35 -42.01 7.04
N PHE D 84 -6.90 -41.67 8.20
CA PHE D 84 -6.31 -41.98 9.48
C PHE D 84 -7.19 -42.99 10.23
N LYS D 85 -6.60 -43.59 11.26
CA LYS D 85 -7.34 -44.40 12.21
C LYS D 85 -7.31 -43.71 13.56
N VAL D 86 -8.49 -43.50 14.15
CA VAL D 86 -8.64 -42.80 15.41
C VAL D 86 -9.60 -43.58 16.30
N SER D 87 -9.89 -43.02 17.48
CA SER D 87 -10.86 -43.58 18.40
C SER D 87 -11.65 -42.45 19.02
N HIS D 88 -12.90 -42.74 19.37
CA HIS D 88 -13.82 -41.77 19.96
C HIS D 88 -13.90 -42.06 21.46
N LYS D 89 -13.24 -41.22 22.26
CA LYS D 89 -13.15 -41.44 23.71
C LYS D 89 -14.48 -41.36 24.49
N PRO D 90 -15.54 -40.66 24.05
CA PRO D 90 -16.84 -40.92 24.71
C PRO D 90 -17.40 -42.30 24.44
N SER D 91 -16.96 -42.98 23.38
CA SER D 91 -17.46 -44.31 23.05
C SER D 91 -16.43 -45.41 23.17
N GLY D 92 -15.16 -45.12 22.89
CA GLY D 92 -14.10 -46.11 23.00
C GLY D 92 -13.94 -47.01 21.80
N LEU D 93 -14.80 -46.88 20.79
CA LEU D 93 -14.69 -47.71 19.60
C LEU D 93 -13.63 -47.15 18.66
N VAL D 94 -13.03 -48.06 17.88
CA VAL D 94 -12.09 -47.65 16.85
C VAL D 94 -12.85 -46.95 15.72
N MET D 95 -12.24 -45.90 15.17
CA MET D 95 -12.89 -45.00 14.24
C MET D 95 -12.00 -44.76 13.03
N ALA D 96 -12.60 -44.72 11.84
CA ALA D 96 -11.87 -44.41 10.62
C ALA D 96 -11.96 -42.92 10.35
N ARG D 97 -10.82 -42.32 10.03
CA ARG D 97 -10.67 -40.86 9.98
C ARG D 97 -10.22 -40.47 8.58
N LYS D 98 -11.19 -40.07 7.75
CA LYS D 98 -10.91 -39.65 6.37
C LYS D 98 -10.92 -38.14 6.31
N LEU D 99 -9.80 -37.54 5.96
CA LEU D 99 -9.65 -36.10 5.88
C LEU D 99 -9.38 -35.69 4.45
N ILE D 100 -10.00 -34.58 4.02
CA ILE D 100 -9.79 -34.05 2.68
C ILE D 100 -9.71 -32.52 2.76
N HIS D 101 -8.76 -31.93 2.05
CA HIS D 101 -8.55 -30.49 2.06
C HIS D 101 -9.42 -29.83 0.99
N LEU D 102 -9.97 -28.68 1.32
CA LEU D 102 -10.95 -28.04 0.45
C LEU D 102 -11.02 -26.56 0.82
N GLU D 103 -11.24 -25.72 -0.19
CA GLU D 103 -11.30 -24.27 0.00
C GLU D 103 -12.51 -23.71 -0.73
N ILE D 104 -13.49 -23.23 0.02
CA ILE D 104 -14.67 -22.61 -0.56
C ILE D 104 -15.22 -21.65 0.50
N LYS D 105 -16.21 -20.84 0.15
CA LYS D 105 -16.88 -19.96 1.10
C LYS D 105 -17.52 -20.77 2.22
N PRO D 106 -17.57 -20.22 3.44
CA PRO D 106 -18.15 -20.98 4.57
C PRO D 106 -19.63 -21.34 4.41
N ALA D 107 -20.40 -20.51 3.70
CA ALA D 107 -21.80 -20.84 3.48
C ALA D 107 -21.95 -22.09 2.62
N ILE D 108 -21.04 -22.26 1.64
CA ILE D 108 -21.10 -23.43 0.78
C ILE D 108 -20.82 -24.70 1.56
N ARG D 109 -19.78 -24.70 2.41
CA ARG D 109 -19.49 -25.89 3.20
C ARG D 109 -20.54 -26.12 4.28
N ASN D 110 -21.21 -25.06 4.75
CA ASN D 110 -22.38 -25.24 5.61
C ASN D 110 -23.50 -25.96 4.88
N GLN D 111 -23.73 -25.58 3.62
CA GLN D 111 -24.70 -26.30 2.78
C GLN D 111 -24.28 -27.75 2.58
N ILE D 112 -22.98 -27.98 2.38
CA ILE D 112 -22.45 -29.34 2.22
C ILE D 112 -22.74 -30.17 3.47
N ILE D 113 -22.49 -29.60 4.65
CA ILE D 113 -22.78 -30.29 5.91
C ILE D 113 -24.28 -30.60 6.01
N ARG D 114 -25.11 -29.62 5.63
CA ARG D 114 -26.56 -29.78 5.67
C ARG D 114 -27.02 -30.93 4.77
N GLU D 115 -26.47 -31.03 3.57
CA GLU D 115 -26.91 -32.09 2.67
C GLU D 115 -26.20 -33.42 2.91
N LEU D 116 -25.11 -33.45 3.66
CA LEU D 116 -24.57 -34.74 4.08
C LEU D 116 -25.15 -35.20 5.40
N GLN D 117 -26.01 -34.39 6.04
CA GLN D 117 -26.86 -34.93 7.11
C GLN D 117 -27.79 -36.03 6.60
N VAL D 118 -28.05 -36.08 5.30
CA VAL D 118 -28.85 -37.13 4.68
C VAL D 118 -28.18 -38.50 4.80
N LEU D 119 -26.87 -38.54 5.08
CA LEU D 119 -26.14 -39.80 5.17
C LEU D 119 -26.55 -40.67 6.35
N HIS D 120 -27.36 -40.14 7.27
CA HIS D 120 -27.77 -40.90 8.44
C HIS D 120 -28.72 -42.04 8.08
N GLU D 121 -29.59 -41.81 7.09
CA GLU D 121 -30.64 -42.76 6.78
C GLU D 121 -30.20 -43.94 5.92
N CYS D 122 -28.98 -43.93 5.37
CA CYS D 122 -28.54 -45.07 4.56
C CYS D 122 -28.04 -46.17 5.50
N ASN D 123 -28.74 -47.30 5.50
CA ASN D 123 -28.38 -48.43 6.37
C ASN D 123 -28.61 -49.72 5.61
N SER D 124 -27.52 -50.47 5.40
CA SER D 124 -27.57 -51.74 4.71
C SER D 124 -26.39 -52.57 5.20
N PRO D 125 -26.48 -53.91 5.14
CA PRO D 125 -25.32 -54.73 5.52
C PRO D 125 -24.08 -54.50 4.66
N TYR D 126 -24.25 -54.01 3.42
CA TYR D 126 -23.14 -53.91 2.47
C TYR D 126 -22.87 -52.46 2.09
N ILE D 127 -23.01 -51.56 3.05
CA ILE D 127 -22.53 -50.19 2.94
C ILE D 127 -21.85 -49.85 4.27
N VAL D 128 -20.72 -49.11 4.19
CA VAL D 128 -20.00 -48.77 5.41
C VAL D 128 -20.83 -47.75 6.19
N GLY D 129 -20.99 -48.00 7.49
CA GLY D 129 -21.85 -47.16 8.31
C GLY D 129 -21.30 -45.76 8.50
N PHE D 130 -22.22 -44.83 8.71
CA PHE D 130 -21.91 -43.42 8.89
C PHE D 130 -22.22 -43.02 10.33
N TYR D 131 -21.40 -42.15 10.90
CA TYR D 131 -21.55 -41.77 12.29
C TYR D 131 -21.65 -40.26 12.52
N GLY D 132 -20.95 -39.45 11.73
CA GLY D 132 -21.04 -38.01 11.91
C GLY D 132 -20.02 -37.30 11.06
N ALA D 133 -20.01 -35.98 11.19
CA ALA D 133 -19.09 -35.13 10.45
C ALA D 133 -19.04 -33.75 11.10
N PHE D 134 -18.00 -33.00 10.76
CA PHE D 134 -17.81 -31.64 11.25
C PHE D 134 -16.81 -30.92 10.36
N TYR D 135 -16.61 -29.63 10.65
CA TYR D 135 -15.64 -28.81 9.95
C TYR D 135 -14.74 -28.15 10.98
N SER D 136 -13.43 -28.34 10.86
CA SER D 136 -12.52 -27.88 11.89
C SER D 136 -11.17 -27.54 11.27
N ASP D 137 -10.55 -26.46 11.77
CA ASP D 137 -9.20 -26.04 11.42
C ASP D 137 -9.05 -25.79 9.92
N GLY D 138 -10.09 -25.22 9.31
CA GLY D 138 -10.07 -25.00 7.88
C GLY D 138 -10.14 -26.26 7.04
N GLU D 139 -10.60 -27.36 7.61
CA GLU D 139 -10.57 -28.67 6.95
C GLU D 139 -11.90 -29.36 7.18
N ILE D 140 -12.54 -29.77 6.09
CA ILE D 140 -13.82 -30.46 6.16
C ILE D 140 -13.59 -31.92 6.54
N SER D 141 -14.31 -32.39 7.55
CA SER D 141 -14.06 -33.70 8.14
C SER D 141 -15.29 -34.58 7.97
N ILE D 142 -15.13 -35.67 7.24
CA ILE D 142 -16.14 -36.73 7.15
C ILE D 142 -15.60 -37.94 7.91
N CYS D 143 -16.47 -38.64 8.62
CA CYS D 143 -16.07 -39.74 9.47
C CYS D 143 -16.61 -41.04 8.91
N MET D 144 -15.87 -42.12 9.15
CA MET D 144 -16.12 -43.38 8.48
C MET D 144 -16.06 -44.48 9.54
N GLU D 145 -16.85 -45.53 9.36
CA GLU D 145 -16.77 -46.67 10.26
C GLU D 145 -15.46 -47.42 9.99
N HIS D 146 -14.78 -47.84 11.06
CA HIS D 146 -13.47 -48.47 10.88
C HIS D 146 -13.63 -49.83 10.21
N MET D 147 -12.74 -50.11 9.25
CA MET D 147 -12.99 -51.19 8.29
C MET D 147 -11.67 -51.97 8.29
N ASP D 148 -11.58 -52.99 9.16
CA ASP D 148 -10.28 -53.53 9.54
C ASP D 148 -9.58 -54.31 8.43
N GLY D 149 -10.33 -55.01 7.57
CA GLY D 149 -9.68 -55.77 6.51
C GLY D 149 -9.06 -54.91 5.43
N GLY D 150 -9.55 -53.69 5.24
CA GLY D 150 -8.98 -52.78 4.28
C GLY D 150 -9.56 -52.94 2.88
N SER D 151 -9.09 -52.08 1.98
CA SER D 151 -9.53 -52.09 0.60
C SER D 151 -8.85 -53.22 -0.18
N LEU D 152 -9.35 -53.46 -1.39
CA LEU D 152 -8.84 -54.54 -2.21
C LEU D 152 -7.48 -54.24 -2.83
N ASP D 153 -7.01 -53.00 -2.78
CA ASP D 153 -5.73 -52.66 -3.42
C ASP D 153 -4.57 -53.34 -2.68
N GLN D 154 -4.54 -53.21 -1.36
CA GLN D 154 -3.51 -53.91 -0.60
C GLN D 154 -3.73 -55.41 -0.59
N VAL D 155 -4.99 -55.86 -0.73
CA VAL D 155 -5.28 -57.29 -0.82
C VAL D 155 -4.65 -57.88 -2.08
N LEU D 156 -4.82 -57.20 -3.22
CA LEU D 156 -4.21 -57.69 -4.45
C LEU D 156 -2.70 -57.44 -4.45
N LYS D 157 -2.22 -56.45 -3.68
CA LYS D 157 -0.80 -56.24 -3.56
C LYS D 157 -0.12 -57.38 -2.80
N LYS D 158 -0.76 -57.86 -1.73
CA LYS D 158 -0.21 -58.96 -0.95
C LYS D 158 -0.64 -60.33 -1.45
N ALA D 159 -1.56 -60.40 -2.41
CA ALA D 159 -2.04 -61.68 -2.93
C ALA D 159 -1.73 -61.89 -4.40
N GLY D 160 -1.38 -60.84 -5.15
CA GLY D 160 -1.06 -60.98 -6.55
C GLY D 160 -2.29 -61.11 -7.44
N ARG D 161 -2.98 -62.24 -7.34
CA ARG D 161 -4.18 -62.50 -8.13
C ARG D 161 -5.31 -62.90 -7.20
N ILE D 162 -6.47 -63.20 -7.79
CA ILE D 162 -7.68 -63.48 -7.02
C ILE D 162 -8.38 -64.70 -7.63
N PRO D 163 -8.99 -65.55 -6.82
CA PRO D 163 -9.85 -66.60 -7.38
C PRO D 163 -11.12 -66.04 -7.98
N GLU D 164 -11.69 -66.80 -8.91
CA GLU D 164 -12.91 -66.40 -9.59
C GLU D 164 -14.12 -66.46 -8.66
N GLN D 165 -14.09 -67.37 -7.68
CA GLN D 165 -15.20 -67.50 -6.74
C GLN D 165 -15.35 -66.25 -5.88
N ILE D 166 -14.23 -65.70 -5.42
CA ILE D 166 -14.24 -64.45 -4.67
C ILE D 166 -14.72 -63.31 -5.55
N LEU D 167 -14.39 -63.36 -6.85
CA LEU D 167 -14.90 -62.37 -7.79
C LEU D 167 -16.42 -62.48 -7.92
N GLY D 168 -16.96 -63.69 -7.93
CA GLY D 168 -18.40 -63.84 -7.93
C GLY D 168 -19.04 -63.32 -6.66
N LYS D 169 -18.40 -63.54 -5.52
CA LYS D 169 -18.92 -63.04 -4.25
C LYS D 169 -18.93 -61.52 -4.22
N VAL D 170 -17.86 -60.88 -4.69
CA VAL D 170 -17.83 -59.43 -4.65
C VAL D 170 -18.73 -58.85 -5.75
N SER D 171 -18.98 -59.61 -6.82
CA SER D 171 -20.00 -59.20 -7.79
C SER D 171 -21.38 -59.20 -7.16
N ILE D 172 -21.68 -60.25 -6.37
CA ILE D 172 -22.93 -60.31 -5.61
C ILE D 172 -23.04 -59.09 -4.70
N ALA D 173 -21.95 -58.79 -4.00
CA ALA D 173 -21.93 -57.67 -3.06
C ALA D 173 -22.20 -56.33 -3.76
N VAL D 174 -21.51 -56.09 -4.88
CA VAL D 174 -21.63 -54.81 -5.54
C VAL D 174 -23.01 -54.65 -6.18
N ILE D 175 -23.58 -55.72 -6.75
CA ILE D 175 -24.90 -55.58 -7.35
C ILE D 175 -25.97 -55.40 -6.27
N LYS D 176 -25.83 -56.08 -5.13
CA LYS D 176 -26.82 -55.91 -4.06
C LYS D 176 -26.76 -54.51 -3.46
N GLY D 177 -25.54 -54.01 -3.19
CA GLY D 177 -25.41 -52.66 -2.68
C GLY D 177 -25.89 -51.60 -3.66
N LEU D 178 -25.60 -51.81 -4.95
CA LEU D 178 -25.99 -50.83 -5.95
C LEU D 178 -27.51 -50.80 -6.15
N THR D 179 -28.15 -51.96 -6.17
CA THR D 179 -29.61 -51.99 -6.24
C THR D 179 -30.24 -51.40 -4.99
N TYR D 180 -29.63 -51.63 -3.82
CA TYR D 180 -30.11 -50.99 -2.60
C TYR D 180 -30.06 -49.47 -2.72
N LEU D 181 -28.92 -48.94 -3.19
CA LEU D 181 -28.77 -47.50 -3.34
C LEU D 181 -29.77 -46.92 -4.34
N ARG D 182 -29.97 -47.62 -5.46
CA ARG D 182 -30.90 -47.14 -6.46
C ARG D 182 -32.34 -47.16 -5.95
N GLU D 183 -32.74 -48.23 -5.25
CA GLU D 183 -34.13 -48.35 -4.84
C GLU D 183 -34.43 -47.55 -3.57
N LYS D 184 -33.42 -47.15 -2.81
CA LYS D 184 -33.69 -46.43 -1.57
C LYS D 184 -33.34 -44.95 -1.63
N HIS D 185 -32.43 -44.53 -2.52
CA HIS D 185 -32.07 -43.13 -2.59
C HIS D 185 -32.05 -42.56 -3.99
N LYS D 186 -32.18 -43.38 -5.04
CA LYS D 186 -32.12 -42.95 -6.45
C LYS D 186 -30.80 -42.25 -6.76
N ILE D 187 -29.72 -42.68 -6.12
CA ILE D 187 -28.41 -42.06 -6.28
C ILE D 187 -27.40 -43.14 -6.65
N MET D 188 -26.66 -42.91 -7.72
CA MET D 188 -25.63 -43.84 -8.18
C MET D 188 -24.33 -43.58 -7.41
N HIS D 189 -23.24 -44.23 -7.84
CA HIS D 189 -21.98 -44.20 -7.11
C HIS D 189 -20.94 -43.30 -7.75
N ARG D 190 -20.74 -43.45 -9.07
CA ARG D 190 -19.87 -42.63 -9.93
C ARG D 190 -18.38 -42.84 -9.69
N ASP D 191 -18.01 -43.56 -8.64
CA ASP D 191 -16.61 -43.83 -8.31
C ASP D 191 -16.43 -45.28 -7.87
N VAL D 192 -16.98 -46.22 -8.62
CA VAL D 192 -16.69 -47.62 -8.32
C VAL D 192 -15.28 -47.96 -8.79
N LYS D 193 -14.35 -47.91 -7.84
CA LYS D 193 -12.93 -48.15 -8.06
C LYS D 193 -12.51 -49.40 -7.30
N PRO D 194 -11.39 -50.01 -7.68
CA PRO D 194 -10.83 -51.07 -6.83
C PRO D 194 -10.47 -50.57 -5.43
N SER D 195 -10.06 -49.31 -5.31
CA SER D 195 -9.75 -48.74 -4.01
C SER D 195 -10.98 -48.51 -3.15
N ASN D 196 -12.15 -48.29 -3.76
CA ASN D 196 -13.36 -47.98 -3.02
C ASN D 196 -14.11 -49.21 -2.54
N ILE D 197 -13.62 -50.41 -2.83
CA ILE D 197 -14.27 -51.65 -2.39
C ILE D 197 -13.54 -52.14 -1.16
N LEU D 198 -14.28 -52.36 -0.08
CA LEU D 198 -13.71 -52.61 1.24
C LEU D 198 -14.14 -53.97 1.75
N VAL D 199 -13.24 -54.65 2.45
CA VAL D 199 -13.52 -55.96 3.05
C VAL D 199 -13.12 -55.93 4.51
N ASN D 200 -13.63 -56.88 5.28
CA ASN D 200 -13.34 -56.95 6.71
C ASN D 200 -13.09 -58.40 7.10
N SER D 201 -12.72 -58.59 8.36
CA SER D 201 -12.55 -59.94 8.91
C SER D 201 -13.89 -60.67 9.02
N ARG D 202 -15.00 -59.94 9.07
CA ARG D 202 -16.32 -60.56 9.09
C ARG D 202 -16.83 -60.92 7.70
N GLY D 203 -16.08 -60.60 6.65
CA GLY D 203 -16.47 -60.95 5.30
C GLY D 203 -17.50 -60.05 4.67
N GLU D 204 -17.77 -58.89 5.26
CA GLU D 204 -18.70 -57.93 4.67
C GLU D 204 -17.98 -57.09 3.63
N ILE D 205 -18.47 -57.12 2.40
CA ILE D 205 -17.96 -56.29 1.31
C ILE D 205 -18.91 -55.13 1.15
N LYS D 206 -18.44 -53.92 1.43
CA LYS D 206 -19.29 -52.75 1.51
C LYS D 206 -18.77 -51.66 0.59
N LEU D 207 -19.70 -50.80 0.17
CA LEU D 207 -19.39 -49.65 -0.67
C LEU D 207 -19.07 -48.43 0.19
N CYS D 208 -18.48 -47.42 -0.45
CA CYS D 208 -18.16 -46.16 0.21
C CYS D 208 -17.94 -45.09 -0.84
N ASP D 209 -17.89 -43.84 -0.37
CA ASP D 209 -17.44 -42.68 -1.14
C ASP D 209 -18.33 -42.38 -2.34
N PHE D 210 -19.60 -42.74 -2.27
CA PHE D 210 -20.50 -42.56 -3.40
C PHE D 210 -20.95 -41.11 -3.53
N GLY D 211 -21.45 -40.76 -4.71
CA GLY D 211 -21.75 -39.39 -5.06
C GLY D 211 -23.06 -38.85 -4.52
N VAL D 212 -23.08 -38.51 -3.24
CA VAL D 212 -24.33 -38.08 -2.60
C VAL D 212 -24.55 -36.56 -2.69
N SER D 213 -23.51 -35.75 -2.54
CA SER D 213 -23.63 -34.30 -2.45
C SER D 213 -23.04 -33.66 -3.69
N GLY D 214 -23.91 -33.21 -4.60
CA GLY D 214 -23.45 -32.70 -5.89
C GLY D 214 -22.54 -31.50 -5.79
N GLN D 215 -22.80 -30.63 -4.81
CA GLN D 215 -21.90 -29.50 -4.57
C GLN D 215 -20.53 -29.96 -4.10
N LEU D 216 -20.44 -31.14 -3.47
CA LEU D 216 -19.14 -31.65 -3.05
C LEU D 216 -18.33 -32.16 -4.23
N ILE D 217 -18.98 -32.81 -5.21
CA ILE D 217 -18.32 -33.14 -6.47
C ILE D 217 -17.87 -31.87 -7.18
N ASP D 218 -18.73 -30.84 -7.18
CA ASP D 218 -18.32 -29.56 -7.74
C ASP D 218 -17.17 -28.95 -6.96
N ALA D 219 -17.05 -29.27 -5.67
CA ALA D 219 -16.01 -28.71 -4.83
C ALA D 219 -14.64 -29.29 -5.19
N MET D 220 -14.50 -30.61 -5.09
CA MET D 220 -13.17 -31.24 -5.31
C MET D 220 -12.93 -31.62 -6.78
N ALA D 221 -13.89 -31.36 -7.68
CA ALA D 221 -13.72 -31.80 -9.06
C ALA D 221 -12.41 -31.34 -9.68
N ASN D 222 -11.71 -30.38 -9.07
CA ASN D 222 -10.47 -29.86 -9.63
C ASN D 222 -9.31 -30.83 -9.56
N ALA D 223 -9.09 -31.48 -8.41
CA ALA D 223 -7.92 -32.31 -8.25
C ALA D 223 -8.29 -33.69 -7.70
N PHE D 224 -7.68 -34.72 -8.29
CA PHE D 224 -7.88 -36.10 -7.86
C PHE D 224 -6.58 -36.88 -7.87
N VAL D 225 -5.46 -36.21 -8.21
CA VAL D 225 -4.18 -36.83 -8.56
C VAL D 225 -4.43 -37.79 -9.72
N GLY D 226 -4.90 -39.01 -9.40
CA GLY D 226 -5.54 -39.92 -10.35
C GLY D 226 -4.86 -40.20 -11.68
N THR D 227 -3.74 -40.91 -11.67
CA THR D 227 -3.05 -41.21 -12.92
C THR D 227 -3.80 -42.23 -13.77
N ARG D 228 -4.72 -42.99 -13.18
CA ARG D 228 -5.49 -43.99 -13.91
C ARG D 228 -6.97 -43.82 -13.61
N SER D 229 -7.80 -43.95 -14.66
CA SER D 229 -9.23 -43.72 -14.55
C SER D 229 -10.01 -44.91 -15.07
N TYR D 230 -11.25 -45.03 -14.62
CA TYR D 230 -12.18 -46.09 -14.98
C TYR D 230 -13.56 -45.50 -15.31
N MET D 231 -13.59 -44.50 -16.17
CA MET D 231 -14.80 -43.73 -16.44
C MET D 231 -15.28 -43.99 -17.87
N SER D 232 -16.61 -44.08 -18.04
CA SER D 232 -17.20 -44.71 -19.20
C SER D 232 -17.17 -43.81 -20.44
N PRO D 233 -17.07 -44.41 -21.64
CA PRO D 233 -17.04 -43.59 -22.88
C PRO D 233 -18.28 -42.75 -23.11
N GLU D 234 -19.46 -43.21 -22.70
CA GLU D 234 -20.65 -42.42 -22.91
C GLU D 234 -20.69 -41.21 -21.98
N ARG D 235 -19.85 -41.21 -20.94
CA ARG D 235 -19.73 -40.04 -20.10
C ARG D 235 -18.73 -39.02 -20.63
N LEU D 236 -17.94 -39.35 -21.66
CA LEU D 236 -16.97 -38.40 -22.22
C LEU D 236 -17.60 -37.28 -23.03
N GLN D 237 -18.47 -37.60 -23.98
CA GLN D 237 -18.95 -36.60 -24.93
C GLN D 237 -20.11 -35.78 -24.39
N GLY D 238 -20.30 -35.76 -23.07
CA GLY D 238 -21.39 -35.01 -22.48
C GLY D 238 -22.76 -35.63 -22.69
N THR D 239 -22.83 -36.87 -23.14
CA THR D 239 -24.10 -37.50 -23.42
C THR D 239 -24.78 -37.94 -22.12
N HIS D 240 -25.92 -38.60 -22.27
CA HIS D 240 -26.70 -39.07 -21.13
C HIS D 240 -25.93 -40.14 -20.36
N TYR D 241 -25.93 -40.03 -19.04
CA TYR D 241 -25.19 -40.92 -18.17
C TYR D 241 -26.14 -41.57 -17.17
N SER D 242 -25.90 -42.84 -16.89
CA SER D 242 -26.78 -43.63 -16.04
C SER D 242 -25.94 -44.68 -15.33
N VAL D 243 -26.60 -45.73 -14.83
CA VAL D 243 -25.93 -46.80 -14.10
C VAL D 243 -25.09 -47.69 -15.01
N GLN D 244 -25.29 -47.58 -16.34
CA GLN D 244 -24.47 -48.33 -17.29
C GLN D 244 -23.00 -47.95 -17.17
N SER D 245 -22.71 -46.68 -16.87
CA SER D 245 -21.35 -46.26 -16.60
C SER D 245 -20.77 -46.98 -15.38
N ASP D 246 -21.56 -47.10 -14.32
CA ASP D 246 -21.08 -47.71 -13.09
C ASP D 246 -20.83 -49.21 -13.28
N ILE D 247 -21.71 -49.90 -14.01
CA ILE D 247 -21.48 -51.32 -14.22
C ILE D 247 -20.34 -51.55 -15.22
N TRP D 248 -20.12 -50.61 -16.15
CA TRP D 248 -18.98 -50.69 -17.04
C TRP D 248 -17.68 -50.58 -16.25
N SER D 249 -17.63 -49.61 -15.33
CA SER D 249 -16.46 -49.46 -14.47
C SER D 249 -16.31 -50.65 -13.54
N MET D 250 -17.42 -51.26 -13.13
CA MET D 250 -17.39 -52.50 -12.38
C MET D 250 -16.73 -53.61 -13.18
N GLY D 251 -17.06 -53.70 -14.47
CA GLY D 251 -16.40 -54.68 -15.33
C GLY D 251 -14.91 -54.43 -15.46
N LEU D 252 -14.52 -53.16 -15.58
CA LEU D 252 -13.09 -52.83 -15.59
C LEU D 252 -12.41 -53.24 -14.30
N SER D 253 -13.02 -52.96 -13.15
CA SER D 253 -12.40 -53.31 -11.88
C SER D 253 -12.24 -54.82 -11.76
N LEU D 254 -13.29 -55.56 -12.14
CA LEU D 254 -13.25 -57.03 -12.08
C LEU D 254 -12.15 -57.60 -12.96
N VAL D 255 -12.03 -57.13 -14.21
CA VAL D 255 -10.98 -57.66 -15.08
C VAL D 255 -9.61 -57.24 -14.57
N GLU D 256 -9.50 -56.04 -13.99
CA GLU D 256 -8.22 -55.54 -13.49
C GLU D 256 -7.68 -56.39 -12.34
N MET D 257 -8.49 -56.69 -11.33
CA MET D 257 -7.89 -57.51 -10.27
C MET D 257 -7.94 -58.99 -10.65
N ALA D 258 -8.74 -59.35 -11.67
CA ALA D 258 -8.71 -60.71 -12.17
C ALA D 258 -7.37 -61.05 -12.79
N VAL D 259 -6.81 -60.13 -13.58
CA VAL D 259 -5.47 -60.34 -14.14
C VAL D 259 -4.39 -59.74 -13.24
N GLY D 260 -4.73 -58.78 -12.37
CA GLY D 260 -3.76 -58.22 -11.46
C GLY D 260 -2.97 -57.05 -12.01
N ARG D 261 -3.31 -56.59 -13.21
CA ARG D 261 -2.59 -55.51 -13.88
C ARG D 261 -3.50 -54.96 -14.97
N TYR D 262 -2.93 -54.13 -15.86
CA TYR D 262 -3.62 -53.73 -17.09
C TYR D 262 -2.95 -54.46 -18.24
N PRO D 263 -3.52 -55.57 -18.72
CA PRO D 263 -2.76 -56.52 -19.57
C PRO D 263 -2.68 -56.10 -21.03
N ILE D 264 -2.21 -54.87 -21.25
CA ILE D 264 -2.06 -54.36 -22.65
C ILE D 264 -0.70 -53.64 -22.75
N MET D 309 0.61 -44.98 -21.79
CA MET D 309 0.94 -45.05 -20.38
C MET D 309 0.51 -43.76 -19.67
N ALA D 310 0.60 -42.65 -20.39
CA ALA D 310 0.09 -41.39 -19.87
C ALA D 310 -1.43 -41.40 -19.86
N ILE D 311 -2.00 -40.45 -19.10
CA ILE D 311 -3.44 -40.45 -18.85
C ILE D 311 -4.22 -40.18 -20.13
N PHE D 312 -3.72 -39.27 -20.98
CA PHE D 312 -4.44 -38.92 -22.20
C PHE D 312 -4.44 -40.08 -23.19
N GLU D 313 -3.34 -40.82 -23.26
CA GLU D 313 -3.32 -42.03 -24.09
C GLU D 313 -4.24 -43.11 -23.55
N LEU D 314 -4.35 -43.23 -22.22
CA LEU D 314 -5.28 -44.19 -21.62
C LEU D 314 -6.71 -43.88 -22.00
N LEU D 315 -7.14 -42.63 -21.82
CA LEU D 315 -8.51 -42.27 -22.16
C LEU D 315 -8.74 -42.28 -23.67
N ASP D 316 -7.69 -42.02 -24.46
CA ASP D 316 -7.80 -42.16 -25.90
C ASP D 316 -8.05 -43.60 -26.31
N TYR D 317 -7.34 -44.55 -25.68
CA TYR D 317 -7.57 -45.96 -25.94
C TYR D 317 -8.97 -46.37 -25.50
N ILE D 318 -9.47 -45.79 -24.40
CA ILE D 318 -10.82 -46.11 -23.94
C ILE D 318 -11.86 -45.62 -24.95
N VAL D 319 -11.72 -44.39 -25.43
CA VAL D 319 -12.75 -43.83 -26.31
C VAL D 319 -12.70 -44.42 -27.71
N ASN D 320 -11.51 -44.68 -28.27
CA ASN D 320 -11.44 -45.02 -29.68
C ASN D 320 -11.15 -46.49 -29.97
N GLU D 321 -10.90 -47.31 -28.95
CA GLU D 321 -10.57 -48.70 -29.21
C GLU D 321 -11.48 -49.63 -28.41
N PRO D 322 -11.77 -50.82 -28.92
CA PRO D 322 -12.61 -51.78 -28.18
C PRO D 322 -11.88 -52.31 -26.96
N PRO D 323 -12.62 -52.72 -25.93
CA PRO D 323 -11.97 -53.29 -24.75
C PRO D 323 -11.36 -54.65 -25.07
N PRO D 324 -10.30 -55.04 -24.37
CA PRO D 324 -9.66 -56.31 -24.65
C PRO D 324 -10.47 -57.49 -24.11
N LYS D 325 -10.12 -58.68 -24.58
CA LYS D 325 -10.79 -59.92 -24.21
C LYS D 325 -9.83 -60.83 -23.48
N LEU D 326 -10.31 -61.45 -22.41
CA LEU D 326 -9.50 -62.40 -21.66
C LEU D 326 -9.27 -63.68 -22.46
N PRO D 327 -8.14 -64.34 -22.26
CA PRO D 327 -7.94 -65.68 -22.84
C PRO D 327 -8.91 -66.68 -22.24
N SER D 328 -9.32 -67.63 -23.09
CA SER D 328 -10.35 -68.59 -22.68
C SER D 328 -9.82 -69.66 -21.74
N GLY D 329 -8.53 -69.95 -21.79
CA GLY D 329 -7.98 -71.08 -21.05
C GLY D 329 -7.73 -70.86 -19.57
N VAL D 330 -8.01 -69.66 -19.06
CA VAL D 330 -7.73 -69.33 -17.68
C VAL D 330 -8.99 -69.04 -16.89
N PHE D 331 -10.09 -68.68 -17.56
CA PHE D 331 -11.36 -68.44 -16.89
C PHE D 331 -12.47 -69.25 -17.54
N SER D 332 -13.54 -69.47 -16.77
CA SER D 332 -14.70 -70.20 -17.26
C SER D 332 -15.46 -69.36 -18.29
N LEU D 333 -16.25 -70.06 -19.11
CA LEU D 333 -17.01 -69.39 -20.16
C LEU D 333 -18.11 -68.50 -19.59
N GLU D 334 -18.67 -68.88 -18.43
CA GLU D 334 -19.67 -68.04 -17.79
C GLU D 334 -19.08 -66.70 -17.36
N PHE D 335 -17.86 -66.73 -16.80
CA PHE D 335 -17.17 -65.50 -16.44
C PHE D 335 -16.86 -64.64 -17.67
N GLN D 336 -16.46 -65.29 -18.76
CA GLN D 336 -16.14 -64.55 -19.99
C GLN D 336 -17.38 -63.90 -20.58
N ASP D 337 -18.50 -64.62 -20.60
CA ASP D 337 -19.75 -64.04 -21.08
C ASP D 337 -20.23 -62.93 -20.15
N PHE D 338 -20.02 -63.11 -18.85
CA PHE D 338 -20.35 -62.08 -17.85
C PHE D 338 -19.61 -60.78 -18.13
N VAL D 339 -18.29 -60.87 -18.31
CA VAL D 339 -17.52 -59.65 -18.52
C VAL D 339 -17.73 -59.09 -19.91
N ASN D 340 -18.05 -59.95 -20.89
CA ASN D 340 -18.34 -59.45 -22.22
C ASN D 340 -19.67 -58.71 -22.26
N LYS D 341 -20.62 -59.14 -21.45
CA LYS D 341 -21.86 -58.38 -21.29
C LYS D 341 -21.64 -57.12 -20.45
N CYS D 342 -20.63 -57.14 -19.57
CA CYS D 342 -20.31 -55.97 -18.76
C CYS D 342 -19.38 -54.98 -19.46
N LEU D 343 -18.76 -55.36 -20.56
CA LEU D 343 -17.86 -54.48 -21.32
C LEU D 343 -18.41 -54.11 -22.68
N ILE D 344 -19.73 -54.10 -22.85
CA ILE D 344 -20.32 -53.58 -24.08
C ILE D 344 -20.13 -52.07 -24.12
N LYS D 345 -19.60 -51.57 -25.23
CA LYS D 345 -19.29 -50.15 -25.33
C LYS D 345 -20.55 -49.30 -25.35
N ASN D 346 -21.52 -49.66 -26.17
CA ASN D 346 -22.76 -48.89 -26.23
C ASN D 346 -23.62 -49.20 -25.02
N PRO D 347 -24.08 -48.19 -24.29
CA PRO D 347 -24.89 -48.45 -23.09
C PRO D 347 -26.24 -49.09 -23.38
N ALA D 348 -26.83 -48.84 -24.56
CA ALA D 348 -28.11 -49.42 -24.89
C ALA D 348 -28.00 -50.93 -25.06
N GLU D 349 -26.98 -51.39 -25.80
CA GLU D 349 -26.73 -52.82 -25.90
C GLU D 349 -26.15 -53.40 -24.63
N ARG D 350 -25.60 -52.57 -23.76
CA ARG D 350 -25.07 -53.04 -22.49
C ARG D 350 -26.22 -53.50 -21.59
N ALA D 351 -26.09 -54.71 -21.06
CA ALA D 351 -27.18 -55.29 -20.26
C ALA D 351 -27.28 -54.62 -18.91
N ASP D 352 -28.51 -54.31 -18.51
CA ASP D 352 -28.79 -53.59 -17.28
C ASP D 352 -28.82 -54.56 -16.09
N LEU D 353 -29.33 -54.07 -14.95
CA LEU D 353 -29.27 -54.83 -13.70
C LEU D 353 -30.12 -56.09 -13.75
N LYS D 354 -31.29 -56.02 -14.39
CA LYS D 354 -32.19 -57.17 -14.42
C LYS D 354 -31.59 -58.33 -15.21
N GLN D 355 -30.78 -58.03 -16.23
CA GLN D 355 -30.11 -59.09 -16.96
C GLN D 355 -28.94 -59.67 -16.16
N LEU D 356 -28.24 -58.83 -15.41
CA LEU D 356 -27.08 -59.29 -14.65
C LEU D 356 -27.46 -59.98 -13.34
N MET D 357 -28.70 -59.85 -12.89
CA MET D 357 -29.12 -60.61 -11.72
C MET D 357 -29.60 -62.02 -12.08
N VAL D 358 -29.81 -62.30 -13.36
CA VAL D 358 -30.29 -63.61 -13.80
C VAL D 358 -29.28 -64.31 -14.70
N HIS D 359 -28.05 -63.82 -14.75
CA HIS D 359 -27.01 -64.43 -15.57
C HIS D 359 -26.62 -65.78 -14.99
N ALA D 360 -26.11 -66.67 -15.86
CA ALA D 360 -25.71 -67.99 -15.41
C ALA D 360 -24.54 -67.93 -14.43
N PHE D 361 -23.59 -67.02 -14.69
CA PHE D 361 -22.43 -66.86 -13.83
C PHE D 361 -22.82 -66.39 -12.43
N ILE D 362 -23.76 -65.44 -12.35
CA ILE D 362 -24.12 -64.90 -11.04
C ILE D 362 -24.94 -65.93 -10.26
N LYS D 363 -25.72 -66.77 -10.96
CA LYS D 363 -26.44 -67.84 -10.28
C LYS D 363 -25.49 -68.92 -9.78
N ARG D 364 -24.44 -69.22 -10.57
CA ARG D 364 -23.43 -70.17 -10.11
C ARG D 364 -22.66 -69.62 -8.92
N SER D 365 -22.38 -68.31 -8.92
CA SER D 365 -21.70 -67.69 -7.79
C SER D 365 -22.58 -67.69 -6.55
N ASP D 366 -23.89 -67.47 -6.72
CA ASP D 366 -24.81 -67.53 -5.59
C ASP D 366 -24.94 -68.95 -5.06
N ALA D 367 -24.93 -69.94 -5.94
CA ALA D 367 -25.04 -71.33 -5.50
C ALA D 367 -23.77 -71.82 -4.84
N GLU D 368 -22.63 -71.16 -5.09
CA GLU D 368 -21.37 -71.56 -4.49
C GLU D 368 -21.35 -71.19 -3.01
N GLU D 369 -20.62 -72.00 -2.23
CA GLU D 369 -20.37 -71.73 -0.82
C GLU D 369 -18.86 -71.71 -0.62
N VAL D 370 -18.30 -70.50 -0.48
CA VAL D 370 -16.87 -70.29 -0.42
C VAL D 370 -16.52 -69.71 0.95
N ASP D 371 -15.44 -70.21 1.54
CA ASP D 371 -14.93 -69.66 2.80
C ASP D 371 -14.01 -68.46 2.52
N PHE D 372 -14.65 -67.37 2.05
CA PHE D 372 -13.91 -66.17 1.71
C PHE D 372 -13.33 -65.50 2.95
N ALA D 373 -14.04 -65.58 4.08
CA ALA D 373 -13.51 -65.05 5.33
C ALA D 373 -12.25 -65.79 5.76
N GLY D 374 -12.26 -67.13 5.60
CA GLY D 374 -11.06 -67.91 5.89
C GLY D 374 -9.91 -67.56 4.98
N TRP D 375 -10.19 -67.35 3.69
CA TRP D 375 -9.15 -66.99 2.74
C TRP D 375 -8.54 -65.63 3.08
N LEU D 376 -9.39 -64.64 3.43
CA LEU D 376 -8.85 -63.31 3.71
C LEU D 376 -8.09 -63.30 5.04
N CYS D 377 -8.56 -64.04 6.05
CA CYS D 377 -7.82 -64.03 7.31
C CYS D 377 -6.54 -64.84 7.21
N SER D 378 -6.50 -65.83 6.32
CA SER D 378 -5.23 -66.50 6.03
C SER D 378 -4.30 -65.59 5.25
N THR D 379 -4.86 -64.74 4.38
CA THR D 379 -4.02 -63.82 3.60
C THR D 379 -3.41 -62.73 4.49
N ILE D 380 -4.21 -62.17 5.40
CA ILE D 380 -3.69 -61.12 6.26
C ILE D 380 -2.91 -61.70 7.43
N GLY D 381 -3.18 -62.96 7.80
CA GLY D 381 -2.48 -63.62 8.87
C GLY D 381 -2.73 -63.03 10.24
N LEU D 382 -3.96 -63.12 10.72
CA LEU D 382 -4.32 -62.59 12.02
C LEU D 382 -5.16 -63.60 12.79
N ASN D 383 -5.20 -63.42 14.10
CA ASN D 383 -5.93 -64.28 15.02
C ASN D 383 -7.07 -63.51 15.69
N GLN D 384 -7.78 -62.71 14.91
CA GLN D 384 -8.92 -61.89 15.35
C GLN D 384 -8.54 -60.93 16.47
N MET E 1 -31.95 37.78 15.18
CA MET E 1 -30.65 37.43 15.72
C MET E 1 -29.61 38.04 14.77
N GLU E 2 -28.45 38.41 15.29
CA GLU E 2 -27.48 39.20 14.52
C GLU E 2 -26.93 38.42 13.34
N ARG E 3 -26.63 39.16 12.26
CA ARG E 3 -26.14 38.56 11.02
C ARG E 3 -24.77 37.93 11.20
N ALA E 4 -23.84 38.67 11.82
CA ALA E 4 -22.50 38.12 12.07
C ALA E 4 -22.54 36.99 13.08
N SER E 5 -23.47 37.04 14.04
CA SER E 5 -23.63 35.93 14.98
C SER E 5 -24.15 34.67 14.27
N LEU E 6 -25.08 34.84 13.33
CA LEU E 6 -25.51 33.71 12.52
C LEU E 6 -24.36 33.19 11.66
N ILE E 7 -23.50 34.08 11.17
CA ILE E 7 -22.35 33.68 10.37
C ILE E 7 -21.38 32.84 11.19
N GLN E 8 -21.07 33.28 12.42
CA GLN E 8 -20.14 32.51 13.24
C GLN E 8 -20.77 31.20 13.73
N LYS E 9 -22.09 31.19 13.98
CA LYS E 9 -22.77 29.93 14.28
C LYS E 9 -22.71 28.98 13.09
N ALA E 10 -22.84 29.52 11.87
CA ALA E 10 -22.74 28.71 10.67
C ALA E 10 -21.34 28.13 10.51
N LYS E 11 -20.31 28.93 10.79
CA LYS E 11 -18.93 28.43 10.75
C LYS E 11 -18.72 27.35 11.80
N LEU E 12 -19.27 27.55 12.99
CA LEU E 12 -19.17 26.58 14.07
C LEU E 12 -19.82 25.25 13.70
N ALA E 13 -21.03 25.30 13.14
CA ALA E 13 -21.70 24.06 12.79
C ALA E 13 -21.16 23.46 11.50
N GLU E 14 -20.49 24.27 10.67
CA GLU E 14 -19.69 23.72 9.58
C GLU E 14 -18.55 22.89 10.14
N GLN E 15 -17.88 23.40 11.18
CA GLN E 15 -16.87 22.63 11.87
C GLN E 15 -17.46 21.46 12.65
N ALA E 16 -18.76 21.50 12.95
CA ALA E 16 -19.46 20.43 13.64
C ALA E 16 -20.41 19.66 12.74
N GLU E 17 -20.26 19.79 11.41
CA GLU E 17 -20.98 19.09 10.31
C GLU E 17 -22.51 19.13 10.46
N ARG E 18 -23.06 20.00 11.29
CA ARG E 18 -24.52 20.13 11.44
C ARG E 18 -25.06 21.04 10.33
N TYR E 19 -25.05 20.47 9.12
CA TYR E 19 -25.24 21.27 7.92
C TYR E 19 -26.65 21.81 7.76
N GLU E 20 -27.68 21.06 8.16
CA GLU E 20 -29.04 21.60 8.08
C GLU E 20 -29.24 22.75 9.07
N ASP E 21 -28.66 22.66 10.26
CA ASP E 21 -28.75 23.75 11.22
C ASP E 21 -28.04 25.00 10.72
N MET E 22 -26.81 24.83 10.21
CA MET E 22 -26.07 26.02 9.76
C MET E 22 -26.64 26.56 8.45
N ALA E 23 -27.27 25.69 7.64
CA ALA E 23 -28.03 26.16 6.49
C ALA E 23 -29.24 27.00 6.93
N ALA E 24 -29.91 26.60 8.01
CA ALA E 24 -31.01 27.41 8.53
C ALA E 24 -30.52 28.75 9.07
N PHE E 25 -29.36 28.75 9.75
CA PHE E 25 -28.83 30.02 10.26
C PHE E 25 -28.45 30.97 9.13
N MET E 26 -27.82 30.47 8.06
CA MET E 26 -27.56 31.40 6.97
C MET E 26 -28.82 31.69 6.17
N LYS E 27 -29.85 30.83 6.22
CA LYS E 27 -31.13 31.19 5.62
C LYS E 27 -31.71 32.41 6.31
N GLY E 28 -31.66 32.44 7.63
CA GLY E 28 -32.05 33.64 8.36
C GLY E 28 -31.15 34.83 8.05
N ALA E 29 -29.84 34.58 7.96
CA ALA E 29 -28.89 35.66 7.74
C ALA E 29 -29.05 36.30 6.36
N VAL E 30 -29.39 35.50 5.35
CA VAL E 30 -29.65 36.05 4.03
C VAL E 30 -31.05 36.65 3.98
N GLU E 31 -31.97 36.12 4.80
CA GLU E 31 -33.29 36.72 4.93
C GLU E 31 -33.24 38.08 5.60
N LYS E 32 -32.14 38.41 6.29
CA LYS E 32 -31.95 39.77 6.81
C LYS E 32 -31.96 40.82 5.70
N GLY E 33 -31.56 40.46 4.48
CA GLY E 33 -31.73 41.31 3.31
C GLY E 33 -30.47 41.98 2.79
N GLU E 34 -29.31 41.69 3.36
CA GLU E 34 -28.07 42.30 2.90
C GLU E 34 -27.38 41.44 1.85
N GLU E 35 -26.56 42.09 1.04
CA GLU E 35 -25.79 41.37 0.03
C GLU E 35 -24.70 40.53 0.69
N LEU E 36 -24.26 39.49 -0.02
CA LEU E 36 -23.35 38.51 0.51
C LEU E 36 -21.92 38.77 0.05
N SER E 37 -20.96 38.39 0.88
CA SER E 37 -19.55 38.44 0.50
C SER E 37 -19.14 37.10 -0.10
N CYS E 38 -17.86 37.00 -0.48
CA CYS E 38 -17.38 35.82 -1.18
C CYS E 38 -17.39 34.58 -0.29
N GLU E 39 -16.93 34.73 0.95
CA GLU E 39 -16.89 33.59 1.86
C GLU E 39 -18.28 33.18 2.32
N GLU E 40 -19.19 34.16 2.48
CA GLU E 40 -20.59 33.83 2.78
C GLU E 40 -21.25 33.08 1.64
N ARG E 41 -20.97 33.51 0.40
CA ARG E 41 -21.48 32.80 -0.78
C ARG E 41 -20.92 31.40 -0.86
N ASN E 42 -19.63 31.23 -0.51
CA ASN E 42 -19.02 29.91 -0.48
C ASN E 42 -19.71 29.03 0.57
N LEU E 43 -20.00 29.58 1.74
CA LEU E 43 -20.67 28.82 2.79
C LEU E 43 -22.07 28.39 2.36
N LEU E 44 -22.83 29.31 1.75
CA LEU E 44 -24.17 28.99 1.24
C LEU E 44 -24.12 27.87 0.22
N SER E 45 -23.23 28.00 -0.76
CA SER E 45 -23.13 27.02 -1.83
C SER E 45 -22.71 25.66 -1.30
N VAL E 46 -21.73 25.62 -0.38
CA VAL E 46 -21.26 24.36 0.18
C VAL E 46 -22.37 23.69 0.98
N ALA E 47 -23.09 24.46 1.80
CA ALA E 47 -24.15 23.90 2.62
C ALA E 47 -25.27 23.30 1.78
N TYR E 48 -25.78 24.07 0.81
CA TYR E 48 -26.89 23.56 0.02
C TYR E 48 -26.45 22.46 -0.94
N LYS E 49 -25.21 22.49 -1.44
CA LYS E 49 -24.76 21.41 -2.28
C LYS E 49 -24.57 20.12 -1.47
N ASN E 50 -24.17 20.24 -0.19
CA ASN E 50 -24.04 19.05 0.64
C ASN E 50 -25.40 18.47 0.97
N VAL E 51 -26.38 19.33 1.27
CA VAL E 51 -27.72 18.85 1.60
C VAL E 51 -28.37 18.17 0.40
N VAL E 52 -28.30 18.82 -0.77
CA VAL E 52 -28.86 18.24 -2.00
C VAL E 52 -28.09 16.98 -2.39
N GLY E 53 -26.78 16.93 -2.14
CA GLY E 53 -26.03 15.71 -2.43
C GLY E 53 -26.42 14.54 -1.54
N GLY E 54 -26.68 14.81 -0.25
CA GLY E 54 -27.10 13.75 0.64
C GLY E 54 -28.46 13.18 0.26
N GLN E 55 -29.45 14.05 0.08
CA GLN E 55 -30.74 13.53 -0.35
C GLN E 55 -30.70 13.01 -1.79
N ARG E 56 -29.74 13.45 -2.60
CA ARG E 56 -29.60 12.92 -3.95
C ARG E 56 -29.05 11.51 -3.93
N ALA E 57 -28.08 11.22 -3.06
CA ALA E 57 -27.60 9.86 -2.89
C ALA E 57 -28.71 8.95 -2.37
N ALA E 58 -29.50 9.46 -1.42
CA ALA E 58 -30.65 8.69 -0.94
C ALA E 58 -31.64 8.41 -2.06
N TRP E 59 -31.92 9.42 -2.89
CA TRP E 59 -32.84 9.27 -4.02
C TRP E 59 -32.29 8.29 -5.06
N ARG E 60 -30.98 8.31 -5.30
CA ARG E 60 -30.38 7.37 -6.23
C ARG E 60 -30.50 5.94 -5.73
N VAL E 61 -30.27 5.73 -4.42
CA VAL E 61 -30.41 4.40 -3.85
C VAL E 61 -31.85 3.91 -3.96
N LEU E 62 -32.81 4.78 -3.62
CA LEU E 62 -34.22 4.39 -3.70
C LEU E 62 -34.66 4.15 -5.14
N SER E 63 -34.14 4.95 -6.09
CA SER E 63 -34.48 4.75 -7.49
C SER E 63 -33.91 3.44 -8.02
N SER E 64 -32.70 3.08 -7.59
CA SER E 64 -32.13 1.79 -7.98
C SER E 64 -32.96 0.64 -7.42
N ILE E 65 -33.39 0.75 -6.15
CA ILE E 65 -34.21 -0.29 -5.55
C ILE E 65 -35.55 -0.40 -6.28
N GLU E 66 -36.15 0.74 -6.63
CA GLU E 66 -37.42 0.73 -7.34
C GLU E 66 -37.29 0.12 -8.73
N GLN E 67 -36.21 0.45 -9.45
CA GLN E 67 -36.08 -0.06 -10.82
C GLN E 67 -35.73 -1.54 -10.83
N LYS E 68 -35.00 -2.02 -9.81
CA LYS E 68 -34.81 -3.47 -9.74
C LYS E 68 -36.06 -4.19 -9.24
N SER E 69 -36.93 -3.50 -8.48
CA SER E 69 -38.19 -4.08 -8.09
C SER E 69 -39.24 -4.04 -9.19
N ASN E 70 -39.04 -3.21 -10.22
CA ASN E 70 -39.97 -3.11 -11.34
C ASN E 70 -39.58 -3.98 -12.52
N GLU E 71 -38.96 -5.13 -12.26
CA GLU E 71 -38.63 -6.09 -13.31
C GLU E 71 -39.80 -7.04 -13.55
N LYS E 77 -45.58 -6.32 -4.84
CA LYS E 77 -44.75 -6.65 -3.68
C LYS E 77 -44.97 -5.66 -2.55
N GLY E 78 -45.61 -4.54 -2.88
CA GLY E 78 -45.86 -3.49 -1.91
C GLY E 78 -45.33 -2.15 -2.37
N PRO E 79 -46.13 -1.11 -2.24
CA PRO E 79 -45.75 0.23 -2.69
C PRO E 79 -44.87 1.02 -1.72
N GLU E 80 -44.30 0.36 -0.71
CA GLU E 80 -43.54 1.06 0.32
C GLU E 80 -42.30 1.73 -0.26
N VAL E 81 -41.61 1.02 -1.16
CA VAL E 81 -40.37 1.54 -1.74
C VAL E 81 -40.65 2.79 -2.55
N ARG E 82 -41.64 2.72 -3.44
CA ARG E 82 -41.94 3.87 -4.30
C ARG E 82 -42.49 5.03 -3.49
N GLU E 83 -43.35 4.76 -2.50
CA GLU E 83 -43.95 5.85 -1.74
C GLU E 83 -42.90 6.54 -0.86
N TYR E 84 -41.93 5.78 -0.35
CA TYR E 84 -40.82 6.40 0.36
C TYR E 84 -39.94 7.18 -0.61
N ARG E 85 -39.85 6.72 -1.86
CA ARG E 85 -39.10 7.47 -2.87
C ARG E 85 -39.74 8.83 -3.16
N GLU E 86 -41.07 8.88 -3.35
CA GLU E 86 -41.64 10.21 -3.54
C GLU E 86 -41.70 11.00 -2.24
N LYS E 87 -41.62 10.35 -1.07
CA LYS E 87 -41.49 11.12 0.17
C LYS E 87 -40.17 11.87 0.20
N VAL E 88 -39.07 11.17 -0.09
CA VAL E 88 -37.76 11.81 -0.13
C VAL E 88 -37.71 12.83 -1.28
N GLU E 89 -38.38 12.52 -2.39
CA GLU E 89 -38.45 13.44 -3.52
C GLU E 89 -39.18 14.73 -3.16
N THR E 90 -40.27 14.61 -2.38
CA THR E 90 -40.97 15.81 -1.93
C THR E 90 -40.13 16.61 -0.95
N GLU E 91 -39.35 15.92 -0.11
CA GLU E 91 -38.40 16.63 0.76
C GLU E 91 -37.40 17.44 -0.05
N LEU E 92 -36.82 16.81 -1.08
CA LEU E 92 -35.85 17.50 -1.93
C LEU E 92 -36.49 18.64 -2.72
N GLN E 93 -37.71 18.42 -3.21
CA GLN E 93 -38.44 19.46 -3.94
C GLN E 93 -38.73 20.65 -3.05
N GLY E 94 -39.14 20.40 -1.81
CA GLY E 94 -39.37 21.49 -0.87
C GLY E 94 -38.08 22.26 -0.56
N VAL E 95 -36.98 21.54 -0.34
CA VAL E 95 -35.71 22.19 -0.03
C VAL E 95 -35.26 23.08 -1.19
N CYS E 96 -35.29 22.52 -2.41
CA CYS E 96 -34.90 23.28 -3.59
C CYS E 96 -35.86 24.44 -3.85
N ASP E 97 -37.14 24.28 -3.49
CA ASP E 97 -38.10 25.34 -3.67
C ASP E 97 -37.83 26.51 -2.74
N THR E 98 -37.50 26.23 -1.47
CA THR E 98 -37.13 27.32 -0.56
C THR E 98 -35.84 28.01 -0.98
N VAL E 99 -34.86 27.24 -1.45
CA VAL E 99 -33.60 27.85 -1.89
C VAL E 99 -33.83 28.74 -3.11
N LEU E 100 -34.58 28.25 -4.10
CA LEU E 100 -34.89 29.05 -5.28
C LEU E 100 -35.76 30.24 -4.93
N GLY E 101 -36.63 30.09 -3.93
CA GLY E 101 -37.44 31.22 -3.48
C GLY E 101 -36.60 32.32 -2.86
N LEU E 102 -35.61 31.95 -2.05
CA LEU E 102 -34.68 32.94 -1.52
C LEU E 102 -33.92 33.64 -2.64
N LEU E 103 -33.45 32.85 -3.62
CA LEU E 103 -32.75 33.37 -4.80
C LEU E 103 -33.58 34.41 -5.54
N ASP E 104 -34.74 34.02 -6.08
CA ASP E 104 -35.54 34.97 -6.86
C ASP E 104 -36.22 36.02 -5.98
N SER E 105 -36.24 35.84 -4.66
CA SER E 105 -36.80 36.87 -3.80
C SER E 105 -35.85 38.03 -3.62
N HIS E 106 -34.59 37.76 -3.28
CA HIS E 106 -33.70 38.92 -3.12
C HIS E 106 -32.33 38.78 -3.76
N LEU E 107 -31.84 37.55 -3.93
CA LEU E 107 -30.43 37.37 -4.26
C LEU E 107 -30.12 37.78 -5.70
N ILE E 108 -30.88 37.24 -6.65
CA ILE E 108 -30.57 37.44 -8.06
C ILE E 108 -30.84 38.89 -8.48
N LYS E 109 -31.66 39.61 -7.71
CA LYS E 109 -31.90 41.02 -8.02
C LYS E 109 -30.97 41.96 -7.26
N GLU E 110 -30.46 41.54 -6.10
CA GLU E 110 -29.50 42.36 -5.36
C GLU E 110 -28.06 42.04 -5.72
N ALA E 111 -27.82 41.08 -6.63
CA ALA E 111 -26.46 40.78 -7.08
C ALA E 111 -25.97 41.88 -8.02
N GLY E 112 -25.65 43.03 -7.42
CA GLY E 112 -25.14 44.14 -8.20
C GLY E 112 -23.77 43.87 -8.78
N ASP E 113 -22.93 43.16 -8.03
CA ASP E 113 -21.64 42.73 -8.54
C ASP E 113 -21.83 41.67 -9.62
N ALA E 114 -21.05 41.80 -10.70
CA ALA E 114 -21.16 40.83 -11.79
C ALA E 114 -20.64 39.46 -11.36
N GLU E 115 -19.65 39.43 -10.46
CA GLU E 115 -19.19 38.17 -9.88
C GLU E 115 -20.30 37.48 -9.09
N SER E 116 -21.02 38.25 -8.28
CA SER E 116 -22.14 37.68 -7.52
C SER E 116 -23.26 37.24 -8.45
N ARG E 117 -23.49 37.99 -9.53
CA ARG E 117 -24.49 37.58 -10.51
C ARG E 117 -24.11 36.26 -11.18
N VAL E 118 -22.83 36.09 -11.51
CA VAL E 118 -22.35 34.82 -12.07
C VAL E 118 -22.55 33.69 -11.07
N PHE E 119 -22.20 33.94 -9.80
CA PHE E 119 -22.32 32.91 -8.76
C PHE E 119 -23.78 32.48 -8.58
N TYR E 120 -24.67 33.47 -8.54
CA TYR E 120 -26.08 33.21 -8.28
C TYR E 120 -26.75 32.53 -9.47
N LEU E 121 -26.42 32.96 -10.70
CA LEU E 121 -26.97 32.30 -11.87
C LEU E 121 -26.45 30.88 -12.00
N LYS E 122 -25.18 30.65 -11.67
CA LYS E 122 -24.62 29.31 -11.68
C LYS E 122 -25.33 28.40 -10.70
N MET E 123 -25.52 28.87 -9.45
CA MET E 123 -26.20 28.06 -8.46
C MET E 123 -27.66 27.83 -8.84
N LYS E 124 -28.33 28.84 -9.39
CA LYS E 124 -29.76 28.71 -9.68
C LYS E 124 -30.00 27.79 -10.88
N GLY E 125 -29.10 27.83 -11.88
CA GLY E 125 -29.14 26.81 -12.91
C GLY E 125 -28.84 25.42 -12.38
N ASP E 126 -27.92 25.32 -11.41
CA ASP E 126 -27.65 24.05 -10.76
C ASP E 126 -28.86 23.51 -10.02
N TYR E 127 -29.61 24.39 -9.34
CA TYR E 127 -30.76 23.95 -8.57
C TYR E 127 -31.91 23.54 -9.49
N TYR E 128 -32.06 24.24 -10.63
CA TYR E 128 -32.92 23.72 -11.68
C TYR E 128 -32.47 22.35 -12.17
N ARG E 129 -31.15 22.13 -12.27
CA ARG E 129 -30.66 20.81 -12.68
C ARG E 129 -31.00 19.74 -11.65
N TYR E 130 -30.89 20.06 -10.37
CA TYR E 130 -31.25 19.08 -9.34
C TYR E 130 -32.75 18.82 -9.31
N LEU E 131 -33.56 19.83 -9.67
CA LEU E 131 -34.99 19.59 -9.83
C LEU E 131 -35.28 18.71 -11.04
N ALA E 132 -34.53 18.92 -12.14
CA ALA E 132 -34.69 18.11 -13.33
C ALA E 132 -34.22 16.67 -13.09
N GLU E 133 -33.36 16.47 -12.10
CA GLU E 133 -32.95 15.12 -11.73
C GLU E 133 -34.13 14.28 -11.22
N VAL E 134 -35.16 14.91 -10.68
CA VAL E 134 -36.32 14.19 -10.16
C VAL E 134 -37.61 14.48 -10.92
N ALA E 135 -37.63 15.46 -11.83
CA ALA E 135 -38.83 15.76 -12.58
C ALA E 135 -39.13 14.65 -13.59
N THR E 136 -40.39 14.55 -14.00
CA THR E 136 -40.78 13.56 -15.01
C THR E 136 -41.42 14.16 -16.25
N GLY E 137 -42.49 14.94 -16.07
CA GLY E 137 -43.38 15.29 -17.15
C GLY E 137 -43.12 16.58 -17.88
N ASP E 138 -44.11 17.48 -17.91
CA ASP E 138 -43.93 18.81 -18.49
C ASP E 138 -43.05 19.65 -17.57
N ASP E 139 -43.03 19.28 -16.28
CA ASP E 139 -42.10 19.88 -15.34
C ASP E 139 -40.67 19.72 -15.82
N LYS E 140 -40.34 18.56 -16.38
CA LYS E 140 -39.03 18.31 -16.97
C LYS E 140 -38.68 19.34 -18.04
N LYS E 141 -39.57 19.55 -19.01
CA LYS E 141 -39.22 20.41 -20.13
C LYS E 141 -39.18 21.88 -19.72
N ARG E 142 -40.10 22.32 -18.86
CA ARG E 142 -40.03 23.72 -18.43
C ARG E 142 -38.81 23.98 -17.55
N ILE E 143 -38.46 23.02 -16.68
CA ILE E 143 -37.32 23.18 -15.79
C ILE E 143 -36.01 23.17 -16.60
N ILE E 144 -35.93 22.27 -17.58
CA ILE E 144 -34.71 22.20 -18.39
C ILE E 144 -34.59 23.43 -19.29
N ASP E 145 -35.71 24.00 -19.73
CA ASP E 145 -35.64 25.23 -20.51
C ASP E 145 -35.18 26.40 -19.65
N SER E 146 -35.68 26.45 -18.40
CA SER E 146 -35.24 27.50 -17.47
C SER E 146 -33.75 27.38 -17.16
N ALA E 147 -33.28 26.15 -16.94
CA ALA E 147 -31.86 25.93 -16.67
C ALA E 147 -31.01 26.27 -17.89
N ARG E 148 -31.46 25.87 -19.08
CA ARG E 148 -30.85 26.27 -20.35
C ARG E 148 -30.67 27.77 -20.44
N SER E 149 -31.74 28.53 -20.18
CA SER E 149 -31.64 29.99 -20.26
C SER E 149 -30.67 30.54 -19.24
N ALA E 150 -30.88 30.20 -17.95
CA ALA E 150 -30.09 30.76 -16.86
C ALA E 150 -28.60 30.46 -17.03
N TYR E 151 -28.29 29.23 -17.45
CA TYR E 151 -26.92 28.88 -17.77
C TYR E 151 -26.40 29.71 -18.95
N GLN E 152 -27.25 29.96 -19.95
CA GLN E 152 -26.78 30.68 -21.14
C GLN E 152 -26.35 32.10 -20.81
N GLU E 153 -27.20 32.85 -20.09
CA GLU E 153 -26.73 34.17 -19.66
C GLU E 153 -25.61 34.07 -18.62
N ALA E 154 -25.52 32.96 -17.86
CA ALA E 154 -24.40 32.79 -16.94
C ALA E 154 -23.07 32.73 -17.68
N MET E 155 -22.97 31.87 -18.71
CA MET E 155 -21.74 31.83 -19.50
C MET E 155 -21.53 33.11 -20.29
N ASP E 156 -22.59 33.79 -20.71
CA ASP E 156 -22.44 35.05 -21.42
C ASP E 156 -21.74 36.10 -20.54
N ILE E 157 -22.26 36.31 -19.33
CA ILE E 157 -21.66 37.33 -18.48
C ILE E 157 -20.29 36.88 -17.96
N SER E 158 -20.12 35.56 -17.71
CA SER E 158 -18.82 35.06 -17.26
C SER E 158 -17.75 35.26 -18.31
N LYS E 159 -18.07 34.98 -19.58
CA LYS E 159 -17.12 35.20 -20.65
C LYS E 159 -16.88 36.69 -20.91
N LYS E 160 -17.88 37.54 -20.68
CA LYS E 160 -17.64 38.95 -20.99
C LYS E 160 -16.87 39.67 -19.88
N GLU E 161 -16.89 39.18 -18.63
CA GLU E 161 -16.16 39.94 -17.60
C GLU E 161 -15.28 39.15 -16.64
N MET E 162 -15.07 37.85 -16.83
CA MET E 162 -14.09 37.13 -16.02
C MET E 162 -12.87 36.71 -16.82
N PRO E 163 -11.72 36.55 -16.15
CA PRO E 163 -10.59 35.90 -16.79
C PRO E 163 -10.91 34.45 -17.12
N PRO E 164 -10.31 33.89 -18.18
CA PRO E 164 -10.63 32.51 -18.58
C PRO E 164 -10.34 31.45 -17.54
N THR E 165 -9.29 31.63 -16.73
CA THR E 165 -8.95 30.65 -15.71
C THR E 165 -9.60 30.92 -14.37
N ASN E 166 -10.76 31.56 -14.37
CA ASN E 166 -11.52 31.73 -13.14
C ASN E 166 -12.06 30.38 -12.69
N PRO E 167 -11.78 29.96 -11.45
CA PRO E 167 -12.24 28.64 -11.01
C PRO E 167 -13.75 28.46 -11.01
N ILE E 168 -14.50 29.52 -10.70
CA ILE E 168 -15.95 29.43 -10.75
C ILE E 168 -16.43 29.29 -12.19
N ARG E 169 -15.75 29.98 -13.12
CA ARG E 169 -16.05 29.84 -14.54
C ARG E 169 -15.82 28.41 -15.02
N LEU E 170 -14.70 27.81 -14.59
CA LEU E 170 -14.44 26.41 -14.93
C LEU E 170 -15.47 25.48 -14.28
N GLY E 171 -15.88 25.79 -13.05
CA GLY E 171 -16.84 24.95 -12.36
C GLY E 171 -18.22 24.98 -12.99
N LEU E 172 -18.66 26.17 -13.43
CA LEU E 172 -19.92 26.26 -14.15
C LEU E 172 -19.82 25.61 -15.52
N ALA E 173 -18.64 25.65 -16.14
CA ALA E 173 -18.43 24.92 -17.39
C ALA E 173 -18.61 23.41 -17.19
N LEU E 174 -18.04 22.86 -16.12
CA LEU E 174 -18.16 21.41 -15.92
C LEU E 174 -19.58 21.03 -15.47
N ASN E 175 -20.23 21.88 -14.67
CA ASN E 175 -21.63 21.66 -14.34
C ASN E 175 -22.51 21.68 -15.60
N PHE E 176 -22.16 22.53 -16.56
CA PHE E 176 -22.94 22.61 -17.80
C PHE E 176 -22.67 21.42 -18.72
N SER E 177 -21.43 20.89 -18.70
CA SER E 177 -21.14 19.68 -19.45
C SER E 177 -21.88 18.48 -18.86
N VAL E 178 -21.92 18.38 -17.52
CA VAL E 178 -22.70 17.34 -16.86
C VAL E 178 -24.19 17.53 -17.14
N PHE E 179 -24.63 18.78 -17.25
CA PHE E 179 -26.01 19.09 -17.61
C PHE E 179 -26.38 18.51 -18.97
N HIS E 180 -25.55 18.78 -19.99
CA HIS E 180 -25.77 18.17 -21.31
C HIS E 180 -25.70 16.66 -21.30
N TYR E 181 -24.75 16.06 -20.57
CA TYR E 181 -24.69 14.60 -20.60
C TYR E 181 -25.91 13.99 -19.95
N GLU E 182 -26.28 14.47 -18.77
CA GLU E 182 -27.34 13.80 -18.03
C GLU E 182 -28.71 14.11 -18.63
N ILE E 183 -29.11 15.38 -18.63
CA ILE E 183 -30.51 15.71 -18.80
C ILE E 183 -30.80 16.37 -20.14
N ALA E 184 -29.84 17.15 -20.69
CA ALA E 184 -30.07 17.75 -21.99
C ALA E 184 -29.75 16.80 -23.14
N ASN E 185 -29.05 15.69 -22.87
CA ASN E 185 -28.75 14.64 -23.84
C ASN E 185 -28.02 15.19 -25.06
N SER E 186 -26.98 16.00 -24.81
CA SER E 186 -26.13 16.57 -25.86
C SER E 186 -24.68 16.22 -25.55
N PRO E 187 -24.27 14.98 -25.80
CA PRO E 187 -22.91 14.57 -25.44
C PRO E 187 -21.84 15.26 -26.26
N GLU E 188 -22.07 15.45 -27.57
CA GLU E 188 -21.08 16.12 -28.40
C GLU E 188 -20.92 17.58 -28.00
N GLU E 189 -22.01 18.24 -27.61
CA GLU E 189 -21.91 19.63 -27.20
C GLU E 189 -21.24 19.74 -25.84
N ALA E 190 -21.49 18.79 -24.93
CA ALA E 190 -20.80 18.77 -23.65
C ALA E 190 -19.30 18.57 -23.84
N ILE E 191 -18.92 17.62 -24.70
CA ILE E 191 -17.52 17.34 -24.98
C ILE E 191 -16.86 18.56 -25.63
N SER E 192 -17.55 19.19 -26.58
CA SER E 192 -17.02 20.37 -27.26
C SER E 192 -16.80 21.53 -26.29
N LEU E 193 -17.79 21.80 -25.43
CA LEU E 193 -17.66 22.88 -24.46
C LEU E 193 -16.49 22.61 -23.52
N ALA E 194 -16.40 21.38 -23.02
CA ALA E 194 -15.35 21.04 -22.07
C ALA E 194 -13.96 21.13 -22.71
N LYS E 195 -13.82 20.67 -23.96
CA LYS E 195 -12.50 20.71 -24.59
C LYS E 195 -12.09 22.14 -24.93
N THR E 196 -13.03 22.97 -25.39
CA THR E 196 -12.69 24.37 -25.66
C THR E 196 -12.31 25.10 -24.38
N THR E 197 -13.09 24.90 -23.30
CA THR E 197 -12.78 25.56 -22.04
C THR E 197 -11.45 25.09 -21.48
N PHE E 198 -11.16 23.78 -21.57
CA PHE E 198 -9.89 23.27 -21.06
C PHE E 198 -8.72 23.83 -21.86
N ASP E 199 -8.80 23.79 -23.20
CA ASP E 199 -7.69 24.24 -24.02
C ASP E 199 -7.44 25.74 -23.88
N GLU E 200 -8.52 26.53 -23.79
CA GLU E 200 -8.32 27.97 -23.62
C GLU E 200 -7.86 28.31 -22.21
N ALA E 201 -8.24 27.49 -21.22
CA ALA E 201 -7.65 27.61 -19.90
C ALA E 201 -6.17 27.27 -19.92
N MET E 202 -5.77 26.34 -20.79
CA MET E 202 -4.36 25.98 -20.86
C MET E 202 -3.59 27.09 -21.56
N ALA E 203 -4.25 27.83 -22.44
CA ALA E 203 -3.66 29.04 -23.00
C ALA E 203 -3.50 30.13 -21.93
N ASP E 204 -4.47 30.25 -21.03
CA ASP E 204 -4.46 31.35 -20.06
C ASP E 204 -3.92 30.96 -18.69
N LEU E 205 -3.34 29.76 -18.53
CA LEU E 205 -2.86 29.33 -17.21
C LEU E 205 -1.71 30.18 -16.69
N HIS E 206 -0.95 30.83 -17.57
CA HIS E 206 0.24 31.57 -17.13
C HIS E 206 -0.08 32.87 -16.42
N THR E 207 -1.33 33.30 -16.39
CA THR E 207 -1.70 34.62 -15.87
C THR E 207 -2.01 34.62 -14.37
N LEU E 208 -1.91 33.47 -13.70
CA LEU E 208 -2.32 33.36 -12.31
C LEU E 208 -1.11 33.26 -11.38
N SER E 209 -1.39 33.46 -10.10
CA SER E 209 -0.43 33.17 -9.05
C SER E 209 -0.44 31.66 -8.77
N GLU E 210 0.41 31.24 -7.82
CA GLU E 210 0.59 29.81 -7.59
C GLU E 210 -0.64 29.18 -6.96
N ASP E 211 -1.26 29.87 -6.00
CA ASP E 211 -2.46 29.31 -5.35
C ASP E 211 -3.65 29.30 -6.30
N SER E 212 -3.79 30.34 -7.12
CA SER E 212 -4.84 30.36 -8.12
C SER E 212 -4.62 29.26 -9.16
N TYR E 213 -3.36 29.01 -9.52
CA TYR E 213 -3.04 27.90 -10.41
C TYR E 213 -3.35 26.56 -9.77
N LYS E 214 -3.11 26.42 -8.46
CA LYS E 214 -3.46 25.19 -7.76
C LYS E 214 -4.98 24.97 -7.75
N ASP E 215 -5.74 26.03 -7.49
CA ASP E 215 -7.20 25.97 -7.57
C ASP E 215 -7.65 25.62 -8.98
N SER E 216 -6.91 26.06 -9.99
CA SER E 216 -7.21 25.67 -11.35
C SER E 216 -6.84 24.21 -11.64
N THR E 217 -5.77 23.70 -11.02
CA THR E 217 -5.37 22.30 -11.23
C THR E 217 -6.42 21.36 -10.66
N LEU E 218 -6.97 21.72 -9.50
CA LEU E 218 -8.02 20.89 -8.90
C LEU E 218 -9.31 20.86 -9.72
N ILE E 219 -9.44 21.72 -10.73
CA ILE E 219 -10.56 21.68 -11.65
C ILE E 219 -10.17 21.05 -12.99
N MET E 220 -8.96 21.33 -13.50
CA MET E 220 -8.58 20.73 -14.78
C MET E 220 -8.35 19.23 -14.67
N GLN E 221 -7.93 18.74 -13.49
CA GLN E 221 -7.77 17.30 -13.33
C GLN E 221 -9.11 16.58 -13.43
N LEU E 222 -10.14 17.15 -12.80
CA LEU E 222 -11.49 16.61 -12.92
C LEU E 222 -12.00 16.72 -14.35
N LEU E 223 -11.68 17.82 -15.04
CA LEU E 223 -12.11 17.98 -16.43
C LEU E 223 -11.49 16.93 -17.34
N ARG E 224 -10.18 16.68 -17.17
CA ARG E 224 -9.50 15.64 -17.93
C ARG E 224 -10.06 14.27 -17.64
N ASP E 225 -10.34 14.00 -16.35
CA ASP E 225 -10.92 12.72 -15.95
C ASP E 225 -12.29 12.51 -16.60
N ASN E 226 -13.11 13.55 -16.61
CA ASN E 226 -14.44 13.45 -17.23
C ASN E 226 -14.35 13.28 -18.74
N LEU E 227 -13.44 14.00 -19.41
CA LEU E 227 -13.31 13.84 -20.85
C LEU E 227 -12.83 12.43 -21.22
N THR E 228 -11.87 11.89 -20.47
CA THR E 228 -11.47 10.51 -20.69
C THR E 228 -12.57 9.54 -20.31
N LEU E 229 -13.47 9.92 -19.41
CA LEU E 229 -14.58 9.06 -19.04
C LEU E 229 -15.58 8.93 -20.18
N TRP E 230 -15.99 10.06 -20.78
CA TRP E 230 -17.03 9.89 -21.79
C TRP E 230 -16.49 9.67 -23.20
N THR E 231 -15.29 10.17 -23.50
CA THR E 231 -14.75 10.00 -24.85
C THR E 231 -14.16 8.60 -25.03
N MET F 1 -49.12 1.19 10.35
CA MET F 1 -48.39 0.58 9.25
C MET F 1 -48.05 -0.85 9.66
N GLU F 2 -47.91 -1.75 8.68
CA GLU F 2 -47.65 -3.16 8.97
C GLU F 2 -46.27 -3.34 9.60
N ARG F 3 -46.17 -4.29 10.51
CA ARG F 3 -44.95 -4.47 11.31
C ARG F 3 -43.77 -4.92 10.46
N ALA F 4 -43.97 -5.99 9.66
CA ALA F 4 -42.89 -6.44 8.78
C ALA F 4 -42.60 -5.44 7.69
N SER F 5 -43.61 -4.66 7.27
CA SER F 5 -43.37 -3.57 6.33
C SER F 5 -42.47 -2.50 6.95
N LEU F 6 -42.68 -2.19 8.23
CA LEU F 6 -41.80 -1.23 8.91
C LEU F 6 -40.39 -1.80 9.06
N ILE F 7 -40.28 -3.12 9.29
CA ILE F 7 -38.95 -3.74 9.37
C ILE F 7 -38.24 -3.65 8.01
N GLN F 8 -38.96 -3.90 6.92
CA GLN F 8 -38.36 -3.79 5.60
C GLN F 8 -38.01 -2.35 5.26
N LYS F 9 -38.84 -1.39 5.69
CA LYS F 9 -38.53 0.01 5.53
C LYS F 9 -37.28 0.40 6.32
N ALA F 10 -37.12 -0.18 7.51
CA ALA F 10 -35.91 0.05 8.30
C ALA F 10 -34.68 -0.52 7.61
N LYS F 11 -34.82 -1.68 6.97
CA LYS F 11 -33.72 -2.24 6.19
C LYS F 11 -33.36 -1.34 5.01
N LEU F 12 -34.37 -0.83 4.31
CA LEU F 12 -34.16 0.13 3.23
C LEU F 12 -33.48 1.39 3.74
N ALA F 13 -33.84 1.83 4.94
CA ALA F 13 -33.24 3.03 5.51
C ALA F 13 -31.80 2.80 5.93
N GLU F 14 -31.48 1.61 6.48
CA GLU F 14 -30.10 1.38 6.91
C GLU F 14 -29.19 1.12 5.72
N GLN F 15 -29.76 0.71 4.59
CA GLN F 15 -28.98 0.80 3.37
C GLN F 15 -29.17 2.14 2.65
N ALA F 16 -29.95 3.06 3.22
CA ALA F 16 -30.08 4.42 2.71
C ALA F 16 -29.68 5.47 3.73
N GLU F 17 -29.09 5.06 4.86
CA GLU F 17 -28.48 5.91 5.91
C GLU F 17 -29.39 7.05 6.38
N ARG F 18 -30.67 6.79 6.55
CA ARG F 18 -31.61 7.78 7.08
C ARG F 18 -31.94 7.41 8.52
N TYR F 19 -31.08 7.84 9.45
CA TYR F 19 -31.07 7.31 10.81
C TYR F 19 -32.25 7.81 11.65
N GLU F 20 -32.60 9.09 11.54
CA GLU F 20 -33.80 9.58 12.23
C GLU F 20 -35.05 8.94 11.66
N ASP F 21 -35.03 8.64 10.36
CA ASP F 21 -36.15 7.98 9.72
C ASP F 21 -36.32 6.56 10.24
N MET F 22 -35.23 5.79 10.35
CA MET F 22 -35.39 4.43 10.84
C MET F 22 -35.79 4.47 12.31
N ALA F 23 -35.30 5.47 13.06
CA ALA F 23 -35.63 5.57 14.47
C ALA F 23 -37.11 5.81 14.68
N ALA F 24 -37.69 6.75 13.93
CA ALA F 24 -39.14 6.96 14.02
C ALA F 24 -39.91 5.73 13.53
N PHE F 25 -39.39 5.05 12.51
CA PHE F 25 -40.07 3.89 11.95
C PHE F 25 -40.16 2.75 12.97
N MET F 26 -39.05 2.41 13.61
CA MET F 26 -39.14 1.35 14.61
C MET F 26 -39.71 1.85 15.92
N LYS F 27 -39.78 3.17 16.13
CA LYS F 27 -40.55 3.69 17.25
C LYS F 27 -42.01 3.35 17.08
N GLY F 28 -42.54 3.54 15.86
CA GLY F 28 -43.87 3.03 15.57
C GLY F 28 -43.96 1.53 15.69
N ALA F 29 -42.93 0.81 15.21
CA ALA F 29 -42.95 -0.66 15.24
C ALA F 29 -42.90 -1.19 16.66
N VAL F 30 -42.27 -0.45 17.59
CA VAL F 30 -42.18 -0.92 18.97
C VAL F 30 -43.39 -0.43 19.75
N GLU F 31 -44.04 0.64 19.29
CA GLU F 31 -45.35 0.99 19.82
C GLU F 31 -46.46 0.08 19.30
N LYS F 32 -46.16 -0.78 18.32
CA LYS F 32 -47.11 -1.85 17.99
C LYS F 32 -47.33 -2.78 19.18
N GLY F 33 -46.26 -3.14 19.90
CA GLY F 33 -46.35 -3.84 21.17
C GLY F 33 -45.87 -5.28 21.15
N GLU F 34 -45.67 -5.87 19.98
CA GLU F 34 -45.24 -7.27 19.90
C GLU F 34 -43.77 -7.40 20.24
N GLU F 35 -43.40 -8.58 20.73
CA GLU F 35 -42.00 -8.87 21.04
C GLU F 35 -41.18 -8.99 19.76
N LEU F 36 -39.93 -8.58 19.84
CA LEU F 36 -39.07 -8.47 18.66
C LEU F 36 -38.08 -9.62 18.58
N SER F 37 -37.48 -9.77 17.40
CA SER F 37 -36.48 -10.80 17.16
C SER F 37 -35.08 -10.24 17.40
N CYS F 38 -34.08 -11.13 17.33
CA CYS F 38 -32.71 -10.75 17.63
C CYS F 38 -32.15 -9.78 16.59
N GLU F 39 -32.48 -10.00 15.31
CA GLU F 39 -31.97 -9.11 14.27
C GLU F 39 -32.61 -7.73 14.36
N GLU F 40 -33.91 -7.67 14.69
CA GLU F 40 -34.57 -6.40 14.92
C GLU F 40 -33.97 -5.67 16.12
N ARG F 41 -33.67 -6.42 17.18
CA ARG F 41 -33.02 -5.84 18.35
C ARG F 41 -31.64 -5.29 18.00
N ASN F 42 -30.86 -6.03 17.21
CA ASN F 42 -29.55 -5.56 16.77
C ASN F 42 -29.67 -4.30 15.93
N LEU F 43 -30.65 -4.28 15.02
CA LEU F 43 -30.86 -3.13 14.16
C LEU F 43 -31.23 -1.89 14.97
N LEU F 44 -32.12 -2.04 15.95
CA LEU F 44 -32.50 -0.88 16.75
C LEU F 44 -31.32 -0.40 17.59
N SER F 45 -30.55 -1.34 18.15
CA SER F 45 -29.40 -0.95 18.97
C SER F 45 -28.40 -0.14 18.15
N VAL F 46 -28.03 -0.63 16.96
CA VAL F 46 -27.04 0.07 16.16
C VAL F 46 -27.60 1.38 15.63
N ALA F 47 -28.91 1.46 15.39
CA ALA F 47 -29.47 2.65 14.78
C ALA F 47 -29.61 3.80 15.78
N TYR F 48 -30.23 3.55 16.95
CA TYR F 48 -30.23 4.61 17.97
C TYR F 48 -28.82 4.87 18.49
N LYS F 49 -27.92 3.88 18.39
CA LYS F 49 -26.53 4.13 18.73
C LYS F 49 -25.91 5.14 17.77
N ASN F 50 -26.19 5.01 16.47
CA ASN F 50 -25.71 5.98 15.48
C ASN F 50 -26.27 7.36 15.78
N VAL F 51 -27.57 7.44 16.10
CA VAL F 51 -28.20 8.74 16.35
C VAL F 51 -27.59 9.42 17.57
N VAL F 52 -27.60 8.72 18.71
CA VAL F 52 -27.15 9.35 19.95
C VAL F 52 -25.64 9.51 19.96
N GLY F 53 -24.92 8.69 19.19
CA GLY F 53 -23.49 8.94 19.02
C GLY F 53 -23.20 10.18 18.21
N GLY F 54 -24.02 10.46 17.19
CA GLY F 54 -23.88 11.71 16.46
C GLY F 54 -24.13 12.93 17.33
N GLN F 55 -25.22 12.91 18.11
CA GLN F 55 -25.46 14.01 19.05
C GLN F 55 -24.38 14.06 20.14
N ARG F 56 -23.82 12.91 20.53
CA ARG F 56 -22.78 12.92 21.56
C ARG F 56 -21.49 13.52 21.03
N ALA F 57 -21.13 13.22 19.78
CA ALA F 57 -19.96 13.83 19.16
C ALA F 57 -20.15 15.34 19.02
N ALA F 58 -21.34 15.77 18.61
CA ALA F 58 -21.64 17.19 18.54
C ALA F 58 -21.53 17.85 19.91
N TRP F 59 -22.02 17.18 20.95
CA TRP F 59 -21.95 17.73 22.30
C TRP F 59 -20.52 17.81 22.80
N ARG F 60 -19.69 16.82 22.46
CA ARG F 60 -18.29 16.86 22.86
C ARG F 60 -17.55 18.01 22.18
N VAL F 61 -17.83 18.23 20.90
CA VAL F 61 -17.22 19.36 20.19
C VAL F 61 -17.66 20.68 20.82
N LEU F 62 -18.96 20.80 21.12
CA LEU F 62 -19.46 22.02 21.75
C LEU F 62 -18.94 22.22 23.17
N SER F 63 -18.74 21.12 23.92
CA SER F 63 -18.17 21.25 25.25
C SER F 63 -16.71 21.70 25.18
N SER F 64 -15.96 21.21 24.20
CA SER F 64 -14.59 21.68 24.00
C SER F 64 -14.56 23.16 23.62
N ILE F 65 -15.47 23.58 22.73
CA ILE F 65 -15.53 24.99 22.35
C ILE F 65 -15.90 25.87 23.53
N GLU F 66 -16.87 25.43 24.34
CA GLU F 66 -17.31 26.23 25.48
C GLU F 66 -16.23 26.30 26.55
N GLN F 67 -15.51 25.20 26.79
CA GLN F 67 -14.45 25.22 27.79
C GLN F 67 -13.24 26.00 27.30
N LYS F 68 -13.04 26.12 25.98
CA LYS F 68 -12.02 27.02 25.49
C LYS F 68 -12.48 28.48 25.53
N SER F 69 -13.79 28.72 25.44
CA SER F 69 -14.31 30.08 25.52
C SER F 69 -14.48 30.56 26.96
N ASN F 70 -14.41 29.67 27.94
CA ASN F 70 -14.55 30.03 29.35
C ASN F 70 -13.21 30.19 30.05
N GLU F 71 -12.19 30.65 29.32
CA GLU F 71 -10.89 30.92 29.93
C GLU F 71 -10.95 32.14 30.85
N LYS F 77 -17.97 36.53 26.25
CA LYS F 77 -17.94 37.22 24.96
C LYS F 77 -19.14 36.81 24.10
N GLY F 78 -20.14 36.21 24.75
CA GLY F 78 -21.34 35.80 24.07
C GLY F 78 -21.82 34.43 24.50
N PRO F 79 -23.08 34.35 24.91
CA PRO F 79 -23.63 33.06 25.37
C PRO F 79 -24.17 32.20 24.25
N GLU F 80 -23.80 32.48 23.00
CA GLU F 80 -24.29 31.70 21.86
C GLU F 80 -23.79 30.27 21.92
N VAL F 81 -22.52 30.08 22.31
CA VAL F 81 -21.95 28.74 22.41
C VAL F 81 -22.66 27.93 23.50
N ARG F 82 -22.91 28.56 24.64
CA ARG F 82 -23.64 27.90 25.73
C ARG F 82 -25.07 27.59 25.31
N GLU F 83 -25.71 28.51 24.58
CA GLU F 83 -27.07 28.30 24.12
C GLU F 83 -27.17 27.12 23.16
N TYR F 84 -26.22 27.03 22.22
CA TYR F 84 -26.25 25.93 21.27
C TYR F 84 -25.91 24.60 21.95
N ARG F 85 -24.98 24.63 22.91
CA ARG F 85 -24.66 23.43 23.67
C ARG F 85 -25.86 22.95 24.48
N GLU F 86 -26.58 23.88 25.11
CA GLU F 86 -27.77 23.50 25.87
C GLU F 86 -28.89 23.04 24.95
N LYS F 87 -28.96 23.60 23.74
CA LYS F 87 -29.98 23.18 22.78
C LYS F 87 -29.76 21.74 22.33
N VAL F 88 -28.53 21.40 21.95
CA VAL F 88 -28.27 20.02 21.57
C VAL F 88 -28.30 19.10 22.78
N GLU F 89 -28.03 19.64 23.98
CA GLU F 89 -28.16 18.85 25.20
C GLU F 89 -29.61 18.50 25.46
N THR F 90 -30.52 19.45 25.25
CA THR F 90 -31.94 19.17 25.37
C THR F 90 -32.40 18.19 24.30
N GLU F 91 -31.83 18.28 23.09
CA GLU F 91 -32.13 17.31 22.05
C GLU F 91 -31.72 15.89 22.47
N LEU F 92 -30.51 15.77 23.03
CA LEU F 92 -30.02 14.47 23.47
C LEU F 92 -30.83 13.94 24.65
N GLN F 93 -31.20 14.85 25.58
CA GLN F 93 -32.05 14.46 26.70
C GLN F 93 -33.41 13.98 26.22
N GLY F 94 -33.97 14.66 25.22
CA GLY F 94 -35.25 14.24 24.68
C GLY F 94 -35.20 12.88 24.01
N VAL F 95 -34.19 12.64 23.18
CA VAL F 95 -34.13 11.36 22.47
C VAL F 95 -33.80 10.23 23.45
N CYS F 96 -32.94 10.49 24.44
CA CYS F 96 -32.65 9.48 25.45
C CYS F 96 -33.87 9.17 26.30
N ASP F 97 -34.63 10.21 26.67
CA ASP F 97 -35.86 10.00 27.44
C ASP F 97 -36.88 9.24 26.61
N THR F 98 -36.92 9.47 25.30
CA THR F 98 -37.83 8.74 24.44
C THR F 98 -37.47 7.25 24.39
N VAL F 99 -36.19 6.94 24.22
CA VAL F 99 -35.74 5.55 24.18
C VAL F 99 -36.01 4.87 25.52
N LEU F 100 -35.69 5.55 26.63
CA LEU F 100 -35.94 5.01 27.95
C LEU F 100 -37.43 4.82 28.21
N GLY F 101 -38.25 5.73 27.70
CA GLY F 101 -39.68 5.60 27.85
C GLY F 101 -40.25 4.40 27.12
N LEU F 102 -39.77 4.15 25.90
CA LEU F 102 -40.15 2.93 25.18
C LEU F 102 -39.74 1.69 25.96
N LEU F 103 -38.51 1.70 26.50
CA LEU F 103 -37.99 0.58 27.27
C LEU F 103 -38.86 0.28 28.49
N ASP F 104 -39.00 1.25 29.39
CA ASP F 104 -39.75 1.01 30.63
C ASP F 104 -41.26 0.92 30.36
N SER F 105 -41.70 1.35 29.18
CA SER F 105 -43.09 1.18 28.80
C SER F 105 -43.39 -0.28 28.53
N HIS F 106 -42.69 -0.90 27.58
CA HIS F 106 -43.04 -2.30 27.36
C HIS F 106 -41.88 -3.28 27.16
N LEU F 107 -40.69 -2.78 26.85
CA LEU F 107 -39.61 -3.70 26.44
C LEU F 107 -39.07 -4.48 27.63
N ILE F 108 -38.78 -3.79 28.74
CA ILE F 108 -38.20 -4.46 29.90
C ILE F 108 -39.24 -5.33 30.59
N LYS F 109 -40.53 -5.08 30.32
CA LYS F 109 -41.57 -5.91 30.89
C LYS F 109 -41.87 -7.14 30.04
N GLU F 110 -41.80 -7.02 28.72
CA GLU F 110 -42.05 -8.15 27.83
C GLU F 110 -40.78 -8.95 27.51
N ALA F 111 -39.62 -8.52 28.00
CA ALA F 111 -38.39 -9.28 27.79
C ALA F 111 -38.44 -10.54 28.63
N GLY F 112 -38.90 -11.64 28.03
CA GLY F 112 -39.02 -12.90 28.73
C GLY F 112 -37.72 -13.65 28.84
N ASP F 113 -37.06 -13.87 27.70
CA ASP F 113 -35.78 -14.54 27.69
C ASP F 113 -34.69 -13.67 28.30
N ALA F 114 -33.74 -14.33 28.97
CA ALA F 114 -32.69 -13.61 29.69
C ALA F 114 -31.73 -12.90 28.73
N GLU F 115 -31.63 -13.38 27.49
CA GLU F 115 -30.79 -12.69 26.50
C GLU F 115 -31.32 -11.29 26.20
N SER F 116 -32.61 -11.19 25.87
CA SER F 116 -33.20 -9.88 25.63
C SER F 116 -33.33 -9.08 26.92
N ARG F 117 -33.45 -9.77 28.06
CA ARG F 117 -33.41 -9.10 29.36
C ARG F 117 -32.10 -8.35 29.56
N VAL F 118 -30.97 -9.04 29.38
CA VAL F 118 -29.66 -8.42 29.50
C VAL F 118 -29.47 -7.36 28.43
N PHE F 119 -30.00 -7.60 27.22
CA PHE F 119 -29.86 -6.67 26.12
C PHE F 119 -30.56 -5.34 26.43
N TYR F 120 -31.80 -5.41 26.96
CA TYR F 120 -32.54 -4.20 27.28
C TYR F 120 -31.97 -3.51 28.52
N LEU F 121 -31.48 -4.29 29.49
CA LEU F 121 -30.79 -3.69 30.63
C LEU F 121 -29.55 -2.94 30.18
N LYS F 122 -28.79 -3.52 29.24
CA LYS F 122 -27.64 -2.85 28.65
C LYS F 122 -28.05 -1.56 27.97
N MET F 123 -29.11 -1.60 27.16
CA MET F 123 -29.59 -0.40 26.48
C MET F 123 -29.95 0.72 27.45
N LYS F 124 -30.78 0.41 28.45
CA LYS F 124 -31.27 1.49 29.30
C LYS F 124 -30.17 1.97 30.25
N GLY F 125 -29.24 1.09 30.61
CA GLY F 125 -28.07 1.55 31.34
C GLY F 125 -27.15 2.44 30.52
N ASP F 126 -26.99 2.13 29.23
CA ASP F 126 -26.15 2.97 28.37
C ASP F 126 -26.77 4.35 28.15
N TYR F 127 -28.10 4.41 28.02
CA TYR F 127 -28.71 5.72 27.85
C TYR F 127 -28.75 6.49 29.17
N TYR F 128 -28.79 5.79 30.31
CA TYR F 128 -28.46 6.42 31.58
C TYR F 128 -27.05 6.99 31.57
N ARG F 129 -26.09 6.24 31.00
CA ARG F 129 -24.70 6.70 30.96
C ARG F 129 -24.57 7.98 30.14
N TYR F 130 -25.24 8.02 28.99
CA TYR F 130 -25.18 9.23 28.15
C TYR F 130 -25.90 10.41 28.79
N LEU F 131 -27.04 10.16 29.44
CA LEU F 131 -27.75 11.21 30.15
C LEU F 131 -26.92 11.75 31.30
N ALA F 132 -26.13 10.88 31.94
CA ALA F 132 -25.23 11.34 32.99
C ALA F 132 -24.02 12.07 32.42
N GLU F 133 -23.58 11.69 31.22
CA GLU F 133 -22.50 12.41 30.55
C GLU F 133 -22.90 13.84 30.25
N VAL F 134 -24.15 14.04 29.82
CA VAL F 134 -24.63 15.41 29.61
C VAL F 134 -25.24 16.03 30.86
N ALA F 135 -25.32 15.29 31.96
CA ALA F 135 -25.88 15.84 33.20
C ALA F 135 -24.77 16.28 34.16
N THR F 136 -25.16 17.08 35.15
CA THR F 136 -24.23 17.57 36.17
C THR F 136 -25.04 17.94 37.40
N GLY F 137 -24.69 17.34 38.55
CA GLY F 137 -25.33 17.67 39.80
C GLY F 137 -25.87 16.48 40.56
N ASP F 138 -26.87 16.71 41.41
CA ASP F 138 -27.52 15.61 42.13
C ASP F 138 -28.35 14.77 41.16
N ASP F 139 -28.86 15.40 40.10
CA ASP F 139 -29.50 14.66 39.02
C ASP F 139 -28.53 13.65 38.42
N LYS F 140 -27.28 14.07 38.23
CA LYS F 140 -26.24 13.20 37.69
C LYS F 140 -26.00 11.99 38.59
N LYS F 141 -25.99 12.19 39.91
CA LYS F 141 -25.71 11.06 40.80
C LYS F 141 -26.92 10.12 40.90
N ARG F 142 -28.15 10.64 40.82
CA ARG F 142 -29.30 9.73 40.75
C ARG F 142 -29.29 8.93 39.45
N ILE F 143 -28.92 9.59 38.34
CA ILE F 143 -28.86 8.91 37.05
C ILE F 143 -27.77 7.82 37.05
N ILE F 144 -26.62 8.10 37.67
CA ILE F 144 -25.60 7.06 37.68
C ILE F 144 -25.96 5.97 38.67
N ASP F 145 -26.76 6.26 39.70
CA ASP F 145 -27.30 5.19 40.55
C ASP F 145 -28.19 4.25 39.74
N SER F 146 -29.06 4.83 38.90
CA SER F 146 -29.90 4.02 38.02
C SER F 146 -29.05 3.21 37.05
N ALA F 147 -28.01 3.83 36.50
CA ALA F 147 -27.10 3.14 35.59
C ALA F 147 -26.37 2.00 36.29
N ARG F 148 -25.97 2.23 37.53
CA ARG F 148 -25.36 1.18 38.35
C ARG F 148 -26.29 -0.03 38.43
N SER F 149 -27.49 0.20 38.98
CA SER F 149 -28.49 -0.86 39.16
C SER F 149 -28.75 -1.63 37.86
N ALA F 150 -28.81 -0.89 36.74
CA ALA F 150 -28.94 -1.51 35.42
C ALA F 150 -27.79 -2.46 35.13
N TYR F 151 -26.55 -1.98 35.28
CA TYR F 151 -25.40 -2.81 34.93
C TYR F 151 -25.25 -4.02 35.85
N GLN F 152 -25.38 -3.84 37.16
CA GLN F 152 -25.23 -5.02 38.02
C GLN F 152 -26.38 -6.02 37.83
N GLU F 153 -27.59 -5.56 37.54
CA GLU F 153 -28.66 -6.52 37.24
C GLU F 153 -28.34 -7.31 35.96
N ALA F 154 -27.87 -6.62 34.92
CA ALA F 154 -27.56 -7.28 33.66
C ALA F 154 -26.44 -8.30 33.83
N MET F 155 -25.38 -7.93 34.55
CA MET F 155 -24.24 -8.84 34.68
C MET F 155 -24.54 -9.96 35.66
N ASP F 156 -25.41 -9.72 36.65
CA ASP F 156 -25.85 -10.82 37.51
C ASP F 156 -26.61 -11.87 36.72
N ILE F 157 -27.56 -11.43 35.87
CA ILE F 157 -28.31 -12.37 35.05
C ILE F 157 -27.38 -13.12 34.09
N SER F 158 -26.49 -12.39 33.43
CA SER F 158 -25.58 -13.00 32.47
C SER F 158 -24.65 -14.01 33.13
N LYS F 159 -24.09 -13.65 34.29
CA LYS F 159 -23.16 -14.55 34.96
C LYS F 159 -23.88 -15.76 35.54
N LYS F 160 -25.13 -15.59 35.96
CA LYS F 160 -25.87 -16.72 36.50
C LYS F 160 -26.22 -17.75 35.42
N GLU F 161 -26.77 -17.29 34.30
CA GLU F 161 -27.33 -18.25 33.35
C GLU F 161 -26.57 -18.37 32.04
N MET F 162 -25.41 -17.73 31.89
CA MET F 162 -24.98 -17.57 30.52
C MET F 162 -23.47 -17.51 30.37
N PRO F 163 -22.90 -18.22 29.39
CA PRO F 163 -21.44 -18.36 29.33
C PRO F 163 -20.77 -17.06 28.96
N PRO F 164 -19.52 -16.85 29.39
CA PRO F 164 -18.86 -15.54 29.20
C PRO F 164 -18.66 -15.12 27.75
N THR F 165 -18.43 -16.05 26.82
CA THR F 165 -17.95 -15.69 25.50
C THR F 165 -19.02 -15.13 24.56
N ASN F 166 -20.22 -14.90 25.05
CA ASN F 166 -21.22 -14.29 24.19
C ASN F 166 -21.02 -12.78 24.12
N PRO F 167 -21.13 -12.21 22.91
CA PRO F 167 -20.74 -10.79 22.71
C PRO F 167 -21.57 -9.80 23.51
N ILE F 168 -22.81 -10.11 23.85
CA ILE F 168 -23.60 -9.18 24.64
C ILE F 168 -23.05 -9.06 26.06
N ARG F 169 -22.63 -10.19 26.65
CA ARG F 169 -21.99 -10.15 27.97
C ARG F 169 -20.63 -9.47 27.90
N LEU F 170 -19.86 -9.76 26.83
CA LEU F 170 -18.54 -9.15 26.69
C LEU F 170 -18.64 -7.63 26.54
N GLY F 171 -19.57 -7.17 25.70
CA GLY F 171 -19.80 -5.74 25.56
C GLY F 171 -20.37 -5.11 26.81
N LEU F 172 -21.18 -5.85 27.57
CA LEU F 172 -21.71 -5.35 28.83
C LEU F 172 -20.58 -5.10 29.83
N ALA F 173 -19.65 -6.04 29.94
CA ALA F 173 -18.51 -5.86 30.85
C ALA F 173 -17.59 -4.73 30.37
N LEU F 174 -17.39 -4.63 29.05
CA LEU F 174 -16.58 -3.56 28.52
C LEU F 174 -17.21 -2.19 28.80
N ASN F 175 -18.53 -2.09 28.61
CA ASN F 175 -19.23 -0.84 28.89
C ASN F 175 -19.28 -0.56 30.39
N PHE F 176 -19.26 -1.62 31.20
CA PHE F 176 -19.16 -1.47 32.66
C PHE F 176 -17.88 -0.75 33.03
N SER F 177 -16.75 -1.24 32.51
CA SER F 177 -15.45 -0.64 32.81
C SER F 177 -15.35 0.77 32.21
N VAL F 178 -15.93 0.97 31.02
CA VAL F 178 -15.95 2.30 30.40
C VAL F 178 -16.70 3.29 31.28
N PHE F 179 -17.85 2.88 31.81
CA PHE F 179 -18.64 3.75 32.67
C PHE F 179 -17.92 4.04 33.98
N HIS F 180 -17.24 3.04 34.57
CA HIS F 180 -16.42 3.29 35.75
C HIS F 180 -15.30 4.29 35.49
N TYR F 181 -14.57 4.13 34.39
CA TYR F 181 -13.42 5.02 34.19
C TYR F 181 -13.86 6.43 33.81
N GLU F 182 -14.95 6.55 33.05
CA GLU F 182 -15.33 7.86 32.55
C GLU F 182 -16.14 8.65 33.58
N ILE F 183 -17.08 8.00 34.27
CA ILE F 183 -18.02 8.76 35.09
C ILE F 183 -17.75 8.60 36.57
N ALA F 184 -17.64 7.35 37.06
CA ALA F 184 -17.40 7.13 38.48
C ALA F 184 -15.96 7.36 38.88
N ASN F 185 -15.05 7.50 37.92
CA ASN F 185 -13.61 7.60 38.14
C ASN F 185 -13.09 6.42 38.96
N SER F 186 -13.24 5.22 38.40
CA SER F 186 -12.85 3.98 39.07
C SER F 186 -11.92 3.19 38.15
N PRO F 187 -10.66 3.65 38.00
CA PRO F 187 -9.75 2.95 37.08
C PRO F 187 -9.34 1.56 37.55
N GLU F 188 -9.12 1.39 38.86
CA GLU F 188 -8.73 0.09 39.39
C GLU F 188 -9.84 -0.94 39.19
N GLU F 189 -11.09 -0.56 39.50
CA GLU F 189 -12.22 -1.45 39.32
C GLU F 189 -12.45 -1.76 37.84
N ALA F 190 -12.31 -0.74 36.98
CA ALA F 190 -12.50 -0.94 35.55
C ALA F 190 -11.45 -1.89 34.97
N ILE F 191 -10.18 -1.69 35.34
CA ILE F 191 -9.11 -2.56 34.87
C ILE F 191 -9.30 -3.98 35.40
N SER F 192 -9.71 -4.11 36.66
CA SER F 192 -9.91 -5.44 37.25
C SER F 192 -11.00 -6.21 36.55
N LEU F 193 -12.15 -5.56 36.32
CA LEU F 193 -13.24 -6.23 35.61
C LEU F 193 -12.87 -6.55 34.16
N ALA F 194 -12.16 -5.63 33.50
CA ALA F 194 -11.76 -5.87 32.12
C ALA F 194 -10.82 -7.06 32.00
N LYS F 195 -9.82 -7.14 32.87
CA LYS F 195 -8.86 -8.24 32.79
C LYS F 195 -9.50 -9.56 33.24
N THR F 196 -10.42 -9.51 34.22
CA THR F 196 -11.10 -10.72 34.66
C THR F 196 -12.01 -11.26 33.55
N THR F 197 -12.76 -10.37 32.88
CA THR F 197 -13.61 -10.78 31.77
C THR F 197 -12.77 -11.31 30.61
N PHE F 198 -11.63 -10.68 30.35
CA PHE F 198 -10.75 -11.17 29.28
C PHE F 198 -10.21 -12.55 29.59
N ASP F 199 -9.81 -12.79 30.84
CA ASP F 199 -9.29 -14.12 31.22
C ASP F 199 -10.38 -15.18 31.14
N GLU F 200 -11.58 -14.85 31.61
CA GLU F 200 -12.70 -15.81 31.53
C GLU F 200 -13.09 -16.11 30.09
N ALA F 201 -13.12 -15.08 29.23
CA ALA F 201 -13.43 -15.29 27.83
C ALA F 201 -12.36 -16.12 27.13
N MET F 202 -11.09 -15.86 27.44
CA MET F 202 -10.01 -16.64 26.82
C MET F 202 -10.05 -18.09 27.29
N ALA F 203 -10.46 -18.31 28.55
CA ALA F 203 -10.62 -19.67 29.03
C ALA F 203 -11.78 -20.39 28.34
N ASP F 204 -12.88 -19.67 28.10
CA ASP F 204 -14.09 -20.30 27.61
C ASP F 204 -14.24 -20.29 26.08
N LEU F 205 -13.32 -19.64 25.35
CA LEU F 205 -13.47 -19.53 23.90
C LEU F 205 -13.22 -20.84 23.16
N HIS F 206 -12.71 -21.87 23.82
CA HIS F 206 -12.34 -23.09 23.11
C HIS F 206 -13.52 -23.98 22.77
N THR F 207 -14.73 -23.64 23.21
CA THR F 207 -15.92 -24.42 22.92
C THR F 207 -16.85 -23.73 21.92
N LEU F 208 -16.31 -22.95 20.99
CA LEU F 208 -17.12 -22.15 20.09
C LEU F 208 -16.76 -22.42 18.63
N SER F 209 -17.68 -22.05 17.74
CA SER F 209 -17.46 -22.16 16.31
C SER F 209 -16.53 -21.03 15.84
N GLU F 210 -16.15 -21.10 14.57
CA GLU F 210 -15.16 -20.17 14.03
C GLU F 210 -15.71 -18.75 13.94
N ASP F 211 -16.94 -18.59 13.45
CA ASP F 211 -17.52 -17.25 13.33
C ASP F 211 -17.79 -16.63 14.71
N SER F 212 -18.25 -17.44 15.67
CA SER F 212 -18.45 -16.95 17.03
C SER F 212 -17.11 -16.57 17.67
N TYR F 213 -16.06 -17.36 17.42
CA TYR F 213 -14.73 -17.05 17.92
C TYR F 213 -14.23 -15.72 17.35
N LYS F 214 -14.42 -15.51 16.05
CA LYS F 214 -14.01 -14.26 15.42
C LYS F 214 -14.80 -13.08 15.96
N ASP F 215 -16.11 -13.26 16.15
CA ASP F 215 -16.95 -12.19 16.67
C ASP F 215 -16.56 -11.83 18.10
N SER F 216 -16.13 -12.82 18.89
CA SER F 216 -15.64 -12.53 20.23
C SER F 216 -14.29 -11.81 20.20
N THR F 217 -13.35 -12.29 19.36
CA THR F 217 -12.02 -11.71 19.33
C THR F 217 -12.02 -10.30 18.73
N LEU F 218 -13.05 -9.95 17.95
CA LEU F 218 -13.17 -8.58 17.43
C LEU F 218 -13.26 -7.55 18.55
N ILE F 219 -13.79 -7.95 19.71
CA ILE F 219 -13.85 -7.04 20.86
C ILE F 219 -12.94 -7.46 22.00
N MET F 220 -12.41 -8.68 22.00
CA MET F 220 -11.22 -8.96 22.81
C MET F 220 -10.02 -8.14 22.36
N GLN F 221 -9.95 -7.80 21.07
CA GLN F 221 -8.93 -6.85 20.63
C GLN F 221 -9.13 -5.50 21.30
N LEU F 222 -10.38 -5.04 21.39
CA LEU F 222 -10.66 -3.76 22.04
C LEU F 222 -10.42 -3.83 23.55
N LEU F 223 -10.72 -4.97 24.17
CA LEU F 223 -10.44 -5.14 25.59
C LEU F 223 -8.94 -5.11 25.87
N ARG F 224 -8.15 -5.82 25.05
CA ARG F 224 -6.71 -5.76 25.24
C ARG F 224 -6.19 -4.34 24.99
N ASP F 225 -6.79 -3.63 24.04
CA ASP F 225 -6.38 -2.27 23.72
C ASP F 225 -6.69 -1.29 24.85
N ASN F 226 -7.89 -1.32 25.43
CA ASN F 226 -8.16 -0.35 26.48
C ASN F 226 -7.49 -0.73 27.80
N LEU F 227 -7.25 -2.03 28.03
CA LEU F 227 -6.38 -2.39 29.15
C LEU F 227 -4.96 -1.86 28.95
N THR F 228 -4.45 -1.93 27.72
CA THR F 228 -3.15 -1.34 27.40
C THR F 228 -3.17 0.17 27.60
N LEU F 229 -4.27 0.81 27.21
CA LEU F 229 -4.41 2.25 27.35
C LEU F 229 -4.45 2.68 28.81
N TRP F 230 -5.17 1.94 29.66
CA TRP F 230 -5.23 2.33 31.06
C TRP F 230 -3.97 1.96 31.82
N THR F 231 -3.25 0.92 31.40
CA THR F 231 -2.00 0.57 32.05
C THR F 231 -0.82 1.29 31.40
#